data_8T12
#
_entry.id   8T12
#
_cell.length_a   1.00
_cell.length_b   1.00
_cell.length_c   1.00
_cell.angle_alpha   90.00
_cell.angle_beta   90.00
_cell.angle_gamma   90.00
#
_symmetry.space_group_name_H-M   'P 1'
#
loop_
_entity.id
_entity.type
_entity.pdbx_description
1 polymer 'Signal transducer and activator of transcription 2'
2 polymer 'Non-structural protein 5'
3 non-polymer 'ZINC ION'
#
loop_
_entity_poly.entity_id
_entity_poly.type
_entity_poly.pdbx_seq_one_letter_code
_entity_poly.pdbx_strand_id
1 'polypeptide(L)'
;MAQWEMLQNLDSPFQDQLHQLYSHSLLPVDIRQYLAVWIEDQNWQEAALGSDDSKATMLFFHFLDQLNYECGRCSQDPES
LLLQHNLRKFCRDIQPFSQDPTQLAEMIFNLLLEEKRILIQAQRAQLEQGEPVLETPVESQQHEIESRILDLRAMMEKLV
KSISQLKDQQDVFCFRYKIQAKGKTPSLDPHQTKEQKILQETLNELDKRRKEVLDASKALLGRLTTLIELLLPKLEEWKA
QQQKACIRAPIDHGLEQLETWFTAGAKLLFHLRQLLKELKGLSCLVSYQDDPLTKGVDLRNAQVTELLQRLLHRAFVVET
QPCMPQTPHRPLILKTGSKFTVRTRLLVRLQEGNESLTVEVSIDRNPPQLQGFRKFNILTSNQKTLTPEKGQSQGLIWDF
GYLTLVEQRSGGSGKGSNKGPLGVTEELHIISFTVKYTYQGLKQELKTDTLPVVIISNMNQLSIAWASVLWFNLLSPNLQ
NQQFFSNPPKAPWSLLGPALSWQFSSYVGRGLNSDQLSMLRNKLFGQNCRTEDPLLSWADFTKRESPPGKLPFWTWLDKI
LELVHDHLKDLWNDGRIMGFVSRSQERRLLKKTMSGTFLLRFSESSEGGITCSWVEHQDDDKVLIYSVQPYTKEVLQSLP
LTEIIRHYQLLTEENIPENPLRFLYPRIPRDEAFGCYYQEKVNLQERRKYLKHRLIVVSNRQVDELQQPLELKPEPELES
LELELGLVPEPELSLDLEPLLKAGLDLGPELESVLESTLEPVIEPTLCMVSQTVPEPDQGPVSQPVPEPDLPCDLRHLNT
EPMEIFRNCVKIEEIMPNGDPLLAGQNTVDEVYVSRPSHFYTDGPLMPSDF
;
A
2 'polypeptide(L)'
;GTGNTGETLGEKWKNRLNALGKSEFQIYKKSGIQEVDRTLAKEGIKRGETDHHAVSRGSAKLRWFVERNLVTPEGKVVDL
GCGRGGWSYYCGGLKNVKEVKGLTKGGPGHEEPIPMSTYGWNLVRLQSGVDVFFTPPEKCDTLLCDIGESSPNPTVEAGR
TLRVLNLVENWLNNNTQFCIKVLNPYMPSVIEKMEALQRKYGGALVRNPLSRNSTHEMYWVSNASGNIVSSVNMISRMLI
NRFTMRHKKATYEPDVDLGSGTRNIGIESETPNLDIIGKRIEKIKQEHETSWHYDQDHPYKTWAYHGSYETKQTGSASSM
VNGVVRLLTKPWDIIPMVTQMAMTDTTPFGQQRVFKEKVDTRTQEPKEGTKKLMKITAEWLWKELGKKKTPRMCTREEFT
RKVRSNAALGAIFTDENKWKSAREAVEDSGFWELVDKERNLHLEGKCETCVYNMMGKREKKLGEFGKAKGSRAIWYMWLG
ARFLEFEALGFLNEDHWFSRENSLSGVEGEGLHKLGYILRDVSKKEGGAMYADDTAGWDTRITLEDLKNEEMVTNHMEGE
HKKLAEAIFKLTYQNKVVRVQRPTPRGTVMDIISRRDQRGSGQVVTYGLNTFTNMEAQLIRQMEGEGVFKSIQHLTVTEE
IAVKNWLVRVGRERLSRMAISGDDCVVKPLDDRFASALTALNDMGKVRKDIQQWEPSRGWNDWTQVPFCSHHFHELIMKD
GRVLVVPCRNQDELIGRARISQGAGWSLRETACLGKSYAQMWSLMYFHRRDLRLAANAICSAVPSHWVPTSRTTWSIHAT
HEWMTTEDMLTVWNRVWIQENPWMEDKTPVESWEEIPYLGKREDQWCGSLIGLTSRATWAKNIQTAINQVRSLIGNEEYT
DYMPSMKRFRREEEEAGVLW
;
B
#
loop_
_chem_comp.id
_chem_comp.type
_chem_comp.name
_chem_comp.formula
ZN non-polymer 'ZINC ION' 'Zn 2'
#
# COMPACT_ATOMS: atom_id res chain seq x y z
N MET A 1 -1.86 30.67 28.64
CA MET A 1 -0.86 29.77 29.18
C MET A 1 -1.12 28.31 28.84
N ALA A 2 -2.32 28.02 28.35
CA ALA A 2 -2.66 26.65 27.97
C ALA A 2 -3.85 26.66 27.03
N GLN A 3 -4.42 25.49 26.74
CA GLN A 3 -5.54 25.39 25.83
C GLN A 3 -6.59 24.50 26.46
N TRP A 4 -7.48 23.94 25.63
CA TRP A 4 -8.52 23.00 26.04
C TRP A 4 -9.55 23.66 26.96
N GLU A 5 -9.30 23.65 28.27
CA GLU A 5 -10.25 24.21 29.23
C GLU A 5 -10.61 25.66 28.91
N MET A 6 -9.68 26.40 28.31
CA MET A 6 -10.00 27.77 27.89
C MET A 6 -11.08 27.76 26.82
N LEU A 7 -11.00 26.82 25.88
CA LEU A 7 -12.01 26.72 24.83
C LEU A 7 -13.36 26.33 25.41
N GLN A 8 -13.37 25.41 26.38
CA GLN A 8 -14.61 24.90 26.94
C GLN A 8 -15.45 26.00 27.57
N ASN A 9 -14.79 26.89 28.31
CA ASN A 9 -15.52 27.93 29.05
C ASN A 9 -16.00 29.05 28.15
N LEU A 10 -15.40 29.20 26.97
CA LEU A 10 -15.62 30.39 26.15
C LEU A 10 -17.08 30.57 25.73
N ASP A 11 -17.58 29.70 24.86
CA ASP A 11 -18.93 29.82 24.33
C ASP A 11 -19.20 28.64 23.41
N SER A 12 -20.49 28.37 23.19
CA SER A 12 -20.94 27.24 22.38
C SER A 12 -20.55 27.31 20.90
N PRO A 13 -20.69 28.45 20.20
CA PRO A 13 -20.39 28.43 18.75
C PRO A 13 -18.97 28.02 18.43
N PHE A 14 -18.00 28.45 19.24
CA PHE A 14 -16.64 27.99 19.05
C PHE A 14 -16.46 26.55 19.49
N GLN A 15 -17.28 26.09 20.45
CA GLN A 15 -17.25 24.69 20.85
C GLN A 15 -17.69 23.79 19.72
N ASP A 16 -18.71 24.21 18.95
CA ASP A 16 -19.16 23.41 17.81
C ASP A 16 -18.06 23.26 16.77
N GLN A 17 -17.32 24.34 16.50
CA GLN A 17 -16.16 24.23 15.62
C GLN A 17 -15.11 23.32 16.24
N LEU A 18 -14.91 23.44 17.55
CA LEU A 18 -14.04 22.51 18.26
C LEU A 18 -14.59 21.09 18.21
N HIS A 19 -15.91 20.95 18.31
CA HIS A 19 -16.56 19.65 18.27
C HIS A 19 -16.29 18.96 16.94
N GLN A 20 -16.43 19.69 15.84
CA GLN A 20 -16.26 19.10 14.51
C GLN A 20 -14.83 18.63 14.28
N LEU A 21 -13.85 19.45 14.64
CA LEU A 21 -12.47 19.15 14.30
C LEU A 21 -11.95 17.94 15.05
N TYR A 22 -12.16 17.90 16.37
CA TYR A 22 -11.56 16.85 17.18
C TYR A 22 -12.31 15.53 17.04
N SER A 23 -13.60 15.63 16.69
CA SER A 23 -14.43 14.41 16.51
C SER A 23 -13.82 13.50 15.46
N HIS A 24 -13.90 13.88 14.18
CA HIS A 24 -13.41 13.00 13.09
C HIS A 24 -11.89 12.81 13.21
N SER A 25 -11.17 13.83 13.71
CA SER A 25 -9.72 13.68 13.93
C SER A 25 -9.45 12.39 14.70
N LEU A 26 -8.49 11.59 14.22
CA LEU A 26 -8.15 10.32 14.92
C LEU A 26 -7.91 10.59 16.40
N LEU A 27 -7.01 11.53 16.74
CA LEU A 27 -6.69 11.72 18.15
C LEU A 27 -7.97 11.84 18.97
N PRO A 28 -8.18 10.94 19.94
CA PRO A 28 -9.39 11.03 20.76
C PRO A 28 -9.39 12.29 21.62
N VAL A 29 -10.60 12.77 21.94
CA VAL A 29 -10.73 13.99 22.73
C VAL A 29 -10.21 13.77 24.14
N ASP A 30 -10.52 12.61 24.72
CA ASP A 30 -10.13 12.33 26.10
C ASP A 30 -8.62 12.33 26.29
N ILE A 31 -7.91 11.73 25.33
CA ILE A 31 -6.45 11.67 25.42
C ILE A 31 -5.85 13.07 25.31
N ARG A 32 -6.55 13.99 24.64
CA ARG A 32 -6.05 15.34 24.49
C ARG A 32 -5.89 16.06 25.82
N GLN A 33 -6.83 15.89 26.74
CA GLN A 33 -6.85 16.64 27.99
C GLN A 33 -6.03 15.99 29.10
N TYR A 34 -6.00 14.66 29.16
CA TYR A 34 -5.15 13.99 30.14
C TYR A 34 -3.68 14.29 29.91
N LEU A 35 -3.24 14.29 28.66
CA LEU A 35 -1.86 14.56 28.33
C LEU A 35 -1.65 15.98 27.83
N ALA A 36 -2.51 16.91 28.21
CA ALA A 36 -2.52 18.27 27.67
C ALA A 36 -1.19 18.98 27.94
N VAL A 37 -0.69 18.89 29.17
CA VAL A 37 0.54 19.58 29.53
C VAL A 37 1.71 19.07 28.69
N TRP A 38 1.82 17.75 28.54
CA TRP A 38 2.94 17.19 27.81
C TRP A 38 2.84 17.48 26.32
N ILE A 39 1.64 17.39 25.76
CA ILE A 39 1.49 17.56 24.31
C ILE A 39 1.91 18.96 23.90
N GLU A 40 1.47 19.98 24.63
CA GLU A 40 1.79 21.36 24.27
C GLU A 40 3.26 21.68 24.54
N ASP A 41 3.94 20.85 25.33
CA ASP A 41 5.34 21.10 25.66
C ASP A 41 6.30 20.59 24.59
N GLN A 42 5.82 19.76 23.67
CA GLN A 42 6.70 19.17 22.66
C GLN A 42 6.81 20.08 21.43
N ASN A 43 7.98 20.07 20.82
CA ASN A 43 8.25 20.87 19.62
C ASN A 43 7.83 20.09 18.37
N TRP A 44 6.52 20.07 18.14
CA TRP A 44 5.98 19.32 17.01
C TRP A 44 6.31 19.98 15.68
N GLN A 45 6.49 21.31 15.67
CA GLN A 45 6.77 22.00 14.41
C GLN A 45 8.09 21.54 13.81
N GLU A 46 9.12 21.39 14.64
CA GLU A 46 10.42 20.98 14.13
C GLU A 46 10.39 19.55 13.61
N ALA A 47 9.65 18.65 14.26
CA ALA A 47 9.61 17.27 13.82
C ALA A 47 8.89 17.12 12.49
N ALA A 48 7.80 17.85 12.28
CA ALA A 48 7.03 17.71 11.05
C ALA A 48 7.76 18.30 9.85
N LEU A 49 8.45 19.43 10.00
CA LEU A 49 9.03 20.05 8.78
C LEU A 49 10.55 20.22 8.89
N GLY A 50 11.31 19.13 8.94
CA GLY A 50 12.77 19.26 9.14
C GLY A 50 13.56 18.08 8.58
N SER A 51 14.89 18.16 8.63
CA SER A 51 15.75 17.08 8.09
C SER A 51 16.41 16.28 9.22
N ASP A 52 15.84 15.10 9.55
CA ASP A 52 16.42 14.21 10.59
C ASP A 52 15.36 13.18 11.00
N ASP A 53 15.17 12.12 10.20
CA ASP A 53 14.15 11.08 10.50
C ASP A 53 14.55 10.40 11.81
N SER A 54 15.09 11.16 12.76
CA SER A 54 15.50 10.69 14.07
C SER A 54 14.70 11.37 15.17
N LYS A 55 14.47 12.68 15.05
CA LYS A 55 13.68 13.39 16.04
C LYS A 55 12.24 12.91 16.04
N ALA A 56 11.68 12.65 14.87
CA ALA A 56 10.32 12.13 14.79
C ALA A 56 10.23 10.77 15.47
N THR A 57 11.24 9.92 15.25
CA THR A 57 11.27 8.61 15.91
C THR A 57 11.38 8.75 17.42
N MET A 58 12.20 9.70 17.88
CA MET A 58 12.34 9.94 19.31
C MET A 58 11.01 10.35 19.93
N LEU A 59 10.29 11.25 19.27
CA LEU A 59 8.99 11.68 19.76
C LEU A 59 8.00 10.52 19.74
N PHE A 60 8.07 9.68 18.71
CA PHE A 60 7.26 8.47 18.65
C PHE A 60 7.45 7.59 19.88
N PHE A 61 8.72 7.31 20.19
CA PHE A 61 9.02 6.43 21.33
C PHE A 61 8.58 7.07 22.64
N HIS A 62 8.81 8.37 22.81
CA HIS A 62 8.40 9.03 24.04
C HIS A 62 6.88 9.05 24.18
N PHE A 63 6.17 9.23 23.06
CA PHE A 63 4.71 9.20 23.10
C PHE A 63 4.22 7.83 23.55
N LEU A 64 4.81 6.77 23.01
CA LEU A 64 4.44 5.42 23.47
C LEU A 64 4.74 5.24 24.95
N ASP A 65 5.90 5.74 25.39
CA ASP A 65 6.30 5.64 26.79
C ASP A 65 5.25 6.29 27.70
N GLN A 66 4.85 7.52 27.37
CA GLN A 66 3.87 8.23 28.18
C GLN A 66 2.52 7.53 28.16
N LEU A 67 2.11 7.04 26.99
CA LEU A 67 0.81 6.37 26.90
C LEU A 67 0.78 5.11 27.77
N ASN A 68 1.85 4.33 27.75
CA ASN A 68 1.86 3.08 28.51
C ASN A 68 1.85 3.35 30.01
N TYR A 69 2.62 4.33 30.47
CA TYR A 69 2.79 4.54 31.90
C TYR A 69 1.52 5.06 32.56
N GLU A 70 0.89 6.07 31.96
CA GLU A 70 -0.27 6.71 32.59
C GLU A 70 -1.43 5.74 32.75
N CYS A 71 -1.54 4.75 31.84
CA CYS A 71 -2.61 3.77 31.96
C CYS A 71 -2.49 2.96 33.24
N GLY A 72 -1.26 2.57 33.58
CA GLY A 72 -1.03 1.75 34.76
C GLY A 72 -1.40 2.42 36.06
N ARG A 73 -1.03 3.70 36.22
CA ARG A 73 -1.40 4.43 37.41
C ARG A 73 -2.91 4.59 37.54
N CYS A 74 -3.58 4.90 36.43
CA CYS A 74 -5.04 5.03 36.46
C CYS A 74 -5.73 3.68 36.56
N SER A 75 -5.10 2.62 36.05
CA SER A 75 -5.69 1.29 36.14
C SER A 75 -5.75 0.81 37.58
N GLN A 76 -4.85 1.31 38.44
CA GLN A 76 -4.85 0.92 39.84
C GLN A 76 -6.13 1.36 40.53
N ASP A 77 -6.73 2.46 40.09
CA ASP A 77 -7.97 2.95 40.68
C ASP A 77 -9.15 2.37 39.92
N PRO A 78 -10.02 1.59 40.56
CA PRO A 78 -11.18 1.03 39.85
C PRO A 78 -12.21 2.10 39.51
N GLU A 79 -13.30 1.66 38.85
CA GLU A 79 -14.41 2.51 38.44
C GLU A 79 -14.00 3.37 37.25
N SER A 80 -12.72 3.32 36.88
CA SER A 80 -12.22 3.90 35.63
C SER A 80 -12.01 2.78 34.62
N LEU A 81 -13.11 2.11 34.28
CA LEU A 81 -13.07 0.95 33.39
C LEU A 81 -13.37 1.34 31.94
N LEU A 82 -13.47 2.64 31.65
CA LEU A 82 -13.69 3.12 30.29
C LEU A 82 -12.49 3.84 29.72
N LEU A 83 -11.77 4.63 30.50
CA LEU A 83 -10.59 5.34 30.03
C LEU A 83 -9.42 4.40 29.81
N GLN A 84 -9.30 3.37 30.65
CA GLN A 84 -8.21 2.42 30.53
C GLN A 84 -8.25 1.70 29.19
N HIS A 85 -9.44 1.30 28.75
CA HIS A 85 -9.59 0.66 27.44
C HIS A 85 -9.23 1.62 26.33
N ASN A 86 -9.65 2.88 26.47
CA ASN A 86 -9.39 3.90 25.46
C ASN A 86 -7.89 4.13 25.31
N LEU A 87 -7.15 4.00 26.42
CA LEU A 87 -5.70 4.09 26.35
C LEU A 87 -5.12 2.98 25.47
N ARG A 88 -5.63 1.75 25.61
CA ARG A 88 -5.19 0.65 24.76
C ARG A 88 -5.76 0.74 23.35
N LYS A 89 -6.95 1.32 23.19
CA LYS A 89 -7.51 1.48 21.85
C LYS A 89 -6.64 2.41 21.00
N PHE A 90 -6.16 3.50 21.59
CA PHE A 90 -5.27 4.40 20.87
C PHE A 90 -3.93 3.74 20.57
N CYS A 91 -3.55 2.74 21.38
CA CYS A 91 -2.27 2.08 21.17
C CYS A 91 -2.28 1.19 19.93
N ARG A 92 -3.47 0.91 19.39
CA ARG A 92 -3.55 0.12 18.17
C ARG A 92 -3.47 1.00 16.93
N ASP A 93 -4.10 2.18 16.98
CA ASP A 93 -4.16 3.02 15.79
C ASP A 93 -2.85 3.77 15.58
N ILE A 94 -2.01 3.84 16.61
CA ILE A 94 -0.70 4.49 16.44
C ILE A 94 0.22 3.58 15.65
N GLN A 95 0.00 2.27 15.72
CA GLN A 95 0.83 1.23 15.12
C GLN A 95 1.05 1.44 13.63
N PRO A 96 0.01 1.74 12.83
CA PRO A 96 0.26 2.02 11.41
C PRO A 96 1.18 3.20 11.16
N PHE A 97 1.19 4.19 12.05
CA PHE A 97 2.09 5.34 11.89
C PHE A 97 3.55 4.97 12.11
N SER A 98 3.85 3.78 12.61
CA SER A 98 5.23 3.39 12.86
C SER A 98 6.02 3.28 11.57
N GLN A 99 5.32 3.07 10.45
CA GLN A 99 5.97 3.00 9.15
C GLN A 99 6.65 4.33 8.80
N ASP A 100 5.97 5.44 9.11
CA ASP A 100 6.48 6.78 8.86
C ASP A 100 6.21 7.66 10.07
N PRO A 101 7.23 7.99 10.86
CA PRO A 101 7.02 8.80 12.05
C PRO A 101 6.52 10.22 11.75
N THR A 102 6.93 10.78 10.61
CA THR A 102 6.62 12.19 10.33
C THR A 102 5.13 12.41 10.12
N GLN A 103 4.36 11.35 9.91
CA GLN A 103 2.90 11.51 9.79
C GLN A 103 2.30 11.92 11.12
N LEU A 104 2.88 11.45 12.23
CA LEU A 104 2.41 11.87 13.55
C LEU A 104 2.62 13.37 13.76
N ALA A 105 3.84 13.85 13.48
CA ALA A 105 4.17 15.23 13.79
C ALA A 105 3.31 16.19 12.99
N GLU A 106 3.08 15.88 11.71
CA GLU A 106 2.24 16.76 10.89
C GLU A 106 0.81 16.81 11.41
N MET A 107 0.24 15.66 11.79
CA MET A 107 -1.14 15.64 12.25
C MET A 107 -1.29 16.41 13.56
N ILE A 108 -0.34 16.24 14.48
CA ILE A 108 -0.40 16.97 15.74
C ILE A 108 -0.17 18.46 15.52
N PHE A 109 0.83 18.80 14.71
CA PHE A 109 1.19 20.20 14.53
C PHE A 109 0.06 20.99 13.90
N ASN A 110 -0.62 20.38 12.92
CA ASN A 110 -1.76 21.05 12.30
C ASN A 110 -2.90 21.21 13.30
N LEU A 111 -3.15 20.20 14.12
CA LEU A 111 -4.24 20.28 15.09
C LEU A 111 -4.00 21.38 16.12
N LEU A 112 -2.75 21.55 16.56
CA LEU A 112 -2.46 22.60 17.53
C LEU A 112 -2.71 23.98 16.94
N LEU A 113 -2.38 24.14 15.65
CA LEU A 113 -2.45 25.48 15.04
C LEU A 113 -3.90 25.93 14.84
N GLU A 114 -4.78 25.00 14.49
CA GLU A 114 -6.16 25.37 14.14
C GLU A 114 -6.92 25.96 15.32
N GLU A 115 -6.80 25.36 16.49
CA GLU A 115 -7.44 25.89 17.68
C GLU A 115 -6.88 27.25 18.07
N LYS A 116 -5.66 27.55 17.63
CA LYS A 116 -5.13 28.90 17.84
C LYS A 116 -5.89 29.92 17.02
N ARG A 117 -6.33 29.52 15.82
CA ARG A 117 -7.18 30.40 15.01
C ARG A 117 -8.50 30.69 15.72
N ILE A 118 -9.10 29.65 16.31
CA ILE A 118 -10.38 29.82 16.98
C ILE A 118 -10.24 30.74 18.19
N LEU A 119 -9.16 30.55 18.96
CA LEU A 119 -8.96 31.34 20.17
C LEU A 119 -8.82 32.82 19.85
N ILE A 120 -8.02 33.15 18.84
CA ILE A 120 -7.80 34.56 18.50
C ILE A 120 -9.07 35.16 17.90
N GLN A 121 -9.78 34.39 17.08
CA GLN A 121 -11.03 34.87 16.52
C GLN A 121 -12.06 35.13 17.60
N ALA A 122 -12.14 34.24 18.60
CA ALA A 122 -13.13 34.38 19.65
C ALA A 122 -12.89 35.63 20.50
N GLN A 123 -11.64 35.87 20.88
CA GLN A 123 -11.33 37.03 21.72
C GLN A 123 -11.51 38.33 20.95
N ARG A 124 -11.17 38.33 19.66
CA ARG A 124 -11.33 39.53 18.84
C ARG A 124 -12.79 39.94 18.73
N ALA A 125 -13.67 38.96 18.52
CA ALA A 125 -15.10 39.24 18.47
C ALA A 125 -15.61 39.71 19.83
N GLN A 126 -15.13 39.09 20.90
CA GLN A 126 -15.58 39.47 22.24
C GLN A 126 -15.19 40.91 22.57
N LEU A 127 -13.97 41.30 22.22
CA LEU A 127 -13.48 42.64 22.48
C LEU A 127 -13.94 43.61 21.40
N SER A 140 -6.87 42.44 6.20
CA SER A 140 -7.63 41.23 5.91
C SER A 140 -7.18 40.59 4.61
N GLN A 141 -7.19 41.38 3.53
CA GLN A 141 -6.76 40.88 2.23
C GLN A 141 -5.27 40.53 2.25
N GLN A 142 -4.45 41.37 2.89
CA GLN A 142 -3.02 41.13 2.93
C GLN A 142 -2.69 39.85 3.71
N HIS A 143 -3.39 39.63 4.83
CA HIS A 143 -3.17 38.41 5.60
C HIS A 143 -3.61 37.19 4.81
N GLU A 144 -4.72 37.30 4.07
CA GLU A 144 -5.13 36.22 3.19
C GLU A 144 -4.08 35.94 2.12
N ILE A 145 -3.47 37.00 1.58
CA ILE A 145 -2.42 36.84 0.58
C ILE A 145 -1.23 36.10 1.18
N GLU A 146 -0.83 36.49 2.39
CA GLU A 146 0.32 35.85 3.03
C GLU A 146 0.02 34.39 3.33
N SER A 147 -1.17 34.08 3.81
CA SER A 147 -1.55 32.70 4.05
C SER A 147 -1.51 31.90 2.75
N ARG A 148 -2.04 32.47 1.67
CA ARG A 148 -2.04 31.79 0.39
C ARG A 148 -0.62 31.47 -0.07
N ILE A 149 0.28 32.44 0.00
CA ILE A 149 1.64 32.21 -0.48
C ILE A 149 2.36 31.20 0.41
N LEU A 150 2.08 31.22 1.72
CA LEU A 150 2.70 30.24 2.61
C LEU A 150 2.25 28.82 2.27
N ASP A 151 0.94 28.63 2.08
CA ASP A 151 0.46 27.31 1.68
C ASP A 151 1.05 26.89 0.34
N LEU A 152 1.18 27.84 -0.59
CA LEU A 152 1.78 27.55 -1.88
C LEU A 152 3.20 27.02 -1.71
N ARG A 153 4.00 27.70 -0.90
CA ARG A 153 5.39 27.25 -0.71
C ARG A 153 5.44 25.88 -0.06
N ALA A 154 4.60 25.65 0.95
CA ALA A 154 4.61 24.34 1.62
C ALA A 154 4.27 23.22 0.63
N MET A 155 3.20 23.39 -0.14
CA MET A 155 2.78 22.31 -1.01
C MET A 155 3.72 22.17 -2.21
N MET A 156 4.42 23.25 -2.58
CA MET A 156 5.44 23.12 -3.61
C MET A 156 6.62 22.29 -3.08
N GLU A 157 6.98 22.47 -1.82
CA GLU A 157 8.00 21.62 -1.21
C GLU A 157 7.56 20.16 -1.24
N LYS A 158 6.30 19.90 -0.90
CA LYS A 158 5.78 18.54 -0.97
C LYS A 158 5.90 17.97 -2.38
N LEU A 159 5.57 18.77 -3.39
CA LEU A 159 5.68 18.32 -4.77
C LEU A 159 7.12 18.00 -5.14
N VAL A 160 8.06 18.82 -4.67
CA VAL A 160 9.47 18.57 -4.94
C VAL A 160 9.90 17.22 -4.37
N LYS A 161 9.49 16.95 -3.13
CA LYS A 161 9.83 15.67 -2.52
C LYS A 161 9.27 14.50 -3.32
N SER A 162 8.00 14.62 -3.73
CA SER A 162 7.38 13.54 -4.50
C SER A 162 8.12 13.31 -5.81
N ILE A 163 8.52 14.38 -6.50
CA ILE A 163 9.22 14.24 -7.75
C ILE A 163 10.55 13.52 -7.55
N SER A 164 11.29 13.90 -6.51
CA SER A 164 12.57 13.24 -6.26
C SER A 164 12.38 11.75 -6.00
N GLN A 165 11.37 11.39 -5.20
CA GLN A 165 11.14 9.98 -4.90
C GLN A 165 10.78 9.20 -6.16
N LEU A 166 9.94 9.79 -7.02
CA LEU A 166 9.60 9.13 -8.27
C LEU A 166 10.83 8.92 -9.14
N LYS A 167 11.71 9.91 -9.20
CA LYS A 167 12.93 9.77 -9.98
C LYS A 167 13.75 8.59 -9.49
N ASP A 168 13.92 8.48 -8.17
CA ASP A 168 14.73 7.38 -7.65
C ASP A 168 14.10 6.02 -7.96
N GLN A 169 12.78 5.90 -7.78
CA GLN A 169 12.14 4.61 -8.04
C GLN A 169 12.25 4.22 -9.51
N GLN A 170 12.04 5.18 -10.42
CA GLN A 170 12.19 4.87 -11.83
C GLN A 170 13.61 4.44 -12.14
N ASP A 171 14.61 5.09 -11.52
CA ASP A 171 15.99 4.75 -11.78
C ASP A 171 16.29 3.30 -11.37
N VAL A 172 15.83 2.91 -10.18
CA VAL A 172 16.13 1.55 -9.73
C VAL A 172 15.39 0.53 -10.59
N PHE A 173 14.17 0.85 -11.04
CA PHE A 173 13.48 -0.05 -11.95
C PHE A 173 14.24 -0.21 -13.26
N CYS A 174 14.77 0.90 -13.79
CA CYS A 174 15.54 0.81 -15.03
C CYS A 174 16.78 -0.04 -14.85
N PHE A 175 17.45 0.10 -13.71
CA PHE A 175 18.62 -0.74 -13.43
C PHE A 175 18.25 -2.22 -13.35
N ARG A 176 17.15 -2.52 -12.67
CA ARG A 176 16.73 -3.92 -12.56
C ARG A 176 16.37 -4.50 -13.92
N TYR A 177 15.66 -3.72 -14.75
CA TYR A 177 15.33 -4.20 -16.08
C TYR A 177 16.59 -4.40 -16.92
N LYS A 178 17.57 -3.51 -16.78
CA LYS A 178 18.81 -3.67 -17.53
C LYS A 178 19.55 -4.94 -17.12
N ILE A 179 19.65 -5.19 -15.81
CA ILE A 179 20.35 -6.40 -15.38
C ILE A 179 19.58 -7.65 -15.78
N GLN A 180 18.25 -7.58 -15.83
CA GLN A 180 17.49 -8.70 -16.36
C GLN A 180 17.76 -8.90 -17.84
N ALA A 181 17.86 -7.81 -18.59
CA ALA A 181 18.10 -7.90 -20.03
C ALA A 181 19.46 -8.52 -20.33
N LYS A 182 20.49 -8.09 -19.61
CA LYS A 182 21.81 -8.68 -19.83
C LYS A 182 21.88 -10.12 -19.32
N GLY A 183 20.90 -10.56 -18.54
CA GLY A 183 20.89 -11.94 -18.10
C GLY A 183 20.70 -12.93 -19.23
N LYS A 184 19.82 -12.60 -20.18
CA LYS A 184 19.56 -13.43 -21.36
C LYS A 184 19.21 -14.87 -20.98
N THR A 185 18.21 -15.02 -20.11
CA THR A 185 17.84 -16.35 -19.64
C THR A 185 16.40 -16.68 -20.05
N PRO A 186 16.21 -17.38 -21.16
CA PRO A 186 14.86 -17.81 -21.58
C PRO A 186 14.49 -19.19 -21.01
N SER A 187 14.18 -19.21 -19.73
CA SER A 187 13.88 -20.45 -19.01
C SER A 187 12.47 -20.38 -18.43
N LEU A 188 11.88 -21.55 -18.18
CA LEU A 188 10.58 -21.66 -17.51
C LEU A 188 10.77 -21.81 -16.01
N ASP A 189 11.46 -20.82 -15.43
CA ASP A 189 11.80 -20.78 -14.02
C ASP A 189 10.71 -20.08 -13.22
N PRO A 190 10.26 -20.67 -12.10
CA PRO A 190 9.35 -19.92 -11.22
C PRO A 190 9.95 -18.64 -10.69
N HIS A 191 11.29 -18.57 -10.59
CA HIS A 191 11.94 -17.30 -10.27
C HIS A 191 11.61 -16.25 -11.34
N GLN A 192 11.55 -16.67 -12.61
CA GLN A 192 11.18 -15.74 -13.67
C GLN A 192 9.74 -15.26 -13.51
N THR A 193 8.85 -16.17 -13.12
CA THR A 193 7.48 -15.77 -12.84
C THR A 193 7.42 -14.76 -11.70
N LYS A 194 8.19 -15.02 -10.64
CA LYS A 194 8.22 -14.10 -9.51
C LYS A 194 8.73 -12.73 -9.93
N GLU A 195 9.80 -12.69 -10.72
CA GLU A 195 10.38 -11.40 -11.07
C GLU A 195 9.50 -10.65 -12.05
N GLN A 196 8.81 -11.36 -12.95
CA GLN A 196 7.89 -10.67 -13.83
C GLN A 196 6.70 -10.12 -13.05
N LYS A 197 6.24 -10.85 -12.03
CA LYS A 197 5.15 -10.35 -11.20
C LYS A 197 5.57 -9.10 -10.43
N ILE A 198 6.78 -9.13 -9.85
CA ILE A 198 7.24 -7.94 -9.13
C ILE A 198 7.51 -6.79 -10.11
N LEU A 199 7.87 -7.11 -11.36
CA LEU A 199 7.99 -6.07 -12.37
C LEU A 199 6.64 -5.41 -12.65
N GLN A 200 5.58 -6.21 -12.74
CA GLN A 200 4.25 -5.64 -12.90
C GLN A 200 3.90 -4.76 -11.71
N GLU A 201 4.23 -5.20 -10.50
CA GLU A 201 3.96 -4.40 -9.32
C GLU A 201 4.70 -3.07 -9.37
N THR A 202 5.97 -3.10 -9.79
CA THR A 202 6.74 -1.86 -9.92
C THR A 202 6.11 -0.93 -10.94
N LEU A 203 5.63 -1.48 -12.06
CA LEU A 203 4.98 -0.67 -13.08
C LEU A 203 3.72 -0.02 -12.52
N ASN A 204 2.92 -0.78 -11.77
CA ASN A 204 1.72 -0.20 -11.16
C ASN A 204 2.08 0.93 -10.21
N GLU A 205 3.13 0.74 -9.40
CA GLU A 205 3.57 1.79 -8.49
C GLU A 205 3.99 3.04 -9.25
N LEU A 206 4.73 2.85 -10.35
CA LEU A 206 5.17 4.00 -11.13
C LEU A 206 3.99 4.77 -11.71
N ASP A 207 2.99 4.04 -12.22
CA ASP A 207 1.81 4.71 -12.76
C ASP A 207 1.10 5.51 -11.67
N LYS A 208 0.95 4.93 -10.48
CA LYS A 208 0.29 5.64 -9.40
C LYS A 208 1.05 6.91 -9.03
N ARG A 209 2.38 6.83 -8.95
CA ARG A 209 3.16 8.02 -8.63
C ARG A 209 2.98 9.10 -9.69
N ARG A 210 3.00 8.71 -10.97
CA ARG A 210 2.83 9.69 -12.04
C ARG A 210 1.48 10.39 -11.95
N LYS A 211 0.41 9.62 -11.71
CA LYS A 211 -0.91 10.24 -11.64
C LYS A 211 -1.01 11.18 -10.44
N GLU A 212 -0.41 10.80 -9.30
CA GLU A 212 -0.45 11.67 -8.13
C GLU A 212 0.30 12.97 -8.39
N VAL A 213 1.46 12.89 -9.05
CA VAL A 213 2.21 14.09 -9.38
C VAL A 213 1.38 15.00 -10.29
N LEU A 214 0.71 14.42 -11.28
CA LEU A 214 -0.12 15.22 -12.18
C LEU A 214 -1.23 15.93 -11.41
N ASP A 215 -1.90 15.22 -10.50
CA ASP A 215 -2.97 15.83 -9.72
C ASP A 215 -2.45 16.99 -8.87
N ALA A 216 -1.31 16.80 -8.22
CA ALA A 216 -0.73 17.87 -7.41
C ALA A 216 -0.39 19.09 -8.26
N SER A 217 0.17 18.85 -9.44
CA SER A 217 0.50 19.97 -10.32
C SER A 217 -0.75 20.73 -10.75
N LYS A 218 -1.83 20.00 -11.06
CA LYS A 218 -3.08 20.67 -11.43
C LYS A 218 -3.61 21.52 -10.29
N ALA A 219 -3.57 21.00 -9.06
CA ALA A 219 -4.02 21.78 -7.91
C ALA A 219 -3.18 23.04 -7.74
N LEU A 220 -1.86 22.93 -7.90
CA LEU A 220 -1.00 24.09 -7.80
C LEU A 220 -1.37 25.13 -8.85
N LEU A 221 -1.60 24.70 -10.10
CA LEU A 221 -1.98 25.64 -11.14
C LEU A 221 -3.27 26.37 -10.80
N GLY A 222 -4.27 25.63 -10.32
CA GLY A 222 -5.53 26.28 -9.97
C GLY A 222 -5.37 27.31 -8.87
N ARG A 223 -4.66 26.94 -7.81
CA ARG A 223 -4.46 27.87 -6.71
C ARG A 223 -3.71 29.11 -7.14
N LEU A 224 -2.68 28.94 -7.97
CA LEU A 224 -1.86 30.07 -8.38
C LEU A 224 -2.63 31.01 -9.30
N THR A 225 -3.47 30.44 -10.18
CA THR A 225 -4.33 31.29 -11.00
C THR A 225 -5.30 32.09 -10.12
N THR A 226 -5.85 31.44 -9.09
CA THR A 226 -6.72 32.16 -8.17
C THR A 226 -5.99 33.32 -7.49
N LEU A 227 -4.75 33.07 -7.06
CA LEU A 227 -3.98 34.14 -6.43
C LEU A 227 -3.74 35.30 -7.39
N ILE A 228 -3.41 35.00 -8.64
CA ILE A 228 -3.16 36.08 -9.59
C ILE A 228 -4.42 36.90 -9.86
N GLU A 229 -5.57 36.23 -10.03
CA GLU A 229 -6.79 36.96 -10.31
C GLU A 229 -7.25 37.76 -9.10
N LEU A 230 -6.87 37.33 -7.89
CA LEU A 230 -7.12 38.17 -6.72
C LEU A 230 -6.14 39.33 -6.64
N LEU A 231 -4.92 39.15 -7.14
CA LEU A 231 -3.89 40.18 -7.02
C LEU A 231 -4.13 41.36 -7.96
N LEU A 232 -4.56 41.10 -9.19
CA LEU A 232 -4.68 42.17 -10.18
C LEU A 232 -5.58 43.33 -9.74
N PRO A 233 -6.75 43.11 -9.14
CA PRO A 233 -7.58 44.27 -8.74
C PRO A 233 -6.89 45.20 -7.76
N LYS A 234 -5.99 44.68 -6.92
CA LYS A 234 -5.22 45.56 -6.04
C LYS A 234 -4.35 46.51 -6.85
N LEU A 235 -3.74 46.01 -7.93
CA LEU A 235 -2.97 46.88 -8.80
C LEU A 235 -3.87 47.93 -9.45
N GLU A 236 -5.06 47.53 -9.87
CA GLU A 236 -5.98 48.50 -10.47
C GLU A 236 -6.36 49.58 -9.46
N GLU A 237 -6.66 49.18 -8.22
CA GLU A 237 -7.02 50.15 -7.19
C GLU A 237 -5.86 51.07 -6.87
N TRP A 238 -4.64 50.53 -6.84
CA TRP A 238 -3.48 51.39 -6.62
C TRP A 238 -3.32 52.39 -7.74
N LYS A 239 -3.60 51.98 -8.99
CA LYS A 239 -3.54 52.92 -10.09
C LYS A 239 -4.57 54.04 -9.92
N ALA A 240 -5.79 53.67 -9.52
CA ALA A 240 -6.81 54.69 -9.30
C ALA A 240 -6.40 55.65 -8.18
N GLN A 241 -5.87 55.10 -7.09
CA GLN A 241 -5.42 55.94 -5.98
C GLN A 241 -4.26 56.84 -6.39
N GLN A 242 -3.36 56.33 -7.23
CA GLN A 242 -2.27 57.15 -7.73
C GLN A 242 -2.79 58.29 -8.59
N GLN A 243 -3.80 58.02 -9.41
CA GLN A 243 -4.42 59.09 -10.18
C GLN A 243 -5.05 60.14 -9.27
N LYS A 244 -5.73 59.69 -8.21
CA LYS A 244 -6.38 60.62 -7.29
C LYS A 244 -5.41 61.34 -6.37
N ALA A 245 -4.19 60.81 -6.21
CA ALA A 245 -3.20 61.45 -5.34
C ALA A 245 -2.25 62.36 -6.10
N CYS A 246 -1.99 62.07 -7.38
CA CYS A 246 -1.20 62.98 -8.19
C CYS A 246 -1.88 64.33 -8.39
N ILE A 247 -3.20 64.41 -8.23
CA ILE A 247 -3.89 65.68 -8.39
C ILE A 247 -3.90 66.40 -7.05
N ARG A 248 -2.74 66.98 -6.70
CA ARG A 248 -2.50 67.78 -5.51
C ARG A 248 -3.26 67.30 -4.27
N ALA A 249 -3.06 66.03 -3.90
CA ALA A 249 -3.70 65.46 -2.73
C ALA A 249 -2.72 64.52 -2.03
N PRO A 250 -2.53 64.67 -0.71
CA PRO A 250 -1.57 63.82 0.00
C PRO A 250 -2.16 62.46 0.38
N ILE A 251 -1.74 61.41 -0.31
CA ILE A 251 -2.15 60.04 -0.02
C ILE A 251 -1.00 59.11 -0.40
N ASP A 252 -0.64 58.22 0.51
CA ASP A 252 0.50 57.32 0.29
C ASP A 252 0.13 56.24 -0.73
N HIS A 253 1.11 55.90 -1.58
CA HIS A 253 0.95 54.88 -2.61
C HIS A 253 2.17 53.97 -2.66
N GLY A 254 2.58 53.47 -1.49
CA GLY A 254 3.76 52.62 -1.44
C GLY A 254 3.57 51.34 -2.25
N LEU A 255 4.68 50.82 -2.77
CA LEU A 255 4.67 49.68 -3.68
C LEU A 255 5.32 48.44 -3.10
N GLU A 256 5.76 48.47 -1.84
CA GLU A 256 6.54 47.38 -1.30
C GLU A 256 5.75 46.08 -1.25
N GLN A 257 4.51 46.13 -0.75
CA GLN A 257 3.72 44.91 -0.65
C GLN A 257 3.42 44.35 -2.04
N LEU A 258 3.06 45.22 -2.99
CA LEU A 258 2.74 44.76 -4.33
C LEU A 258 3.96 44.18 -5.03
N GLU A 259 5.11 44.85 -4.91
CA GLU A 259 6.31 44.34 -5.55
C GLU A 259 6.73 43.01 -4.94
N THR A 260 6.61 42.87 -3.61
CA THR A 260 6.94 41.60 -3.00
C THR A 260 6.01 40.49 -3.49
N TRP A 261 4.72 40.78 -3.57
CA TRP A 261 3.77 39.78 -4.05
C TRP A 261 4.07 39.37 -5.49
N PHE A 262 4.35 40.36 -6.35
CA PHE A 262 4.65 40.05 -7.74
C PHE A 262 5.92 39.21 -7.86
N THR A 263 6.94 39.54 -7.06
CA THR A 263 8.17 38.76 -7.08
C THR A 263 7.92 37.32 -6.64
N ALA A 264 7.14 37.13 -5.58
CA ALA A 264 6.83 35.79 -5.12
C ALA A 264 6.09 35.01 -6.19
N GLY A 265 5.11 35.64 -6.84
CA GLY A 265 4.38 34.96 -7.90
C GLY A 265 5.26 34.57 -9.07
N ALA A 266 6.15 35.48 -9.48
CA ALA A 266 7.07 35.17 -10.58
C ALA A 266 7.98 34.01 -10.22
N LYS A 267 8.52 34.02 -8.99
CA LYS A 267 9.39 32.92 -8.57
C LYS A 267 8.63 31.60 -8.60
N LEU A 268 7.39 31.60 -8.10
CA LEU A 268 6.62 30.37 -8.07
C LEU A 268 6.33 29.85 -9.47
N LEU A 269 5.96 30.74 -10.39
CA LEU A 269 5.70 30.32 -11.76
C LEU A 269 6.95 29.74 -12.41
N PHE A 270 8.09 30.39 -12.23
CA PHE A 270 9.32 29.89 -12.84
C PHE A 270 9.71 28.54 -12.25
N HIS A 271 9.56 28.38 -10.94
CA HIS A 271 9.85 27.08 -10.32
C HIS A 271 8.95 26.00 -10.87
N LEU A 272 7.65 26.29 -11.01
CA LEU A 272 6.73 25.28 -11.54
C LEU A 272 7.09 24.89 -12.97
N ARG A 273 7.44 25.86 -13.82
CA ARG A 273 7.81 25.52 -15.19
C ARG A 273 9.09 24.69 -15.22
N GLN A 274 10.09 25.08 -14.41
CA GLN A 274 11.36 24.38 -14.40
C GLN A 274 11.19 22.93 -13.95
N LEU A 275 10.31 22.70 -12.96
CA LEU A 275 10.10 21.32 -12.51
C LEU A 275 9.46 20.46 -13.60
N LEU A 276 8.53 21.03 -14.35
CA LEU A 276 7.87 20.26 -15.42
C LEU A 276 8.85 19.92 -16.53
N LYS A 277 9.78 20.84 -16.84
CA LYS A 277 10.82 20.52 -17.81
C LYS A 277 11.58 19.25 -17.40
N GLU A 278 12.02 19.21 -16.14
CA GLU A 278 12.76 18.05 -15.65
C GLU A 278 11.89 16.81 -15.63
N LEU A 279 10.60 16.96 -15.29
CA LEU A 279 9.70 15.82 -15.30
C LEU A 279 9.58 15.18 -16.67
N LYS A 280 9.41 15.98 -17.71
CA LYS A 280 9.37 15.45 -19.08
C LYS A 280 10.70 14.83 -19.49
N GLY A 281 11.80 15.50 -19.16
CA GLY A 281 13.10 14.94 -19.47
C GLY A 281 13.33 13.58 -18.84
N LEU A 282 12.85 13.40 -17.61
CA LEU A 282 12.91 12.09 -16.96
C LEU A 282 11.99 11.10 -17.65
N SER A 283 10.75 11.50 -17.94
CA SER A 283 9.77 10.58 -18.51
C SER A 283 10.19 10.09 -19.89
N CYS A 284 11.07 10.82 -20.57
CA CYS A 284 11.47 10.42 -21.92
C CYS A 284 12.11 9.03 -21.92
N LEU A 285 12.85 8.69 -20.87
CA LEU A 285 13.67 7.48 -20.90
C LEU A 285 12.83 6.22 -21.05
N VAL A 286 11.83 6.04 -20.18
CA VAL A 286 11.08 4.79 -20.15
C VAL A 286 9.63 5.10 -20.50
N SER A 287 9.43 6.07 -21.38
CA SER A 287 8.10 6.32 -21.91
C SER A 287 7.57 5.07 -22.60
N TYR A 288 6.30 4.75 -22.33
CA TYR A 288 5.67 3.54 -22.85
C TYR A 288 4.17 3.81 -22.95
N GLN A 289 3.42 2.80 -23.39
CA GLN A 289 2.01 2.99 -23.70
C GLN A 289 1.21 3.29 -22.45
N ASP A 290 0.03 3.90 -22.65
CA ASP A 290 -0.84 4.35 -21.57
C ASP A 290 -0.09 5.29 -20.63
N ASP A 291 0.48 6.34 -21.22
CA ASP A 291 1.22 7.36 -20.47
C ASP A 291 0.50 8.69 -20.60
N PRO A 292 -0.29 9.09 -19.60
CA PRO A 292 -0.95 10.40 -19.67
C PRO A 292 0.02 11.55 -19.63
N LEU A 293 1.27 11.32 -19.24
CA LEU A 293 2.24 12.40 -19.13
C LEU A 293 2.48 13.06 -20.47
N THR A 294 2.46 12.29 -21.55
CA THR A 294 2.78 12.81 -22.87
C THR A 294 1.90 14.00 -23.25
N LYS A 295 0.67 14.04 -22.76
CA LYS A 295 -0.24 15.17 -22.98
C LYS A 295 -0.32 16.09 -21.78
N GLY A 296 -0.27 15.54 -20.56
CA GLY A 296 -0.36 16.37 -19.37
C GLY A 296 0.77 17.39 -19.29
N VAL A 297 1.99 16.97 -19.63
CA VAL A 297 3.13 17.86 -19.53
C VAL A 297 2.93 19.08 -20.43
N ASP A 298 2.56 18.83 -21.69
CA ASP A 298 2.41 19.95 -22.62
C ASP A 298 1.24 20.84 -22.26
N LEU A 299 0.11 20.25 -21.83
CA LEU A 299 -1.03 21.11 -21.47
C LEU A 299 -0.71 21.97 -20.26
N ARG A 300 -0.06 21.40 -19.24
CA ARG A 300 0.31 22.18 -18.08
C ARG A 300 1.33 23.25 -18.44
N ASN A 301 2.28 22.93 -19.32
CA ASN A 301 3.26 23.92 -19.74
C ASN A 301 2.58 25.08 -20.46
N ALA A 302 1.61 24.77 -21.34
CA ALA A 302 0.89 25.82 -22.04
C ALA A 302 0.13 26.70 -21.06
N GLN A 303 -0.55 26.09 -20.09
CA GLN A 303 -1.28 26.90 -19.11
C GLN A 303 -0.35 27.79 -18.31
N VAL A 304 0.80 27.26 -17.89
CA VAL A 304 1.77 28.04 -17.13
C VAL A 304 2.29 29.20 -17.97
N THR A 305 2.58 28.95 -19.25
CA THR A 305 3.05 30.02 -20.12
C THR A 305 2.00 31.10 -20.28
N GLU A 306 0.73 30.70 -20.44
CA GLU A 306 -0.35 31.68 -20.57
C GLU A 306 -0.47 32.53 -19.31
N LEU A 307 -0.39 31.90 -18.14
CA LEU A 307 -0.47 32.64 -16.89
C LEU A 307 0.70 33.61 -16.74
N LEU A 308 1.91 33.16 -17.08
CA LEU A 308 3.07 34.04 -17.00
C LEU A 308 2.92 35.25 -17.91
N GLN A 309 2.46 35.02 -19.15
CA GLN A 309 2.28 36.13 -20.07
C GLN A 309 1.22 37.10 -19.57
N ARG A 310 0.11 36.56 -19.06
CA ARG A 310 -0.96 37.41 -18.55
C ARG A 310 -0.48 38.26 -17.38
N LEU A 311 0.29 37.66 -16.46
CA LEU A 311 0.80 38.42 -15.32
C LEU A 311 1.79 39.48 -15.76
N LEU A 312 2.74 39.12 -16.63
CA LEU A 312 3.74 40.08 -17.05
C LEU A 312 3.16 41.22 -17.88
N HIS A 313 2.07 40.97 -18.60
CA HIS A 313 1.48 42.03 -19.42
C HIS A 313 1.00 43.20 -18.55
N ARG A 314 0.36 42.89 -17.43
CA ARG A 314 -0.06 43.93 -16.50
C ARG A 314 0.99 44.26 -15.44
N ALA A 315 2.11 43.53 -15.41
CA ALA A 315 3.15 43.78 -14.43
C ALA A 315 3.92 45.05 -14.66
N PHE A 316 3.72 45.72 -15.80
CA PHE A 316 4.44 46.94 -16.11
C PHE A 316 3.60 48.15 -15.72
N VAL A 317 4.15 49.01 -14.85
CA VAL A 317 3.50 50.24 -14.42
C VAL A 317 4.55 51.34 -14.33
N VAL A 318 4.07 52.58 -14.26
CA VAL A 318 4.93 53.76 -14.15
C VAL A 318 4.74 54.35 -12.76
N GLU A 319 5.83 54.39 -11.99
CA GLU A 319 5.75 54.94 -10.64
C GLU A 319 5.52 56.45 -10.66
N THR A 320 6.32 57.17 -11.44
CA THR A 320 6.26 58.63 -11.48
C THR A 320 6.07 59.09 -12.93
N GLN A 321 5.02 59.87 -13.16
CA GLN A 321 4.78 60.46 -14.45
C GLN A 321 5.77 61.59 -14.72
N PRO A 322 5.99 61.94 -16.00
CA PRO A 322 6.86 63.09 -16.31
C PRO A 322 6.40 64.36 -15.61
N CYS A 323 7.26 64.91 -14.76
CA CYS A 323 6.91 66.06 -13.94
C CYS A 323 7.97 67.14 -14.08
N MET A 324 7.59 68.36 -13.72
CA MET A 324 8.51 69.49 -13.70
C MET A 324 9.37 69.44 -12.44
N PRO A 325 10.70 69.32 -12.56
CA PRO A 325 11.52 69.29 -11.34
C PRO A 325 11.58 70.62 -10.62
N GLN A 326 11.74 71.73 -11.34
CA GLN A 326 11.88 73.03 -10.69
C GLN A 326 10.59 73.43 -9.97
N THR A 327 9.44 73.17 -10.58
CA THR A 327 8.14 73.54 -10.01
C THR A 327 7.32 72.26 -9.80
N PRO A 328 7.39 71.66 -8.61
CA PRO A 328 6.60 70.45 -8.34
C PRO A 328 5.13 70.73 -8.08
N HIS A 329 4.73 72.00 -7.95
CA HIS A 329 3.34 72.32 -7.64
C HIS A 329 2.41 71.88 -8.77
N ARG A 330 2.85 71.99 -10.02
CA ARG A 330 2.04 71.55 -11.15
C ARG A 330 2.59 70.24 -11.70
N PRO A 331 1.91 69.13 -11.53
CA PRO A 331 2.33 67.88 -12.15
C PRO A 331 1.65 67.65 -13.50
N LEU A 332 2.17 66.67 -14.24
CA LEU A 332 1.61 66.27 -15.53
C LEU A 332 1.56 67.45 -16.51
N ILE A 333 2.59 68.29 -16.47
CA ILE A 333 2.66 69.46 -17.33
C ILE A 333 4.00 69.45 -18.06
N LEU A 334 3.98 69.79 -19.35
CA LEU A 334 5.17 69.79 -20.18
C LEU A 334 5.41 71.18 -20.73
N LYS A 335 6.67 71.58 -20.78
CA LYS A 335 7.07 72.82 -21.42
C LYS A 335 8.22 72.54 -22.38
N THR A 336 8.27 73.31 -23.46
CA THR A 336 9.29 73.12 -24.48
C THR A 336 10.67 73.50 -23.96
N GLY A 337 11.67 72.72 -24.34
CA GLY A 337 13.05 73.02 -23.99
C GLY A 337 13.39 72.97 -22.52
N SER A 338 12.90 71.95 -21.81
CA SER A 338 13.22 71.78 -20.40
C SER A 338 13.33 70.30 -20.07
N LYS A 339 14.05 70.01 -18.99
CA LYS A 339 14.26 68.63 -18.56
C LYS A 339 13.07 68.15 -17.74
N PHE A 340 12.80 66.85 -17.81
CA PHE A 340 11.71 66.22 -17.08
C PHE A 340 12.21 64.99 -16.37
N THR A 341 11.57 64.65 -15.27
CA THR A 341 11.92 63.49 -14.47
C THR A 341 10.80 62.47 -14.53
N VAL A 342 11.12 61.24 -14.93
CA VAL A 342 10.17 60.15 -15.02
C VAL A 342 10.75 58.95 -14.28
N ARG A 343 9.89 58.18 -13.61
CA ARG A 343 10.30 56.99 -12.89
C ARG A 343 9.32 55.87 -13.19
N THR A 344 9.84 54.75 -13.69
CA THR A 344 9.06 53.55 -13.94
C THR A 344 9.69 52.39 -13.18
N ARG A 345 8.84 51.54 -12.63
CA ARG A 345 9.29 50.41 -11.83
C ARG A 345 8.63 49.13 -12.35
N LEU A 346 9.33 48.01 -12.14
CA LEU A 346 8.79 46.69 -12.42
C LEU A 346 8.44 46.03 -11.10
N LEU A 347 7.17 45.64 -10.94
CA LEU A 347 6.74 44.99 -9.72
C LEU A 347 7.41 43.64 -9.51
N VAL A 348 7.95 43.05 -10.57
CA VAL A 348 8.67 41.79 -10.47
C VAL A 348 10.16 42.08 -10.34
N ARG A 349 10.76 41.63 -9.23
CA ARG A 349 12.19 41.84 -8.97
C ARG A 349 13.02 40.64 -9.41
N LEU A 350 12.83 40.20 -10.65
CA LEU A 350 13.55 39.06 -11.19
C LEU A 350 14.22 39.46 -12.49
N GLN A 351 15.45 39.00 -12.68
CA GLN A 351 16.21 39.31 -13.88
C GLN A 351 17.39 38.35 -13.97
N GLU A 352 17.74 37.99 -15.21
CA GLU A 352 18.91 37.15 -15.41
C GLU A 352 20.17 37.88 -14.96
N GLY A 353 21.08 37.14 -14.34
CA GLY A 353 22.28 37.74 -13.78
C GLY A 353 23.36 38.07 -14.76
N ASN A 354 23.20 37.71 -16.04
CA ASN A 354 24.21 37.97 -17.05
C ASN A 354 23.76 38.95 -18.12
N GLU A 355 22.46 39.20 -18.27
CA GLU A 355 21.93 40.05 -19.32
C GLU A 355 21.38 41.34 -18.71
N SER A 356 21.83 42.48 -19.23
CA SER A 356 21.24 43.75 -18.85
C SER A 356 19.88 43.91 -19.52
N LEU A 357 19.01 44.69 -18.88
CA LEU A 357 17.64 44.82 -19.31
C LEU A 357 17.49 46.18 -19.97
N THR A 358 16.78 46.21 -21.10
CA THR A 358 16.75 47.37 -22.00
C THR A 358 15.35 47.93 -22.09
N VAL A 359 15.22 49.25 -21.91
CA VAL A 359 13.93 49.93 -21.92
C VAL A 359 13.99 51.09 -22.91
N GLU A 360 13.02 51.15 -23.82
CA GLU A 360 12.90 52.23 -24.78
C GLU A 360 11.67 53.06 -24.46
N VAL A 361 11.63 54.28 -25.02
CA VAL A 361 10.52 55.20 -24.82
C VAL A 361 10.08 55.77 -26.16
N SER A 362 8.83 56.23 -26.20
CA SER A 362 8.26 56.85 -27.39
C SER A 362 7.16 57.80 -26.95
N ILE A 363 6.82 58.74 -27.83
CA ILE A 363 5.81 59.75 -27.54
C ILE A 363 4.82 59.79 -28.72
N ASP A 364 3.53 59.75 -28.40
CA ASP A 364 2.46 59.85 -29.40
C ASP A 364 2.57 58.73 -30.44
N ARG A 365 2.44 57.49 -29.94
CA ARG A 365 2.47 56.33 -30.84
C ARG A 365 1.30 56.37 -31.83
N ASN A 366 0.11 56.70 -31.34
CA ASN A 366 -1.08 56.76 -32.18
C ASN A 366 -1.57 58.19 -32.27
N PRO A 367 -1.48 58.84 -33.42
CA PRO A 367 -1.92 60.22 -33.54
C PRO A 367 -3.40 60.30 -33.86
N PRO A 368 -4.04 61.43 -33.56
CA PRO A 368 -5.46 61.59 -33.90
C PRO A 368 -5.67 61.87 -35.38
N GLN A 369 -6.92 61.74 -35.81
CA GLN A 369 -7.29 61.94 -37.21
C GLN A 369 -7.80 63.35 -37.47
N LEU A 370 -7.73 64.25 -36.49
CA LEU A 370 -8.16 65.63 -36.66
C LEU A 370 -7.05 66.42 -37.36
N GLN A 371 -7.16 67.74 -37.35
CA GLN A 371 -6.11 68.60 -37.88
C GLN A 371 -4.79 68.29 -37.18
N GLY A 372 -3.70 68.39 -37.93
CA GLY A 372 -2.38 68.00 -37.45
C GLY A 372 -2.05 68.48 -36.05
N PHE A 373 -1.94 67.55 -35.12
CA PHE A 373 -1.71 67.86 -33.72
C PHE A 373 -0.25 68.23 -33.49
N ARG A 374 0.02 68.79 -32.31
CA ARG A 374 1.36 69.24 -31.97
C ARG A 374 2.25 68.05 -31.62
N LYS A 375 2.68 67.31 -32.63
CA LYS A 375 3.58 66.19 -32.41
C LYS A 375 4.92 66.70 -31.88
N PHE A 376 5.49 65.97 -30.93
CA PHE A 376 6.74 66.36 -30.31
C PHE A 376 7.75 65.21 -30.39
N ASN A 377 9.01 65.58 -30.56
CA ASN A 377 10.10 64.62 -30.69
C ASN A 377 11.03 64.72 -29.50
N ILE A 378 11.51 63.58 -29.03
CA ILE A 378 12.39 63.52 -27.86
C ILE A 378 13.82 63.78 -28.34
N LEU A 379 14.32 64.98 -28.05
CA LEU A 379 15.68 65.32 -28.45
C LEU A 379 16.71 64.47 -27.73
N THR A 380 16.49 64.22 -26.44
CA THR A 380 17.45 63.49 -25.63
C THR A 380 17.37 61.99 -25.92
N SER A 381 18.14 61.20 -25.18
CA SER A 381 18.19 59.77 -25.39
C SER A 381 16.87 59.12 -24.98
N ASN A 382 16.35 58.25 -25.84
CA ASN A 382 15.12 57.51 -25.57
C ASN A 382 15.40 56.12 -25.02
N GLN A 383 16.66 55.77 -24.78
CA GLN A 383 17.05 54.43 -24.34
C GLN A 383 17.91 54.54 -23.09
N LYS A 384 17.68 53.63 -22.14
CA LYS A 384 18.45 53.56 -20.92
C LYS A 384 18.77 52.11 -20.61
N THR A 385 19.92 51.86 -20.02
CA THR A 385 20.37 50.52 -19.67
C THR A 385 20.62 50.44 -18.17
N LEU A 386 20.16 49.36 -17.54
CA LEU A 386 20.32 49.16 -16.11
C LEU A 386 21.30 48.02 -15.83
N THR A 387 22.25 48.27 -14.94
CA THR A 387 23.19 47.22 -14.58
C THR A 387 22.49 46.13 -13.77
N PRO A 388 22.88 44.87 -13.96
CA PRO A 388 22.17 43.78 -13.27
C PRO A 388 22.18 43.90 -11.76
N GLU A 389 23.25 44.47 -11.18
CA GLU A 389 23.33 44.61 -9.73
C GLU A 389 22.34 45.64 -9.18
N LYS A 390 21.80 46.51 -10.03
CA LYS A 390 20.82 47.49 -9.56
C LYS A 390 19.53 46.83 -9.10
N GLY A 391 19.12 45.74 -9.75
CA GLY A 391 17.94 45.01 -9.30
C GLY A 391 18.10 44.48 -7.89
N GLN A 392 19.29 43.99 -7.56
CA GLN A 392 19.54 43.50 -6.20
C GLN A 392 19.67 44.65 -5.21
N SER A 393 20.41 45.70 -5.59
CA SER A 393 20.68 46.79 -4.66
C SER A 393 19.41 47.60 -4.34
N GLN A 394 18.68 48.01 -5.36
CA GLN A 394 17.48 48.82 -5.18
C GLN A 394 16.26 48.33 -5.96
N GLY A 395 16.44 47.53 -6.99
CA GLY A 395 15.32 47.02 -7.77
C GLY A 395 15.37 47.50 -9.20
N LEU A 396 14.34 47.10 -9.95
CA LEU A 396 14.21 47.48 -11.35
C LEU A 396 13.76 48.93 -11.45
N ILE A 397 14.70 49.85 -11.35
CA ILE A 397 14.41 51.28 -11.25
C ILE A 397 14.88 51.96 -12.53
N TRP A 398 13.98 52.70 -13.16
CA TRP A 398 14.27 53.45 -14.37
C TRP A 398 13.98 54.92 -14.13
N ASP A 399 15.02 55.75 -14.26
CA ASP A 399 14.92 57.19 -14.03
C ASP A 399 15.45 57.94 -15.23
N PHE A 400 14.62 58.84 -15.77
CA PHE A 400 15.02 59.73 -16.86
C PHE A 400 14.76 61.15 -16.38
N GLY A 401 15.74 61.75 -15.72
CA GLY A 401 15.64 63.08 -15.16
C GLY A 401 16.08 64.21 -16.06
N TYR A 402 16.35 63.94 -17.33
CA TYR A 402 16.83 64.97 -18.24
C TYR A 402 16.15 64.90 -19.60
N LEU A 403 15.07 64.12 -19.72
CA LEU A 403 14.31 64.03 -20.96
C LEU A 403 13.78 65.40 -21.38
N THR A 404 13.85 65.68 -22.69
CA THR A 404 13.34 66.92 -23.25
C THR A 404 12.46 66.62 -24.45
N LEU A 405 11.60 67.57 -24.79
CA LEU A 405 10.71 67.45 -25.94
C LEU A 405 10.80 68.73 -26.78
N VAL A 406 10.74 68.56 -28.09
CA VAL A 406 10.80 69.67 -29.02
C VAL A 406 9.65 69.56 -30.02
N GLU A 407 9.27 70.69 -30.60
CA GLU A 407 8.18 70.75 -31.57
C GLU A 407 8.73 70.57 -32.97
N GLN A 408 8.11 69.69 -33.75
CA GLN A 408 8.53 69.46 -35.12
C GLN A 408 8.07 70.59 -36.03
N GLY A 423 -7.89 75.01 -28.25
CA GLY A 423 -6.69 75.21 -29.04
C GLY A 423 -5.47 74.53 -28.46
N VAL A 424 -4.80 75.23 -27.53
CA VAL A 424 -3.63 74.64 -26.88
C VAL A 424 -4.02 73.44 -26.03
N THR A 425 -5.18 73.49 -25.37
CA THR A 425 -5.68 72.40 -24.56
C THR A 425 -7.02 71.93 -25.13
N GLU A 426 -6.95 71.04 -26.12
CA GLU A 426 -8.15 70.40 -26.65
C GLU A 426 -7.92 68.90 -26.69
N GLU A 427 -6.67 68.49 -26.88
CA GLU A 427 -6.27 67.08 -26.86
C GLU A 427 -4.97 66.96 -26.09
N LEU A 428 -4.75 65.77 -25.52
CA LEU A 428 -3.57 65.51 -24.71
C LEU A 428 -2.66 64.50 -25.40
N HIS A 429 -1.44 64.38 -24.87
CA HIS A 429 -0.42 63.51 -25.42
C HIS A 429 -0.05 62.43 -24.41
N ILE A 430 0.30 61.26 -24.92
CA ILE A 430 0.59 60.09 -24.10
C ILE A 430 2.01 59.61 -24.39
N ILE A 431 2.79 59.41 -23.34
CA ILE A 431 4.15 58.88 -23.44
C ILE A 431 4.10 57.39 -23.12
N SER A 432 4.76 56.58 -23.95
CA SER A 432 4.68 55.14 -23.83
C SER A 432 6.04 54.54 -23.50
N PHE A 433 6.03 53.43 -22.78
CA PHE A 433 7.23 52.73 -22.36
C PHE A 433 7.18 51.31 -22.93
N THR A 434 8.31 50.84 -23.45
CA THR A 434 8.38 49.52 -24.07
C THR A 434 9.63 48.79 -23.59
N VAL A 435 9.45 47.54 -23.18
CA VAL A 435 10.53 46.72 -22.63
C VAL A 435 10.43 45.30 -23.17
N LYS A 436 11.59 44.68 -23.41
CA LYS A 436 11.69 43.27 -23.76
C LYS A 436 12.21 42.53 -22.54
N TYR A 437 11.34 41.77 -21.88
CA TYR A 437 11.72 41.04 -20.68
C TYR A 437 12.17 39.63 -21.03
N THR A 438 13.38 39.27 -20.62
CA THR A 438 13.96 37.95 -20.90
C THR A 438 14.37 37.31 -19.59
N TYR A 439 13.97 36.05 -19.40
CA TYR A 439 14.36 35.28 -18.22
C TYR A 439 14.04 33.82 -18.48
N GLN A 440 15.03 32.95 -18.19
CA GLN A 440 14.89 31.51 -18.36
C GLN A 440 14.48 31.15 -19.79
N GLY A 441 14.96 31.93 -20.75
CA GLY A 441 14.71 31.65 -22.14
C GLY A 441 13.36 32.10 -22.67
N LEU A 442 12.54 32.76 -21.85
CA LEU A 442 11.25 33.27 -22.28
C LEU A 442 11.33 34.78 -22.44
N LYS A 443 10.91 35.26 -23.61
CA LYS A 443 10.94 36.68 -23.94
C LYS A 443 9.54 37.15 -24.32
N GLN A 444 9.11 38.26 -23.72
CA GLN A 444 7.79 38.82 -23.99
C GLN A 444 7.92 40.31 -24.26
N GLU A 445 7.17 40.80 -25.24
CA GLU A 445 7.09 42.23 -25.53
C GLU A 445 6.10 42.89 -24.59
N LEU A 446 6.55 43.97 -23.94
CA LEU A 446 5.74 44.67 -22.95
C LEU A 446 5.67 46.15 -23.30
N LYS A 447 4.46 46.71 -23.22
CA LYS A 447 4.23 48.13 -23.48
C LYS A 447 3.37 48.71 -22.37
N THR A 448 3.57 50.00 -22.08
CA THR A 448 2.75 50.68 -21.10
C THR A 448 2.65 52.16 -21.47
N ASP A 449 1.64 52.82 -20.92
CA ASP A 449 1.36 54.21 -21.21
C ASP A 449 1.25 54.99 -19.91
N THR A 450 1.60 56.28 -19.97
CA THR A 450 1.50 57.17 -18.84
C THR A 450 0.22 57.99 -18.94
N LEU A 451 -0.02 58.81 -17.91
CA LEU A 451 -1.21 59.66 -17.91
C LEU A 451 -1.09 60.72 -19.00
N PRO A 452 -2.20 61.07 -19.64
CA PRO A 452 -2.14 62.12 -20.68
C PRO A 452 -1.68 63.45 -20.11
N VAL A 453 -0.92 64.18 -20.93
CA VAL A 453 -0.34 65.46 -20.52
C VAL A 453 -0.57 66.48 -21.62
N VAL A 454 -0.41 67.75 -21.26
CA VAL A 454 -0.55 68.86 -22.18
C VAL A 454 0.77 69.62 -22.24
N ILE A 455 1.14 70.04 -23.45
CA ILE A 455 2.39 70.76 -23.68
C ILE A 455 2.07 72.25 -23.82
N ILE A 456 2.77 73.08 -23.07
CA ILE A 456 2.61 74.53 -23.13
C ILE A 456 3.94 75.14 -23.56
N SER A 457 3.86 76.09 -24.50
CA SER A 457 5.04 76.77 -25.00
C SER A 457 5.44 77.96 -24.14
N ASN A 458 4.65 78.33 -23.15
CA ASN A 458 4.97 79.47 -22.30
C ASN A 458 4.36 79.27 -20.92
N MET A 459 4.85 80.05 -19.95
CA MET A 459 4.43 79.91 -18.57
C MET A 459 3.05 80.53 -18.33
N ASN A 460 2.71 81.60 -19.05
CA ASN A 460 1.49 82.36 -18.74
C ASN A 460 0.23 81.53 -18.97
N GLN A 461 0.21 80.72 -20.03
CA GLN A 461 -1.01 79.98 -20.35
C GLN A 461 -1.31 78.88 -19.34
N LEU A 462 -0.35 78.58 -18.45
CA LEU A 462 -0.57 77.55 -17.44
C LEU A 462 -1.72 77.91 -16.50
N SER A 463 -1.98 79.21 -16.32
CA SER A 463 -3.04 79.64 -15.42
C SER A 463 -4.40 79.07 -15.82
N ILE A 464 -4.66 78.96 -17.11
CA ILE A 464 -5.88 78.31 -17.60
C ILE A 464 -5.63 76.86 -18.00
N ALA A 465 -4.39 76.48 -18.28
CA ALA A 465 -4.08 75.09 -18.57
C ALA A 465 -4.37 74.21 -17.35
N TRP A 466 -4.18 74.75 -16.15
CA TRP A 466 -4.50 74.00 -14.95
C TRP A 466 -5.99 73.64 -14.89
N ALA A 467 -6.85 74.62 -15.15
CA ALA A 467 -8.29 74.37 -15.14
C ALA A 467 -8.70 73.44 -16.25
N SER A 468 -8.09 73.59 -17.44
CA SER A 468 -8.40 72.69 -18.54
C SER A 468 -7.97 71.25 -18.21
N VAL A 469 -6.83 71.09 -17.53
CA VAL A 469 -6.38 69.77 -17.12
C VAL A 469 -7.35 69.18 -16.10
N LEU A 470 -7.83 70.01 -15.18
CA LEU A 470 -8.86 69.55 -14.24
C LEU A 470 -10.10 69.09 -14.97
N TRP A 471 -10.49 69.81 -16.03
CA TRP A 471 -11.67 69.44 -16.81
C TRP A 471 -11.55 68.03 -17.37
N PHE A 472 -10.34 67.64 -17.79
CA PHE A 472 -10.12 66.29 -18.25
C PHE A 472 -10.00 65.29 -17.09
N ASN A 473 -9.38 65.71 -16.00
CA ASN A 473 -9.03 64.76 -14.94
C ASN A 473 -10.22 64.37 -14.06
N LEU A 474 -11.13 65.29 -13.78
CA LEU A 474 -12.11 65.05 -12.71
C LEU A 474 -13.06 63.92 -13.06
N LEU A 475 -13.48 63.81 -14.33
CA LEU A 475 -14.52 62.87 -14.72
C LEU A 475 -14.14 62.15 -16.01
N SER A 476 -12.93 61.58 -16.06
CA SER A 476 -12.52 60.82 -17.23
C SER A 476 -12.66 59.34 -16.94
N PRO A 477 -13.59 58.63 -17.57
CA PRO A 477 -13.66 57.17 -17.39
C PRO A 477 -12.63 56.40 -18.19
N ASN A 478 -12.16 56.96 -19.30
CA ASN A 478 -11.14 56.32 -20.14
C ASN A 478 -9.85 57.13 -20.01
N LEU A 479 -8.80 56.49 -19.50
CA LEU A 479 -7.53 57.18 -19.32
C LEU A 479 -6.78 57.37 -20.64
N GLN A 480 -7.07 56.56 -21.66
CA GLN A 480 -6.38 56.66 -22.94
C GLN A 480 -7.12 57.53 -23.94
N ASN A 481 -8.23 58.13 -23.56
CA ASN A 481 -9.02 58.97 -24.48
C ASN A 481 -8.33 60.31 -24.63
N GLN A 482 -7.62 60.51 -25.75
CA GLN A 482 -6.94 61.77 -25.99
C GLN A 482 -7.89 62.88 -26.41
N GLN A 483 -9.10 62.53 -26.83
CA GLN A 483 -10.08 63.53 -27.25
C GLN A 483 -10.84 64.11 -26.06
N GLY A 497 -17.39 73.84 -4.32
CA GLY A 497 -17.67 72.90 -3.26
C GLY A 497 -16.65 71.77 -3.17
N PRO A 498 -16.91 70.67 -3.87
CA PRO A 498 -15.94 69.56 -3.88
C PRO A 498 -14.58 69.97 -4.43
N ALA A 499 -14.54 70.89 -5.39
CA ALA A 499 -13.27 71.33 -5.96
C ALA A 499 -12.42 72.09 -4.97
N LEU A 500 -13.02 72.61 -3.89
CA LEU A 500 -12.27 73.41 -2.91
C LEU A 500 -11.10 72.64 -2.33
N SER A 501 -11.19 71.31 -2.30
CA SER A 501 -10.07 70.50 -1.82
C SER A 501 -8.90 70.51 -2.79
N TRP A 502 -9.07 71.10 -3.98
CA TRP A 502 -8.00 71.15 -4.95
C TRP A 502 -7.63 72.56 -5.39
N GLN A 503 -8.62 73.44 -5.62
CA GLN A 503 -8.32 74.75 -6.19
C GLN A 503 -7.53 75.62 -5.21
N PHE A 504 -7.92 75.59 -3.93
CA PHE A 504 -7.28 76.45 -2.93
C PHE A 504 -6.78 75.66 -1.73
N SER A 505 -6.53 74.36 -1.90
CA SER A 505 -5.96 73.59 -0.80
C SER A 505 -4.54 74.02 -0.46
N SER A 506 -3.80 74.51 -1.44
CA SER A 506 -2.44 74.97 -1.23
C SER A 506 -2.42 76.29 -0.47
N THR B 8 -28.59 7.05 -40.71
CA THR B 8 -29.74 7.15 -39.83
C THR B 8 -29.64 8.36 -38.91
N LEU B 9 -30.70 8.60 -38.13
CA LEU B 9 -30.72 9.75 -37.24
C LEU B 9 -29.62 9.65 -36.19
N GLY B 10 -29.25 8.43 -35.79
CA GLY B 10 -28.15 8.27 -34.86
C GLY B 10 -26.85 8.82 -35.43
N GLU B 11 -26.62 8.61 -36.72
CA GLU B 11 -25.41 9.15 -37.35
C GLU B 11 -25.42 10.66 -37.32
N LYS B 12 -26.56 11.28 -37.60
CA LYS B 12 -26.66 12.74 -37.55
C LYS B 12 -26.42 13.24 -36.14
N TRP B 13 -26.98 12.56 -35.15
CA TRP B 13 -26.76 12.93 -33.76
C TRP B 13 -25.29 12.84 -33.39
N LYS B 14 -24.63 11.76 -33.82
CA LYS B 14 -23.21 11.59 -33.51
C LYS B 14 -22.37 12.68 -34.17
N ASN B 15 -22.66 13.00 -35.43
CA ASN B 15 -21.93 14.05 -36.12
C ASN B 15 -22.14 15.40 -35.42
N ARG B 16 -23.38 15.69 -35.04
CA ARG B 16 -23.66 16.93 -34.33
C ARG B 16 -22.89 17.01 -33.01
N LEU B 17 -22.88 15.92 -32.24
CA LEU B 17 -22.13 15.91 -30.99
C LEU B 17 -20.64 16.08 -31.25
N ASN B 18 -20.11 15.43 -32.28
CA ASN B 18 -18.70 15.56 -32.60
C ASN B 18 -18.34 16.99 -32.97
N ALA B 19 -19.22 17.68 -33.69
CA ALA B 19 -19.00 19.08 -34.05
C ALA B 19 -19.42 19.94 -32.87
N LEU B 20 -18.53 20.06 -31.89
CA LEU B 20 -18.78 20.86 -30.70
C LEU B 20 -17.46 21.25 -30.05
N GLY B 21 -17.54 22.22 -29.14
CA GLY B 21 -16.41 22.61 -28.34
C GLY B 21 -16.50 22.03 -26.92
N LYS B 22 -15.34 21.99 -26.27
CA LYS B 22 -15.24 21.39 -24.95
C LYS B 22 -16.10 22.14 -23.93
N SER B 23 -16.06 23.48 -23.98
CA SER B 23 -16.84 24.27 -23.04
C SER B 23 -18.33 24.02 -23.20
N GLU B 24 -18.80 23.93 -24.45
CA GLU B 24 -20.21 23.63 -24.67
C GLU B 24 -20.51 22.16 -24.34
N PHE B 25 -19.53 21.29 -24.56
CA PHE B 25 -19.72 19.86 -24.27
C PHE B 25 -19.97 19.67 -22.78
N GLN B 26 -19.19 20.34 -21.94
CA GLN B 26 -19.19 20.12 -20.50
C GLN B 26 -20.53 20.48 -19.87
N ILE B 27 -21.37 21.21 -20.60
CA ILE B 27 -22.65 21.65 -20.08
C ILE B 27 -23.77 20.74 -20.59
N TYR B 28 -23.53 20.04 -21.70
CA TYR B 28 -24.56 19.20 -22.29
C TYR B 28 -24.82 17.95 -21.46
N LYS B 29 -23.79 17.49 -20.73
CA LYS B 29 -23.85 16.21 -20.03
C LYS B 29 -25.03 16.13 -19.07
N LYS B 30 -25.20 17.14 -18.22
CA LYS B 30 -26.26 17.13 -17.21
C LYS B 30 -27.38 18.06 -17.63
N SER B 31 -28.41 17.50 -18.28
CA SER B 31 -29.54 18.31 -18.72
C SER B 31 -30.86 17.58 -18.50
N GLY B 32 -30.94 16.76 -17.47
CA GLY B 32 -32.14 15.98 -17.21
C GLY B 32 -31.84 14.58 -16.71
N ILE B 33 -30.56 14.26 -16.60
CA ILE B 33 -30.13 12.98 -16.05
C ILE B 33 -30.35 12.98 -14.54
N GLN B 34 -30.29 11.80 -13.92
CA GLN B 34 -30.45 11.68 -12.48
C GLN B 34 -29.12 11.28 -11.88
N GLU B 35 -28.64 12.06 -10.91
CA GLU B 35 -27.35 11.84 -10.29
C GLU B 35 -27.51 11.29 -8.88
N VAL B 36 -26.44 10.72 -8.36
CA VAL B 36 -26.39 10.19 -7.00
C VAL B 36 -25.35 10.96 -6.22
N ASP B 37 -25.75 11.48 -5.06
CA ASP B 37 -24.86 12.32 -4.26
C ASP B 37 -23.79 11.50 -3.56
N ARG B 38 -22.60 11.43 -4.16
CA ARG B 38 -21.46 10.71 -3.58
C ARG B 38 -20.58 11.59 -2.72
N THR B 39 -21.13 12.66 -2.15
CA THR B 39 -20.32 13.59 -1.36
C THR B 39 -19.78 12.96 -0.09
N LEU B 40 -20.35 11.84 0.35
CA LEU B 40 -19.92 11.19 1.58
C LEU B 40 -19.20 9.87 1.35
N ALA B 41 -19.54 9.16 0.27
CA ALA B 41 -18.97 7.83 0.04
C ALA B 41 -17.47 7.89 -0.19
N LYS B 42 -17.00 8.92 -0.91
CA LYS B 42 -15.57 8.99 -1.21
C LYS B 42 -14.74 9.06 0.07
N GLU B 43 -15.05 10.01 0.95
CA GLU B 43 -14.26 10.12 2.17
C GLU B 43 -14.61 9.06 3.21
N GLY B 44 -15.77 8.41 3.07
CA GLY B 44 -16.02 7.23 3.89
C GLY B 44 -15.08 6.09 3.53
N ILE B 45 -14.91 5.86 2.23
CA ILE B 45 -14.01 4.81 1.78
C ILE B 45 -12.55 5.18 2.03
N LYS B 46 -12.21 6.46 1.89
CA LYS B 46 -10.82 6.88 1.99
C LYS B 46 -10.24 6.57 3.37
N ARG B 47 -11.03 6.81 4.43
CA ARG B 47 -10.52 6.59 5.77
C ARG B 47 -10.37 5.11 6.12
N GLY B 48 -10.97 4.21 5.35
CA GLY B 48 -10.85 2.79 5.59
C GLY B 48 -12.12 2.08 6.00
N GLU B 49 -13.27 2.75 5.94
CA GLU B 49 -14.53 2.09 6.26
C GLU B 49 -14.81 0.97 5.28
N THR B 50 -15.42 -0.11 5.76
CA THR B 50 -15.68 -1.28 4.94
C THR B 50 -17.12 -1.78 5.10
N ASP B 51 -18.07 -0.86 5.29
CA ASP B 51 -19.47 -1.24 5.38
C ASP B 51 -20.34 -0.02 5.11
N HIS B 52 -21.61 -0.28 4.85
CA HIS B 52 -22.63 0.76 4.62
C HIS B 52 -22.31 1.65 3.43
N HIS B 53 -21.48 1.19 2.50
CA HIS B 53 -21.03 2.05 1.40
C HIS B 53 -21.12 1.30 0.09
N ALA B 54 -21.26 2.06 -0.99
CA ALA B 54 -21.29 1.52 -2.34
C ALA B 54 -19.94 1.81 -3.00
N VAL B 55 -19.30 0.75 -3.52
CA VAL B 55 -17.96 0.89 -4.06
C VAL B 55 -17.97 1.72 -5.35
N SER B 56 -18.97 1.50 -6.20
CA SER B 56 -19.04 2.17 -7.48
C SER B 56 -20.46 2.68 -7.72
N ARG B 57 -20.65 3.31 -8.89
CA ARG B 57 -21.93 3.91 -9.20
C ARG B 57 -22.91 2.91 -9.77
N GLY B 58 -22.45 1.71 -10.14
CA GLY B 58 -23.32 0.77 -10.84
C GLY B 58 -24.36 0.14 -9.95
N SER B 59 -24.24 0.30 -8.63
CA SER B 59 -25.21 -0.29 -7.72
C SER B 59 -26.60 0.29 -7.94
N ALA B 60 -26.70 1.61 -8.10
CA ALA B 60 -28.00 2.21 -8.38
C ALA B 60 -28.51 1.84 -9.76
N LYS B 61 -27.59 1.72 -10.73
CA LYS B 61 -27.99 1.35 -12.08
C LYS B 61 -28.65 -0.01 -12.11
N LEU B 62 -28.03 -0.99 -11.42
CA LEU B 62 -28.63 -2.33 -11.39
C LEU B 62 -29.87 -2.34 -10.50
N ARG B 63 -29.88 -1.55 -9.44
CA ARG B 63 -31.03 -1.47 -8.56
C ARG B 63 -32.27 -1.02 -9.32
N TRP B 64 -32.12 -0.03 -10.19
CA TRP B 64 -33.26 0.45 -10.96
C TRP B 64 -33.90 -0.66 -11.76
N PHE B 65 -33.10 -1.56 -12.34
CA PHE B 65 -33.66 -2.70 -13.05
C PHE B 65 -34.32 -3.69 -12.09
N VAL B 66 -33.65 -4.00 -10.98
CA VAL B 66 -34.16 -5.07 -10.12
C VAL B 66 -35.48 -4.67 -9.47
N GLU B 67 -35.58 -3.44 -8.96
CA GLU B 67 -36.82 -3.02 -8.29
C GLU B 67 -38.00 -3.05 -9.26
N ARG B 68 -37.76 -2.69 -10.52
CA ARG B 68 -38.80 -2.73 -11.53
C ARG B 68 -38.94 -4.12 -12.17
N ASN B 69 -38.44 -5.14 -11.48
CA ASN B 69 -38.54 -6.56 -11.82
C ASN B 69 -38.39 -6.85 -13.31
N LEU B 70 -37.44 -6.18 -13.96
CA LEU B 70 -37.11 -6.51 -15.34
C LEU B 70 -36.32 -7.81 -15.43
N VAL B 71 -35.34 -7.98 -14.54
CA VAL B 71 -34.56 -9.20 -14.46
C VAL B 71 -34.47 -9.61 -12.99
N THR B 72 -34.72 -10.88 -12.71
CA THR B 72 -34.76 -11.37 -11.33
C THR B 72 -33.64 -12.38 -11.10
N PRO B 73 -32.53 -11.99 -10.48
CA PRO B 73 -31.43 -12.94 -10.25
C PRO B 73 -31.85 -14.04 -9.29
N GLU B 74 -31.28 -15.22 -9.50
CA GLU B 74 -31.52 -16.36 -8.63
C GLU B 74 -30.45 -17.41 -8.89
N GLY B 75 -30.37 -18.38 -7.99
CA GLY B 75 -29.42 -19.47 -8.15
C GLY B 75 -27.99 -18.97 -8.12
N LYS B 76 -27.20 -19.37 -9.11
CA LYS B 76 -25.81 -18.99 -9.23
C LYS B 76 -25.66 -17.88 -10.26
N VAL B 77 -24.86 -16.86 -9.92
CA VAL B 77 -24.70 -15.67 -10.75
C VAL B 77 -23.23 -15.55 -11.14
N VAL B 78 -22.99 -15.31 -12.43
CA VAL B 78 -21.65 -15.15 -12.97
C VAL B 78 -21.52 -13.74 -13.55
N ASP B 79 -20.54 -12.99 -13.07
CA ASP B 79 -20.30 -11.62 -13.52
C ASP B 79 -19.04 -11.58 -14.38
N LEU B 80 -19.15 -10.99 -15.56
CA LEU B 80 -18.04 -10.90 -16.50
C LEU B 80 -17.55 -9.46 -16.53
N GLY B 81 -16.26 -9.27 -16.25
CA GLY B 81 -15.70 -7.94 -16.20
C GLY B 81 -16.30 -7.10 -15.09
N CYS B 82 -16.09 -7.53 -13.84
CA CYS B 82 -16.72 -6.88 -12.71
C CYS B 82 -16.06 -5.54 -12.36
N GLY B 83 -14.82 -5.33 -12.78
CA GLY B 83 -14.14 -4.10 -12.40
C GLY B 83 -13.95 -4.02 -10.90
N ARG B 84 -14.37 -2.91 -10.31
CA ARG B 84 -14.27 -2.77 -8.86
C ARG B 84 -15.23 -3.70 -8.15
N GLY B 85 -16.41 -3.93 -8.71
CA GLY B 85 -17.28 -4.97 -8.21
C GLY B 85 -18.58 -4.51 -7.59
N GLY B 86 -19.15 -3.41 -8.10
CA GLY B 86 -20.41 -2.92 -7.55
C GLY B 86 -21.56 -3.90 -7.76
N TRP B 87 -21.68 -4.42 -8.98
CA TRP B 87 -22.82 -5.28 -9.31
C TRP B 87 -22.77 -6.58 -8.49
N SER B 88 -21.60 -7.18 -8.36
CA SER B 88 -21.49 -8.42 -7.61
C SER B 88 -21.81 -8.19 -6.13
N TYR B 89 -21.30 -7.11 -5.55
CA TYR B 89 -21.56 -6.83 -4.14
C TYR B 89 -23.04 -6.58 -3.91
N TYR B 90 -23.70 -5.85 -4.82
CA TYR B 90 -25.13 -5.65 -4.66
C TYR B 90 -25.89 -6.97 -4.78
N CYS B 91 -25.50 -7.82 -5.74
CA CYS B 91 -26.23 -9.07 -5.93
C CYS B 91 -26.03 -10.03 -4.75
N GLY B 92 -24.90 -9.93 -4.06
CA GLY B 92 -24.63 -10.83 -2.97
C GLY B 92 -25.65 -10.74 -1.84
N GLY B 93 -26.17 -9.54 -1.60
CA GLY B 93 -27.10 -9.31 -0.52
C GLY B 93 -28.55 -9.63 -0.81
N LEU B 94 -28.86 -10.11 -2.01
CA LEU B 94 -30.24 -10.46 -2.35
C LEU B 94 -30.64 -11.73 -1.62
N LYS B 95 -31.82 -12.26 -1.93
CA LYS B 95 -32.38 -13.39 -1.20
C LYS B 95 -32.09 -14.73 -1.85
N ASN B 96 -32.39 -14.88 -3.14
CA ASN B 96 -32.26 -16.16 -3.82
C ASN B 96 -30.87 -16.45 -4.33
N VAL B 97 -29.95 -15.49 -4.23
CA VAL B 97 -28.59 -15.69 -4.74
C VAL B 97 -27.87 -16.67 -3.84
N LYS B 98 -27.17 -17.63 -4.45
CA LYS B 98 -26.43 -18.64 -3.70
C LYS B 98 -24.92 -18.53 -3.84
N GLU B 99 -24.42 -17.97 -4.94
CA GLU B 99 -22.99 -17.86 -5.17
C GLU B 99 -22.75 -16.88 -6.31
N VAL B 100 -21.76 -16.01 -6.13
CA VAL B 100 -21.40 -15.01 -7.12
C VAL B 100 -19.94 -15.17 -7.49
N LYS B 101 -19.65 -15.25 -8.79
CA LYS B 101 -18.30 -15.40 -9.30
C LYS B 101 -18.02 -14.29 -10.30
N GLY B 102 -16.88 -13.64 -10.14
CA GLY B 102 -16.52 -12.53 -11.00
C GLY B 102 -15.12 -12.66 -11.57
N LEU B 103 -14.99 -12.35 -12.85
CA LEU B 103 -13.71 -12.39 -13.54
C LEU B 103 -13.40 -11.02 -14.11
N THR B 104 -12.15 -10.59 -13.98
CA THR B 104 -11.71 -9.27 -14.42
C THR B 104 -10.32 -9.38 -15.01
N LYS B 105 -9.95 -8.38 -15.80
CA LYS B 105 -8.63 -8.30 -16.45
C LYS B 105 -7.91 -7.10 -15.86
N GLY B 106 -7.13 -7.34 -14.80
CA GLY B 106 -6.46 -6.27 -14.10
C GLY B 106 -5.23 -5.75 -14.83
N GLY B 107 -4.48 -4.87 -14.19
CA GLY B 107 -3.29 -4.30 -14.78
C GLY B 107 -3.38 -2.80 -14.93
N PRO B 108 -2.32 -2.18 -15.45
CA PRO B 108 -2.33 -0.73 -15.63
C PRO B 108 -3.46 -0.28 -16.55
N GLY B 109 -4.03 0.88 -16.24
CA GLY B 109 -5.13 1.39 -17.03
C GLY B 109 -6.44 0.66 -16.83
N HIS B 110 -6.52 -0.26 -15.88
CA HIS B 110 -7.73 -1.02 -15.63
C HIS B 110 -8.02 -1.05 -14.14
N GLU B 111 -9.31 -1.14 -13.81
CA GLU B 111 -9.75 -1.20 -12.42
C GLU B 111 -9.50 -2.60 -11.85
N GLU B 112 -9.17 -2.63 -10.55
CA GLU B 112 -8.98 -3.88 -9.83
C GLU B 112 -10.03 -3.98 -8.74
N PRO B 113 -10.43 -5.19 -8.37
CA PRO B 113 -11.40 -5.34 -7.28
C PRO B 113 -10.81 -4.89 -5.96
N ILE B 114 -11.69 -4.49 -5.05
CA ILE B 114 -11.28 -4.09 -3.71
C ILE B 114 -12.11 -4.86 -2.69
N PRO B 115 -11.58 -5.14 -1.50
CA PRO B 115 -12.33 -5.93 -0.51
C PRO B 115 -13.27 -5.08 0.32
N MET B 116 -14.41 -5.67 0.66
CA MET B 116 -15.42 -4.98 1.43
C MET B 116 -16.21 -6.01 2.23
N SER B 117 -16.87 -5.54 3.29
CA SER B 117 -17.51 -6.41 4.28
C SER B 117 -18.97 -6.04 4.45
N THR B 118 -19.69 -5.87 3.34
CA THR B 118 -21.11 -5.56 3.40
C THR B 118 -21.90 -6.85 3.66
N TYR B 119 -23.22 -6.76 3.54
CA TYR B 119 -24.08 -7.90 3.82
C TYR B 119 -23.80 -9.04 2.85
N GLY B 120 -23.71 -10.25 3.39
CA GLY B 120 -23.45 -11.43 2.55
C GLY B 120 -22.14 -11.36 1.79
N TRP B 121 -21.07 -10.93 2.44
CA TRP B 121 -19.79 -10.79 1.77
C TRP B 121 -19.04 -12.11 1.64
N ASN B 122 -19.49 -13.18 2.31
CA ASN B 122 -18.79 -14.45 2.22
C ASN B 122 -19.23 -15.30 1.03
N LEU B 123 -20.28 -14.89 0.31
CA LEU B 123 -20.75 -15.62 -0.85
C LEU B 123 -20.17 -15.12 -2.16
N VAL B 124 -19.32 -14.10 -2.12
CA VAL B 124 -18.82 -13.44 -3.32
C VAL B 124 -17.33 -13.72 -3.46
N ARG B 125 -16.93 -14.20 -4.64
CA ARG B 125 -15.54 -14.48 -4.94
C ARG B 125 -15.16 -13.77 -6.24
N LEU B 126 -14.05 -13.06 -6.23
CA LEU B 126 -13.59 -12.31 -7.39
C LEU B 126 -12.17 -12.72 -7.76
N GLN B 127 -11.87 -12.66 -9.05
CA GLN B 127 -10.53 -12.96 -9.55
C GLN B 127 -10.02 -11.81 -10.41
N SER B 128 -8.70 -11.74 -10.51
CA SER B 128 -8.03 -10.69 -11.27
C SER B 128 -7.04 -11.31 -12.24
N GLY B 129 -6.73 -10.56 -13.30
CA GLY B 129 -5.76 -11.01 -14.29
C GLY B 129 -6.21 -12.23 -15.06
N VAL B 130 -7.50 -12.31 -15.40
CA VAL B 130 -8.05 -13.41 -16.19
C VAL B 130 -8.75 -12.82 -17.39
N ASP B 131 -8.45 -13.34 -18.58
CA ASP B 131 -9.07 -12.84 -19.80
C ASP B 131 -10.29 -13.68 -20.13
N VAL B 132 -11.43 -12.99 -20.29
CA VAL B 132 -12.69 -13.68 -20.51
C VAL B 132 -12.77 -14.32 -21.88
N PHE B 133 -12.16 -13.72 -22.90
CA PHE B 133 -12.35 -14.15 -24.28
C PHE B 133 -11.87 -15.57 -24.55
N PHE B 134 -10.96 -16.12 -23.75
CA PHE B 134 -10.50 -17.48 -23.92
C PHE B 134 -10.68 -18.27 -22.63
N THR B 135 -11.89 -18.18 -22.06
CA THR B 135 -12.23 -18.91 -20.86
C THR B 135 -13.34 -19.91 -21.16
N PRO B 136 -13.14 -21.18 -20.84
CA PRO B 136 -14.17 -22.19 -21.13
C PRO B 136 -15.46 -21.89 -20.39
N PRO B 137 -16.61 -22.13 -21.02
CA PRO B 137 -17.89 -21.89 -20.34
C PRO B 137 -18.10 -22.86 -19.20
N GLU B 138 -18.90 -22.44 -18.23
CA GLU B 138 -19.30 -23.26 -17.10
C GLU B 138 -20.78 -23.05 -16.82
N LYS B 139 -21.36 -23.94 -16.03
CA LYS B 139 -22.77 -23.87 -15.71
C LYS B 139 -23.08 -22.63 -14.91
N CYS B 140 -24.20 -21.98 -15.24
CA CYS B 140 -24.65 -20.79 -14.54
C CYS B 140 -26.14 -20.64 -14.73
N ASP B 141 -26.75 -19.84 -13.85
CA ASP B 141 -28.18 -19.57 -13.92
C ASP B 141 -28.53 -18.13 -14.21
N THR B 142 -27.62 -17.18 -13.98
CA THR B 142 -27.84 -15.79 -14.33
C THR B 142 -26.53 -15.23 -14.86
N LEU B 143 -26.62 -14.42 -15.91
CA LEU B 143 -25.44 -13.90 -16.60
C LEU B 143 -25.50 -12.39 -16.69
N LEU B 144 -24.43 -11.72 -16.27
CA LEU B 144 -24.32 -10.28 -16.30
C LEU B 144 -23.06 -9.90 -17.07
N CYS B 145 -23.18 -8.95 -17.99
CA CYS B 145 -22.04 -8.47 -18.77
C CYS B 145 -22.14 -6.97 -18.95
N ASP B 146 -21.09 -6.26 -18.56
CA ASP B 146 -21.04 -4.80 -18.60
C ASP B 146 -19.71 -4.34 -19.18
N ILE B 147 -19.33 -4.92 -20.32
CA ILE B 147 -18.06 -4.63 -20.97
C ILE B 147 -18.32 -3.79 -22.21
N GLY B 148 -17.36 -2.92 -22.53
CA GLY B 148 -17.48 -2.06 -23.69
C GLY B 148 -16.83 -0.70 -23.51
N GLU B 149 -16.20 -0.19 -24.56
CA GLU B 149 -15.55 1.11 -24.53
C GLU B 149 -15.96 1.94 -25.73
N SER B 150 -16.04 3.25 -25.55
CA SER B 150 -16.49 4.16 -26.59
C SER B 150 -15.32 4.60 -27.47
N SER B 151 -15.65 5.09 -28.66
CA SER B 151 -14.66 5.58 -29.61
C SER B 151 -15.35 6.48 -30.62
N PRO B 152 -14.72 7.57 -31.06
CA PRO B 152 -15.35 8.43 -32.08
C PRO B 152 -15.71 7.69 -33.37
N ASN B 153 -14.92 6.70 -33.76
CA ASN B 153 -15.23 5.96 -34.98
C ASN B 153 -16.38 5.01 -34.71
N PRO B 154 -17.47 5.08 -35.48
CA PRO B 154 -18.58 4.14 -35.26
C PRO B 154 -18.25 2.72 -35.70
N THR B 155 -17.36 2.55 -36.67
CA THR B 155 -17.08 1.20 -37.18
C THR B 155 -16.37 0.34 -36.13
N VAL B 156 -15.40 0.92 -35.42
CA VAL B 156 -14.71 0.15 -34.39
C VAL B 156 -15.68 -0.18 -33.25
N GLU B 157 -16.59 0.73 -32.94
CA GLU B 157 -17.61 0.45 -31.94
C GLU B 157 -18.50 -0.71 -32.38
N ALA B 158 -18.89 -0.72 -33.65
CA ALA B 158 -19.70 -1.82 -34.17
C ALA B 158 -18.93 -3.14 -34.09
N GLY B 159 -17.65 -3.12 -34.42
CA GLY B 159 -16.85 -4.33 -34.30
C GLY B 159 -16.75 -4.82 -32.88
N ARG B 160 -16.55 -3.91 -31.93
CA ARG B 160 -16.49 -4.30 -30.52
C ARG B 160 -17.82 -4.89 -30.05
N THR B 161 -18.93 -4.27 -30.47
CA THR B 161 -20.24 -4.80 -30.10
C THR B 161 -20.45 -6.19 -30.67
N LEU B 162 -20.04 -6.40 -31.92
CA LEU B 162 -20.18 -7.73 -32.53
C LEU B 162 -19.32 -8.76 -31.79
N ARG B 163 -18.10 -8.39 -31.42
CA ARG B 163 -17.24 -9.32 -30.69
C ARG B 163 -17.86 -9.67 -29.33
N VAL B 164 -18.40 -8.67 -28.63
CA VAL B 164 -19.03 -8.92 -27.34
C VAL B 164 -20.23 -9.85 -27.51
N LEU B 165 -21.05 -9.61 -28.53
CA LEU B 165 -22.22 -10.46 -28.74
C LEU B 165 -21.82 -11.89 -29.07
N ASN B 166 -20.80 -12.06 -29.91
CA ASN B 166 -20.34 -13.39 -30.25
C ASN B 166 -19.76 -14.11 -29.04
N LEU B 167 -19.03 -13.38 -28.18
CA LEU B 167 -18.53 -13.98 -26.95
C LEU B 167 -19.68 -14.41 -26.05
N VAL B 168 -20.70 -13.57 -25.91
CA VAL B 168 -21.74 -13.87 -24.94
C VAL B 168 -22.67 -14.96 -25.45
N GLU B 169 -22.80 -15.12 -26.77
CA GLU B 169 -23.79 -16.04 -27.31
C GLU B 169 -23.59 -17.47 -26.80
N ASN B 170 -22.33 -17.89 -26.65
CA ASN B 170 -22.02 -19.27 -26.29
C ASN B 170 -22.53 -19.64 -24.90
N TRP B 171 -22.72 -18.69 -23.99
CA TRP B 171 -23.04 -19.01 -22.61
C TRP B 171 -24.53 -19.25 -22.35
N LEU B 172 -25.43 -18.59 -23.06
CA LEU B 172 -26.84 -18.66 -22.71
C LEU B 172 -27.43 -20.02 -23.04
N ASN B 173 -28.41 -20.42 -22.24
CA ASN B 173 -29.28 -21.55 -22.49
C ASN B 173 -30.72 -21.05 -22.57
N ASN B 174 -31.67 -21.99 -22.58
CA ASN B 174 -33.07 -21.61 -22.72
C ASN B 174 -33.65 -21.01 -21.45
N ASN B 175 -33.08 -21.31 -20.28
CA ASN B 175 -33.69 -20.92 -19.01
C ASN B 175 -32.70 -20.19 -18.12
N THR B 176 -31.98 -19.22 -18.70
CA THR B 176 -31.00 -18.43 -17.94
C THR B 176 -31.36 -16.96 -18.05
N GLN B 177 -31.42 -16.28 -16.91
CA GLN B 177 -31.67 -14.85 -16.90
C GLN B 177 -30.40 -14.10 -17.28
N PHE B 178 -30.57 -13.01 -18.02
CA PHE B 178 -29.43 -12.29 -18.58
C PHE B 178 -29.66 -10.78 -18.54
N CYS B 179 -28.55 -10.04 -18.52
CA CYS B 179 -28.58 -8.59 -18.61
C CYS B 179 -27.26 -8.15 -19.23
N ILE B 180 -27.28 -7.85 -20.53
CA ILE B 180 -26.07 -7.56 -21.30
C ILE B 180 -26.17 -6.15 -21.82
N LYS B 181 -25.08 -5.39 -21.70
CA LYS B 181 -25.04 -4.02 -22.20
C LYS B 181 -24.62 -4.01 -23.66
N VAL B 182 -25.39 -3.31 -24.49
CA VAL B 182 -25.07 -3.10 -25.89
C VAL B 182 -24.77 -1.62 -26.09
N LEU B 183 -23.71 -1.32 -26.83
CA LEU B 183 -23.16 0.02 -26.89
C LEU B 183 -23.68 0.83 -28.08
N ASN B 184 -23.64 0.29 -29.29
CA ASN B 184 -23.97 1.02 -30.50
C ASN B 184 -25.04 0.25 -31.28
N PRO B 185 -26.31 0.44 -30.92
CA PRO B 185 -27.40 -0.31 -31.56
C PRO B 185 -28.13 0.41 -32.69
N TYR B 186 -27.65 1.56 -33.16
CA TYR B 186 -28.37 2.34 -34.14
C TYR B 186 -27.87 2.17 -35.57
N MET B 187 -26.97 1.22 -35.83
CA MET B 187 -26.50 1.08 -37.19
C MET B 187 -26.61 -0.36 -37.67
N PRO B 188 -26.86 -0.59 -38.96
CA PRO B 188 -27.55 -1.83 -39.38
C PRO B 188 -26.85 -3.14 -39.05
N SER B 189 -25.51 -3.18 -39.13
CA SER B 189 -24.80 -4.46 -38.97
C SER B 189 -24.96 -5.04 -37.57
N VAL B 190 -25.36 -4.25 -36.59
CA VAL B 190 -25.63 -4.75 -35.25
C VAL B 190 -27.11 -5.09 -35.15
N ILE B 191 -27.94 -4.34 -35.87
CA ILE B 191 -29.38 -4.57 -35.83
C ILE B 191 -29.72 -5.94 -36.40
N GLU B 192 -29.13 -6.28 -37.55
CA GLU B 192 -29.39 -7.58 -38.14
C GLU B 192 -28.93 -8.72 -37.23
N LYS B 193 -27.77 -8.56 -36.60
CA LYS B 193 -27.29 -9.59 -35.68
C LYS B 193 -28.25 -9.74 -34.50
N MET B 194 -28.73 -8.62 -33.95
CA MET B 194 -29.61 -8.69 -32.81
C MET B 194 -30.98 -9.25 -33.16
N GLU B 195 -31.40 -9.16 -34.42
CA GLU B 195 -32.68 -9.74 -34.81
C GLU B 195 -32.73 -11.24 -34.49
N ALA B 196 -31.71 -11.99 -34.92
CA ALA B 196 -31.70 -13.42 -34.69
C ALA B 196 -31.63 -13.74 -33.20
N LEU B 197 -30.84 -12.97 -32.45
CA LEU B 197 -30.74 -13.21 -31.01
C LEU B 197 -32.08 -13.00 -30.32
N GLN B 198 -32.78 -11.92 -30.68
CA GLN B 198 -34.08 -11.67 -30.05
C GLN B 198 -35.09 -12.72 -30.47
N ARG B 199 -35.01 -13.20 -31.72
CA ARG B 199 -35.89 -14.29 -32.14
C ARG B 199 -35.63 -15.55 -31.33
N LYS B 200 -34.37 -15.86 -31.07
CA LYS B 200 -34.04 -17.12 -30.39
C LYS B 200 -34.35 -17.06 -28.91
N TYR B 201 -34.03 -15.94 -28.25
CA TYR B 201 -34.05 -15.89 -26.79
C TYR B 201 -35.00 -14.86 -26.19
N GLY B 202 -35.65 -14.03 -27.01
CA GLY B 202 -36.58 -13.09 -26.43
C GLY B 202 -35.89 -11.93 -25.74
N GLY B 203 -36.71 -11.09 -25.10
CA GLY B 203 -36.21 -9.88 -24.49
C GLY B 203 -36.33 -8.68 -25.41
N ALA B 204 -35.78 -7.56 -24.94
CA ALA B 204 -35.81 -6.31 -25.69
C ALA B 204 -34.71 -5.41 -25.17
N LEU B 205 -34.76 -4.15 -25.59
CA LEU B 205 -33.81 -3.13 -25.15
C LEU B 205 -34.55 -2.01 -24.43
N VAL B 206 -33.94 -1.51 -23.35
CA VAL B 206 -34.48 -0.39 -22.58
C VAL B 206 -33.32 0.51 -22.17
N ARG B 207 -33.62 1.78 -21.92
CA ARG B 207 -32.62 2.75 -21.51
C ARG B 207 -32.69 3.02 -20.01
N ASN B 208 -31.52 3.08 -19.37
CA ASN B 208 -31.42 3.42 -17.97
C ASN B 208 -31.42 4.93 -17.81
N PRO B 209 -32.39 5.51 -17.08
CA PRO B 209 -32.40 6.98 -16.94
C PRO B 209 -31.16 7.55 -16.29
N LEU B 210 -30.53 6.81 -15.37
CA LEU B 210 -29.38 7.34 -14.64
C LEU B 210 -28.14 7.51 -15.51
N SER B 211 -28.14 6.96 -16.72
CA SER B 211 -26.96 7.05 -17.58
C SER B 211 -26.73 8.49 -18.02
N ARG B 212 -25.46 8.83 -18.24
CA ARG B 212 -25.11 10.16 -18.70
C ARG B 212 -25.66 10.40 -20.10
N ASN B 213 -25.77 11.68 -20.47
CA ASN B 213 -26.32 12.06 -21.75
C ASN B 213 -25.32 11.95 -22.90
N SER B 214 -24.05 11.75 -22.60
CA SER B 214 -23.04 11.67 -23.66
C SER B 214 -23.17 10.38 -24.46
N THR B 215 -23.51 9.29 -23.81
CA THR B 215 -23.50 7.98 -24.46
C THR B 215 -24.89 7.57 -24.92
N HIS B 216 -24.92 6.72 -25.95
CA HIS B 216 -26.15 6.17 -26.51
C HIS B 216 -26.33 4.70 -26.17
N GLU B 217 -25.78 4.24 -25.05
CA GLU B 217 -25.80 2.83 -24.73
C GLU B 217 -27.20 2.37 -24.33
N MET B 218 -27.44 1.08 -24.50
CA MET B 218 -28.68 0.43 -24.11
C MET B 218 -28.34 -0.84 -23.34
N TYR B 219 -29.38 -1.52 -22.86
CA TYR B 219 -29.22 -2.77 -22.14
C TYR B 219 -30.21 -3.80 -22.67
N TRP B 220 -29.79 -5.05 -22.74
CA TRP B 220 -30.65 -6.13 -23.20
C TRP B 220 -31.11 -6.94 -21.98
N VAL B 221 -32.41 -6.97 -21.75
CA VAL B 221 -32.97 -7.61 -20.56
C VAL B 221 -33.72 -8.87 -20.94
N SER B 222 -34.11 -9.66 -19.94
CA SER B 222 -34.71 -10.96 -20.16
C SER B 222 -36.22 -10.94 -20.21
N ASN B 223 -36.87 -10.18 -19.35
CA ASN B 223 -38.33 -10.18 -19.23
C ASN B 223 -38.87 -8.88 -19.82
N ALA B 224 -39.08 -8.87 -21.13
CA ALA B 224 -39.63 -7.72 -21.84
C ALA B 224 -40.00 -8.18 -23.26
N SER B 225 -40.61 -7.27 -24.01
CA SER B 225 -41.01 -7.55 -25.37
C SER B 225 -41.13 -6.25 -26.14
N GLY B 226 -41.08 -6.34 -27.45
CA GLY B 226 -41.22 -5.18 -28.31
C GLY B 226 -40.42 -5.35 -29.58
N ASN B 227 -40.10 -4.20 -30.19
CA ASN B 227 -39.41 -4.14 -31.47
C ASN B 227 -38.16 -3.28 -31.32
N ILE B 228 -37.09 -3.69 -31.99
CA ILE B 228 -35.81 -2.99 -31.85
C ILE B 228 -35.88 -1.63 -32.53
N VAL B 229 -36.15 -1.61 -33.84
CA VAL B 229 -35.93 -0.40 -34.64
C VAL B 229 -36.79 0.75 -34.14
N SER B 230 -38.04 0.47 -33.76
CA SER B 230 -38.89 1.54 -33.23
C SER B 230 -38.31 2.13 -31.95
N SER B 231 -37.83 1.29 -31.05
CA SER B 231 -37.22 1.77 -29.82
C SER B 231 -35.99 2.62 -30.10
N VAL B 232 -35.13 2.14 -31.01
CA VAL B 232 -33.91 2.89 -31.32
C VAL B 232 -34.25 4.25 -31.92
N ASN B 233 -35.23 4.29 -32.83
CA ASN B 233 -35.63 5.55 -33.42
C ASN B 233 -36.20 6.50 -32.37
N MET B 234 -37.01 5.97 -31.45
CA MET B 234 -37.59 6.82 -30.40
C MET B 234 -36.48 7.42 -29.54
N ILE B 235 -35.50 6.61 -29.17
CA ILE B 235 -34.41 7.11 -28.34
C ILE B 235 -33.59 8.15 -29.08
N SER B 236 -33.32 7.91 -30.36
CA SER B 236 -32.57 8.88 -31.15
C SER B 236 -33.33 10.20 -31.26
N ARG B 237 -34.64 10.14 -31.46
CA ARG B 237 -35.45 11.35 -31.53
C ARG B 237 -35.40 12.11 -30.21
N MET B 238 -35.51 11.41 -29.09
CA MET B 238 -35.41 12.07 -27.80
C MET B 238 -34.03 12.71 -27.62
N LEU B 239 -32.97 12.02 -28.05
CA LEU B 239 -31.63 12.56 -27.92
C LEU B 239 -31.48 13.85 -28.73
N ILE B 240 -31.99 13.87 -29.96
CA ILE B 240 -31.78 15.06 -30.79
C ILE B 240 -32.75 16.17 -30.39
N ASN B 241 -33.82 15.85 -29.67
CA ASN B 241 -34.69 16.91 -29.18
C ASN B 241 -34.29 17.41 -27.80
N ARG B 242 -33.39 16.70 -27.12
CA ARG B 242 -33.06 17.06 -25.74
C ARG B 242 -32.41 18.43 -25.64
N PHE B 243 -31.46 18.74 -26.52
CA PHE B 243 -30.71 19.99 -26.42
C PHE B 243 -31.49 21.15 -27.03
N THR B 244 -32.63 21.44 -26.40
CA THR B 244 -33.45 22.58 -26.78
C THR B 244 -33.99 23.39 -25.61
N MET B 245 -33.98 22.85 -24.40
CA MET B 245 -34.56 23.52 -23.25
C MET B 245 -33.46 24.05 -22.33
N ARG B 246 -33.88 24.59 -21.18
CA ARG B 246 -32.97 25.16 -20.19
C ARG B 246 -32.15 24.07 -19.51
N HIS B 247 -31.26 24.49 -18.61
CA HIS B 247 -30.46 23.57 -17.82
C HIS B 247 -31.20 23.27 -16.52
N LYS B 248 -31.80 22.10 -16.44
CA LYS B 248 -32.39 21.65 -15.19
C LYS B 248 -31.32 21.06 -14.28
N LYS B 249 -31.38 21.44 -13.01
CA LYS B 249 -30.49 20.87 -12.01
C LYS B 249 -30.78 19.38 -11.90
N ALA B 250 -29.73 18.55 -11.91
CA ALA B 250 -29.92 17.11 -11.85
C ALA B 250 -30.58 16.72 -10.52
N THR B 251 -31.55 15.83 -10.60
CA THR B 251 -32.26 15.35 -9.41
C THR B 251 -31.34 14.39 -8.65
N TYR B 252 -30.74 14.87 -7.56
CA TYR B 252 -29.87 14.03 -6.77
C TYR B 252 -30.65 12.92 -6.09
N GLU B 253 -30.05 11.73 -6.01
CA GLU B 253 -30.65 10.57 -5.39
C GLU B 253 -29.71 10.01 -4.32
N PRO B 254 -30.24 9.51 -3.20
CA PRO B 254 -29.37 9.00 -2.14
C PRO B 254 -28.77 7.65 -2.51
N ASP B 255 -27.49 7.50 -2.23
CA ASP B 255 -26.80 6.24 -2.52
C ASP B 255 -27.31 5.14 -1.58
N VAL B 256 -27.33 3.91 -2.11
CA VAL B 256 -27.81 2.78 -1.33
C VAL B 256 -26.82 2.43 -0.24
N ASP B 257 -27.33 1.86 0.85
CA ASP B 257 -26.51 1.28 1.90
C ASP B 257 -26.75 -0.22 1.97
N LEU B 258 -25.70 -0.97 2.29
CA LEU B 258 -25.76 -2.42 2.26
C LEU B 258 -25.69 -3.07 3.62
N GLY B 259 -25.58 -2.30 4.69
CA GLY B 259 -25.50 -2.92 6.00
C GLY B 259 -24.19 -3.68 6.19
N SER B 260 -24.23 -4.66 7.09
CA SER B 260 -23.06 -5.47 7.38
C SER B 260 -23.51 -6.78 8.00
N GLY B 261 -22.58 -7.73 8.06
CA GLY B 261 -22.80 -9.03 8.64
C GLY B 261 -22.37 -10.12 7.68
N THR B 262 -22.74 -11.35 8.01
CA THR B 262 -22.49 -12.50 7.16
C THR B 262 -23.81 -13.20 6.87
N ARG B 263 -23.77 -14.17 5.95
CA ARG B 263 -24.97 -14.86 5.53
C ARG B 263 -24.63 -16.34 5.32
N ASN B 264 -25.49 -17.22 5.82
CA ASN B 264 -25.24 -18.65 5.70
C ASN B 264 -25.94 -19.21 4.47
N ILE B 265 -25.40 -20.33 3.97
CA ILE B 265 -25.92 -20.96 2.77
C ILE B 265 -26.91 -22.08 3.06
N GLY B 266 -26.82 -22.71 4.22
CA GLY B 266 -27.80 -23.70 4.64
C GLY B 266 -27.42 -25.15 4.49
N ILE B 267 -26.17 -25.45 4.14
CA ILE B 267 -25.72 -26.82 3.98
C ILE B 267 -24.62 -27.12 5.00
N GLU B 268 -24.73 -28.27 5.65
CA GLU B 268 -23.75 -28.74 6.62
C GLU B 268 -23.38 -30.18 6.31
N SER B 269 -22.10 -30.50 6.48
CA SER B 269 -21.61 -31.82 6.11
C SER B 269 -20.67 -32.40 7.17
N GLU B 270 -20.92 -32.10 8.44
CA GLU B 270 -20.11 -32.61 9.53
C GLU B 270 -21.02 -32.93 10.70
N THR B 271 -20.78 -34.07 11.35
CA THR B 271 -21.55 -34.45 12.52
C THR B 271 -20.63 -34.62 13.73
N PRO B 272 -21.00 -34.11 14.89
CA PRO B 272 -20.11 -34.14 16.05
C PRO B 272 -20.26 -35.41 16.85
N ASN B 273 -19.38 -35.55 17.84
CA ASN B 273 -19.38 -36.67 18.79
C ASN B 273 -19.63 -36.07 20.18
N LEU B 274 -20.90 -36.07 20.60
CA LEU B 274 -21.26 -35.31 21.80
C LEU B 274 -20.70 -35.93 23.08
N ASP B 275 -20.58 -37.25 23.14
CA ASP B 275 -20.15 -37.89 24.37
C ASP B 275 -18.70 -37.54 24.74
N ILE B 276 -17.93 -37.00 23.80
CA ILE B 276 -16.55 -36.63 24.05
C ILE B 276 -16.42 -35.17 24.46
N ILE B 277 -17.14 -34.27 23.80
CA ILE B 277 -16.96 -32.83 23.98
C ILE B 277 -18.07 -32.17 24.77
N GLY B 278 -19.03 -32.95 25.28
CA GLY B 278 -20.14 -32.36 26.01
C GLY B 278 -19.70 -31.60 27.24
N LYS B 279 -18.78 -32.17 28.01
CA LYS B 279 -18.33 -31.52 29.24
C LYS B 279 -17.62 -30.21 28.94
N ARG B 280 -16.77 -30.19 27.91
CA ARG B 280 -16.07 -28.96 27.55
C ARG B 280 -17.05 -27.88 27.12
N ILE B 281 -18.01 -28.25 26.28
CA ILE B 281 -19.00 -27.27 25.83
C ILE B 281 -19.80 -26.73 27.00
N GLU B 282 -20.21 -27.62 27.92
CA GLU B 282 -21.00 -27.18 29.07
C GLU B 282 -20.22 -26.22 29.95
N LYS B 283 -18.94 -26.52 30.20
CA LYS B 283 -18.14 -25.64 31.04
C LYS B 283 -17.99 -24.26 30.39
N ILE B 284 -17.68 -24.23 29.09
CA ILE B 284 -17.50 -22.96 28.41
C ILE B 284 -18.78 -22.14 28.46
N LYS B 285 -19.93 -22.80 28.24
CA LYS B 285 -21.20 -22.10 28.30
C LYS B 285 -21.45 -21.54 29.69
N GLN B 286 -21.16 -22.32 30.74
CA GLN B 286 -21.40 -21.85 32.10
C GLN B 286 -20.50 -20.68 32.46
N GLU B 287 -19.31 -20.59 31.88
CA GLU B 287 -18.42 -19.49 32.22
C GLU B 287 -18.99 -18.14 31.80
N HIS B 288 -19.62 -18.07 30.62
CA HIS B 288 -20.08 -16.81 30.06
C HIS B 288 -21.59 -16.80 29.86
N GLU B 289 -22.33 -17.27 30.87
CA GLU B 289 -23.75 -17.51 30.70
C GLU B 289 -24.54 -16.25 30.37
N THR B 290 -24.01 -15.07 30.70
CA THR B 290 -24.80 -13.85 30.59
C THR B 290 -25.22 -13.56 29.15
N SER B 291 -24.28 -13.67 28.21
CA SER B 291 -24.53 -13.32 26.81
C SER B 291 -24.37 -14.53 25.90
N TRP B 292 -24.93 -15.66 26.31
CA TRP B 292 -24.91 -16.88 25.50
C TRP B 292 -26.13 -16.89 24.59
N HIS B 293 -25.89 -16.93 23.28
CA HIS B 293 -26.98 -16.94 22.32
C HIS B 293 -26.58 -17.72 21.09
N TYR B 294 -27.58 -18.12 20.31
CA TYR B 294 -27.40 -18.90 19.10
C TYR B 294 -27.60 -18.00 17.89
N ASP B 295 -26.61 -17.95 17.02
CA ASP B 295 -26.66 -17.13 15.81
C ASP B 295 -27.05 -18.00 14.63
N GLN B 296 -27.94 -17.49 13.78
CA GLN B 296 -28.43 -18.23 12.63
C GLN B 296 -27.71 -17.87 11.34
N ASP B 297 -26.64 -17.07 11.40
CA ASP B 297 -25.92 -16.64 10.21
C ASP B 297 -24.47 -17.09 10.24
N HIS B 298 -24.19 -18.24 10.84
CA HIS B 298 -22.82 -18.73 10.89
C HIS B 298 -22.38 -19.16 9.49
N PRO B 299 -21.24 -18.68 9.01
CA PRO B 299 -20.82 -19.02 7.65
C PRO B 299 -20.09 -20.35 7.54
N TYR B 300 -20.15 -21.18 8.57
CA TYR B 300 -19.38 -22.42 8.60
C TYR B 300 -20.14 -23.52 7.86
N LYS B 301 -19.43 -24.21 6.97
CA LYS B 301 -20.00 -25.33 6.20
C LYS B 301 -19.49 -26.67 6.67
N THR B 302 -18.17 -26.86 6.74
CA THR B 302 -17.58 -28.14 7.11
C THR B 302 -17.23 -28.24 8.59
N TRP B 303 -17.52 -27.22 9.39
CA TRP B 303 -17.31 -27.25 10.82
C TRP B 303 -18.65 -27.16 11.53
N ALA B 304 -18.81 -27.91 12.62
CA ALA B 304 -20.04 -27.81 13.38
C ALA B 304 -20.09 -26.49 14.14
N TYR B 305 -21.30 -26.02 14.42
CA TYR B 305 -21.51 -24.78 15.16
C TYR B 305 -22.29 -25.07 16.44
N HIS B 306 -21.89 -24.42 17.52
CA HIS B 306 -22.49 -24.65 18.83
C HIS B 306 -23.05 -23.41 19.49
N GLY B 307 -22.37 -22.27 19.41
CA GLY B 307 -22.86 -21.06 20.03
C GLY B 307 -21.82 -19.97 19.99
N SER B 308 -22.16 -18.85 20.62
CA SER B 308 -21.25 -17.70 20.64
C SER B 308 -21.62 -16.77 21.78
N TYR B 309 -20.66 -15.94 22.19
CA TYR B 309 -20.85 -14.93 23.22
C TYR B 309 -20.09 -13.68 22.80
N GLU B 310 -19.93 -12.73 23.72
CA GLU B 310 -19.35 -11.44 23.41
C GLU B 310 -17.92 -11.32 23.94
N THR B 311 -17.15 -10.46 23.29
CA THR B 311 -15.74 -10.28 23.61
C THR B 311 -15.29 -8.92 23.09
N LYS B 312 -14.00 -8.64 23.26
CA LYS B 312 -13.43 -7.35 22.80
C LYS B 312 -12.42 -7.62 21.69
N GLN B 313 -12.41 -6.79 20.66
CA GLN B 313 -11.57 -6.98 19.50
C GLN B 313 -10.10 -6.80 19.85
N THR B 314 -9.25 -7.67 19.31
CA THR B 314 -7.81 -7.58 19.46
C THR B 314 -7.16 -7.65 18.09
N GLY B 315 -6.14 -6.85 17.86
CA GLY B 315 -5.38 -6.87 16.63
C GLY B 315 -5.45 -5.54 15.89
N SER B 316 -4.67 -5.46 14.82
CA SER B 316 -4.60 -4.25 14.01
C SER B 316 -4.00 -4.62 12.66
N ALA B 317 -3.64 -3.59 11.89
CA ALA B 317 -2.98 -3.76 10.60
C ALA B 317 -1.56 -3.21 10.71
N SER B 318 -0.58 -4.02 10.31
CA SER B 318 0.84 -3.68 10.32
C SER B 318 1.38 -3.57 11.74
N SER B 319 2.66 -3.85 11.92
CA SER B 319 3.27 -3.91 13.25
C SER B 319 4.38 -2.89 13.40
N MET B 320 5.06 -2.98 14.54
CA MET B 320 6.22 -2.13 14.80
C MET B 320 7.30 -2.37 13.76
N VAL B 321 7.87 -1.29 13.25
CA VAL B 321 9.07 -1.38 12.42
C VAL B 321 10.27 -0.97 13.25
N ASN B 322 11.31 -1.80 13.23
CA ASN B 322 12.48 -1.56 14.06
C ASN B 322 13.09 -0.20 13.74
N GLY B 323 12.99 0.72 14.69
CA GLY B 323 13.51 2.06 14.46
C GLY B 323 15.02 2.08 14.26
N VAL B 324 15.75 1.30 15.06
CA VAL B 324 17.21 1.28 14.96
C VAL B 324 17.65 0.66 13.64
N VAL B 325 16.93 -0.37 13.18
CA VAL B 325 17.30 -1.01 11.93
C VAL B 325 17.14 -0.04 10.76
N ARG B 326 16.07 0.73 10.76
CA ARG B 326 15.94 1.82 9.81
C ARG B 326 17.00 2.88 10.09
N LEU B 327 16.96 3.96 9.32
CA LEU B 327 17.94 5.05 9.39
C LEU B 327 19.32 4.56 8.96
N LEU B 328 19.45 3.26 8.73
CA LEU B 328 20.66 2.66 8.19
C LEU B 328 20.45 2.08 6.81
N THR B 329 19.33 1.40 6.59
CA THR B 329 18.95 0.91 5.27
C THR B 329 18.09 1.95 4.55
N LYS B 330 18.60 3.17 4.47
CA LYS B 330 17.84 4.25 3.81
C LYS B 330 17.56 3.96 2.34
N PRO B 331 18.52 3.51 1.53
CA PRO B 331 18.21 3.31 0.10
C PRO B 331 17.18 2.23 -0.18
N TRP B 332 16.72 1.49 0.83
CA TRP B 332 15.79 0.40 0.62
C TRP B 332 14.34 0.79 0.79
N ASP B 333 14.05 2.07 1.02
CA ASP B 333 12.65 2.49 1.17
C ASP B 333 11.89 2.44 -0.14
N ILE B 334 12.57 2.71 -1.27
CA ILE B 334 11.88 2.74 -2.55
C ILE B 334 11.48 1.34 -3.00
N ILE B 335 12.25 0.33 -2.60
CA ILE B 335 12.00 -1.03 -3.09
C ILE B 335 10.62 -1.48 -2.63
N PRO B 336 9.75 -1.95 -3.53
CA PRO B 336 8.39 -2.32 -3.12
C PRO B 336 8.32 -3.59 -2.32
N MET B 337 9.21 -4.56 -2.57
CA MET B 337 9.14 -5.83 -1.85
C MET B 337 9.36 -5.64 -0.36
N VAL B 338 10.30 -4.78 0.02
CA VAL B 338 10.60 -4.57 1.43
C VAL B 338 9.39 -3.97 2.15
N THR B 339 8.79 -2.94 1.56
CA THR B 339 7.69 -2.26 2.23
C THR B 339 6.39 -3.04 2.17
N GLN B 340 6.11 -3.71 1.05
CA GLN B 340 4.84 -4.42 0.90
C GLN B 340 4.74 -5.61 1.83
N MET B 341 5.88 -6.06 2.38
CA MET B 341 5.92 -7.27 3.21
C MET B 341 5.98 -6.94 4.69
N ALA B 342 6.00 -5.64 5.02
CA ALA B 342 6.22 -5.16 6.38
C ALA B 342 5.44 -5.95 7.43
N MET B 343 4.11 -5.93 7.36
CA MET B 343 3.37 -6.70 8.36
C MET B 343 1.95 -6.92 7.85
N THR B 344 1.30 -7.94 8.41
CA THR B 344 0.02 -8.40 7.91
C THR B 344 -1.14 -7.88 8.73
N ASP B 345 -2.35 -8.35 8.43
CA ASP B 345 -3.57 -7.90 9.09
C ASP B 345 -4.04 -9.02 10.02
N THR B 346 -4.35 -8.65 11.26
CA THR B 346 -4.85 -9.62 12.25
C THR B 346 -6.17 -9.19 12.88
N THR B 347 -6.89 -8.26 12.26
CA THR B 347 -8.21 -7.88 12.74
C THR B 347 -9.21 -9.00 12.48
N PRO B 348 -10.36 -8.99 13.15
CA PRO B 348 -11.35 -10.06 12.92
C PRO B 348 -11.74 -10.23 11.46
N PHE B 349 -11.80 -9.13 10.70
CA PHE B 349 -12.10 -9.25 9.27
C PHE B 349 -11.04 -10.07 8.54
N GLY B 350 -9.77 -9.80 8.81
CA GLY B 350 -8.71 -10.57 8.16
C GLY B 350 -8.72 -12.03 8.61
N GLN B 351 -8.99 -12.27 9.89
CA GLN B 351 -9.08 -13.64 10.38
C GLN B 351 -10.19 -14.40 9.67
N GLN B 352 -11.36 -13.77 9.52
CA GLN B 352 -12.45 -14.43 8.81
C GLN B 352 -12.10 -14.67 7.35
N ARG B 353 -11.41 -13.72 6.71
CA ARG B 353 -11.02 -13.91 5.32
C ARG B 353 -10.09 -15.11 5.17
N VAL B 354 -9.10 -15.22 6.05
CA VAL B 354 -8.18 -16.37 5.98
C VAL B 354 -8.92 -17.66 6.23
N PHE B 355 -9.79 -17.68 7.25
CA PHE B 355 -10.52 -18.89 7.58
C PHE B 355 -11.37 -19.36 6.41
N LYS B 356 -12.05 -18.42 5.74
CA LYS B 356 -12.86 -18.79 4.58
C LYS B 356 -11.98 -19.29 3.44
N GLU B 357 -10.84 -18.64 3.22
CA GLU B 357 -10.03 -18.97 2.05
C GLU B 357 -9.38 -20.35 2.18
N LYS B 358 -8.76 -20.63 3.32
CA LYS B 358 -7.85 -21.76 3.42
C LYS B 358 -8.30 -22.86 4.37
N VAL B 359 -8.76 -22.51 5.57
CA VAL B 359 -9.03 -23.53 6.59
C VAL B 359 -10.25 -24.36 6.21
N ASP B 360 -11.29 -23.73 5.68
CA ASP B 360 -12.54 -24.41 5.38
C ASP B 360 -12.42 -25.14 4.04
N THR B 361 -11.98 -26.40 4.09
CA THR B 361 -11.85 -27.22 2.90
C THR B 361 -12.38 -28.62 3.21
N ARG B 362 -12.23 -29.52 2.24
CA ARG B 362 -12.68 -30.90 2.38
C ARG B 362 -11.79 -31.79 1.53
N THR B 363 -11.50 -32.98 2.07
CA THR B 363 -10.65 -33.95 1.40
C THR B 363 -11.43 -35.24 1.19
N GLN B 364 -10.90 -36.10 0.32
CA GLN B 364 -11.57 -37.34 -0.04
C GLN B 364 -10.77 -38.55 0.43
N GLU B 365 -11.49 -39.59 0.82
CA GLU B 365 -10.87 -40.79 1.36
C GLU B 365 -10.15 -41.58 0.26
N PRO B 366 -9.09 -42.30 0.62
CA PRO B 366 -8.40 -43.13 -0.40
C PRO B 366 -9.07 -44.47 -0.62
N LYS B 367 -8.44 -45.34 -1.41
CA LYS B 367 -8.99 -46.63 -1.76
C LYS B 367 -8.36 -47.73 -0.92
N GLU B 368 -8.73 -48.98 -1.21
CA GLU B 368 -8.30 -50.10 -0.37
C GLU B 368 -6.81 -50.37 -0.50
N GLY B 369 -6.30 -50.43 -1.72
CA GLY B 369 -4.88 -50.73 -1.90
C GLY B 369 -3.98 -49.69 -1.26
N THR B 370 -4.36 -48.42 -1.38
CA THR B 370 -3.60 -47.37 -0.72
C THR B 370 -3.61 -47.55 0.78
N LYS B 371 -4.76 -47.89 1.36
CA LYS B 371 -4.85 -48.09 2.80
C LYS B 371 -3.93 -49.22 3.25
N LYS B 372 -3.94 -50.34 2.52
CA LYS B 372 -3.07 -51.46 2.90
C LYS B 372 -1.60 -51.08 2.78
N LEU B 373 -1.22 -50.38 1.72
CA LEU B 373 0.18 -49.99 1.55
C LEU B 373 0.63 -49.06 2.68
N MET B 374 -0.19 -48.07 3.03
CA MET B 374 0.18 -47.17 4.12
C MET B 374 0.30 -47.94 5.42
N LYS B 375 -0.62 -48.85 5.70
CA LYS B 375 -0.55 -49.62 6.94
C LYS B 375 0.76 -50.40 7.02
N ILE B 376 1.10 -51.13 5.96
CA ILE B 376 2.30 -51.97 6.00
C ILE B 376 3.54 -51.11 6.15
N THR B 377 3.63 -50.01 5.39
CA THR B 377 4.83 -49.18 5.45
C THR B 377 4.98 -48.52 6.81
N ALA B 378 3.87 -48.05 7.39
CA ALA B 378 3.95 -47.43 8.72
C ALA B 378 4.42 -48.44 9.76
N GLU B 379 3.88 -49.66 9.72
CA GLU B 379 4.31 -50.68 10.67
C GLU B 379 5.81 -50.93 10.55
N TRP B 380 6.29 -51.13 9.32
CA TRP B 380 7.71 -51.41 9.13
C TRP B 380 8.58 -50.25 9.61
N LEU B 381 8.19 -49.02 9.27
CA LEU B 381 9.00 -47.87 9.64
C LEU B 381 9.05 -47.68 11.16
N TRP B 382 7.91 -47.86 11.83
CA TRP B 382 7.92 -47.73 13.28
C TRP B 382 8.79 -48.80 13.93
N LYS B 383 8.76 -50.03 13.40
CA LYS B 383 9.66 -51.05 13.93
C LYS B 383 11.11 -50.73 13.64
N GLU B 384 11.39 -50.06 12.52
CA GLU B 384 12.78 -49.80 12.14
C GLU B 384 13.39 -48.69 12.97
N LEU B 385 12.65 -47.61 13.24
CA LEU B 385 13.22 -46.49 13.98
C LEU B 385 13.60 -46.89 15.39
N GLY B 386 12.73 -47.63 16.08
CA GLY B 386 12.95 -47.95 17.47
C GLY B 386 13.86 -49.12 17.72
N LYS B 387 14.87 -49.29 16.85
CA LYS B 387 15.77 -50.43 17.01
C LYS B 387 16.77 -50.20 18.15
N LYS B 388 17.25 -48.97 18.31
CA LYS B 388 18.23 -48.65 19.33
C LYS B 388 17.69 -47.85 20.50
N LYS B 389 16.51 -47.28 20.38
CA LYS B 389 15.95 -46.40 21.39
C LYS B 389 14.85 -47.13 22.17
N THR B 390 14.36 -46.47 23.21
CA THR B 390 13.29 -47.01 24.06
C THR B 390 12.50 -45.86 24.67
N PRO B 391 11.17 -45.87 24.55
CA PRO B 391 10.39 -44.74 25.06
C PRO B 391 10.45 -44.64 26.57
N ARG B 392 10.25 -43.42 27.06
CA ARG B 392 10.24 -43.15 28.50
C ARG B 392 9.43 -41.88 28.75
N MET B 393 9.10 -41.66 30.02
CA MET B 393 8.31 -40.52 30.45
C MET B 393 9.22 -39.40 30.94
N CYS B 394 8.75 -38.16 30.78
CA CYS B 394 9.48 -36.99 31.23
C CYS B 394 8.99 -36.56 32.60
N THR B 395 9.76 -35.69 33.25
CA THR B 395 9.53 -35.28 34.62
C THR B 395 9.18 -33.80 34.69
N ARG B 396 8.71 -33.39 35.86
CA ARG B 396 8.37 -31.98 36.08
C ARG B 396 9.62 -31.10 36.15
N GLU B 397 10.72 -31.64 36.66
CA GLU B 397 11.94 -30.85 36.77
C GLU B 397 12.45 -30.42 35.40
N GLU B 398 12.38 -31.31 34.41
CA GLU B 398 12.83 -30.96 33.07
C GLU B 398 11.97 -29.85 32.49
N PHE B 399 10.65 -29.91 32.71
CA PHE B 399 9.77 -28.86 32.22
C PHE B 399 10.07 -27.53 32.90
N THR B 400 10.32 -27.55 34.21
CA THR B 400 10.66 -26.33 34.93
C THR B 400 11.96 -25.74 34.39
N ARG B 401 12.95 -26.59 34.15
CA ARG B 401 14.21 -26.11 33.59
C ARG B 401 14.01 -25.51 32.21
N LYS B 402 13.21 -26.16 31.37
CA LYS B 402 12.98 -25.66 30.02
C LYS B 402 12.29 -24.31 30.04
N VAL B 403 11.25 -24.17 30.86
CA VAL B 403 10.52 -22.90 30.89
C VAL B 403 11.37 -21.81 31.53
N ARG B 404 12.24 -22.16 32.47
CA ARG B 404 13.02 -21.15 33.17
C ARG B 404 14.05 -20.50 32.26
N SER B 405 14.64 -21.28 31.36
CA SER B 405 15.72 -20.81 30.50
C SER B 405 15.21 -20.23 29.18
N ASN B 406 13.91 -19.97 29.08
CA ASN B 406 13.31 -19.41 27.86
C ASN B 406 13.61 -20.29 26.65
N ALA B 407 13.36 -21.58 26.80
CA ALA B 407 13.63 -22.54 25.74
C ALA B 407 12.62 -22.36 24.60
N ALA B 408 12.73 -23.23 23.60
CA ALA B 408 11.86 -23.18 22.42
C ALA B 408 10.49 -23.76 22.77
N LEU B 409 9.77 -23.02 23.61
CA LEU B 409 8.43 -23.42 23.98
C LEU B 409 7.44 -23.13 22.86
N GLY B 410 6.33 -23.85 22.89
CA GLY B 410 5.29 -23.64 21.90
C GLY B 410 4.55 -22.34 22.13
N ALA B 411 3.75 -21.98 21.12
CA ALA B 411 2.95 -20.75 21.19
C ALA B 411 1.79 -20.97 22.15
N ILE B 412 1.89 -20.36 23.34
CA ILE B 412 0.92 -20.58 24.41
C ILE B 412 0.49 -19.24 24.99
N PHE B 413 -0.62 -19.27 25.70
CA PHE B 413 -1.10 -18.12 26.47
C PHE B 413 -1.06 -18.49 27.95
N THR B 414 -0.67 -17.53 28.79
CA THR B 414 -0.31 -17.80 30.17
C THR B 414 -1.44 -17.55 31.15
N ASP B 415 -2.69 -17.52 30.68
CA ASP B 415 -3.86 -17.28 31.52
C ASP B 415 -3.71 -15.95 32.28
N GLU B 416 -3.74 -14.87 31.49
CA GLU B 416 -3.47 -13.51 31.97
C GLU B 416 -4.30 -13.13 33.19
N ASN B 417 -5.37 -13.87 33.49
CA ASN B 417 -6.23 -13.50 34.61
C ASN B 417 -5.54 -13.75 35.95
N LYS B 418 -5.19 -15.02 36.23
CA LYS B 418 -4.61 -15.36 37.52
C LYS B 418 -3.13 -14.95 37.61
N TRP B 419 -2.35 -15.24 36.57
CA TRP B 419 -0.94 -14.94 36.54
C TRP B 419 -0.64 -14.03 35.35
N LYS B 420 0.62 -13.63 35.21
CA LYS B 420 1.02 -12.74 34.13
C LYS B 420 2.09 -13.32 33.22
N SER B 421 2.86 -14.32 33.67
CA SER B 421 3.90 -14.90 32.84
C SER B 421 4.10 -16.36 33.25
N ALA B 422 4.69 -17.14 32.34
CA ALA B 422 4.89 -18.56 32.60
C ALA B 422 5.85 -18.77 33.77
N ARG B 423 6.95 -18.01 33.80
CA ARG B 423 7.92 -18.18 34.89
C ARG B 423 7.30 -17.84 36.23
N GLU B 424 6.44 -16.82 36.26
CA GLU B 424 5.72 -16.49 37.48
C GLU B 424 4.78 -17.62 37.90
N ALA B 425 4.09 -18.22 36.93
CA ALA B 425 3.08 -19.21 37.23
C ALA B 425 3.64 -20.59 37.58
N VAL B 426 4.88 -20.89 37.17
CA VAL B 426 5.44 -22.20 37.46
C VAL B 426 5.63 -22.42 38.96
N GLU B 427 6.10 -21.41 39.69
CA GLU B 427 6.47 -21.59 41.08
C GLU B 427 5.27 -21.74 42.02
N ASP B 428 4.09 -21.27 41.62
CA ASP B 428 2.92 -21.38 42.47
C ASP B 428 2.45 -22.83 42.52
N SER B 429 1.80 -23.19 43.62
CA SER B 429 1.36 -24.56 43.83
C SER B 429 -0.05 -24.83 43.29
N GLY B 430 -0.91 -23.81 43.23
CA GLY B 430 -2.23 -24.03 42.69
C GLY B 430 -2.21 -24.45 41.23
N PHE B 431 -1.25 -23.95 40.46
CA PHE B 431 -1.08 -24.40 39.09
C PHE B 431 -0.85 -25.90 39.04
N TRP B 432 0.03 -26.41 39.89
CA TRP B 432 0.28 -27.84 39.91
C TRP B 432 -0.92 -28.61 40.41
N GLU B 433 -1.71 -28.03 41.31
CA GLU B 433 -2.94 -28.70 41.75
C GLU B 433 -3.91 -28.85 40.58
N LEU B 434 -4.05 -27.80 39.76
CA LEU B 434 -4.91 -27.90 38.58
C LEU B 434 -4.39 -28.94 37.61
N VAL B 435 -3.07 -28.97 37.39
CA VAL B 435 -2.48 -29.97 36.50
C VAL B 435 -2.78 -31.37 37.00
N ASP B 436 -2.65 -31.59 38.31
CA ASP B 436 -2.92 -32.90 38.88
C ASP B 436 -4.38 -33.29 38.70
N LYS B 437 -5.30 -32.33 38.88
CA LYS B 437 -6.71 -32.63 38.69
C LYS B 437 -6.98 -33.06 37.25
N GLU B 438 -6.42 -32.34 36.28
CA GLU B 438 -6.62 -32.74 34.89
C GLU B 438 -6.00 -34.09 34.59
N ARG B 439 -4.84 -34.40 35.18
CA ARG B 439 -4.23 -35.70 34.99
C ARG B 439 -5.13 -36.82 35.51
N ASN B 440 -5.71 -36.62 36.70
CA ASN B 440 -6.61 -37.63 37.24
C ASN B 440 -7.84 -37.80 36.34
N LEU B 441 -8.35 -36.70 35.80
CA LEU B 441 -9.47 -36.81 34.87
C LEU B 441 -9.08 -37.57 33.60
N HIS B 442 -7.89 -37.29 33.08
CA HIS B 442 -7.45 -37.93 31.84
C HIS B 442 -7.25 -39.42 32.03
N LEU B 443 -6.79 -39.84 33.21
CA LEU B 443 -6.52 -41.25 33.43
C LEU B 443 -7.77 -42.11 33.34
N GLU B 444 -8.96 -41.49 33.40
CA GLU B 444 -10.22 -42.21 33.28
C GLU B 444 -10.87 -42.00 31.91
N GLY B 445 -10.12 -41.54 30.93
CA GLY B 445 -10.66 -41.32 29.60
C GLY B 445 -11.67 -40.18 29.50
N LYS B 446 -11.41 -39.06 30.16
CA LYS B 446 -12.23 -37.87 30.05
C LYS B 446 -11.35 -36.64 30.03
N CYS B 447 -11.81 -35.60 29.33
CA CYS B 447 -11.11 -34.33 29.26
C CYS B 447 -12.10 -33.21 29.51
N GLU B 448 -11.62 -32.14 30.14
CA GLU B 448 -12.51 -31.03 30.49
C GLU B 448 -11.98 -29.64 30.16
N THR B 449 -10.67 -29.40 30.12
CA THR B 449 -10.14 -28.06 29.95
C THR B 449 -9.05 -28.04 28.87
N CYS B 450 -9.33 -28.67 27.73
CA CYS B 450 -8.38 -28.76 26.63
C CYS B 450 -9.02 -28.19 25.38
N VAL B 451 -8.89 -26.86 25.20
CA VAL B 451 -9.43 -26.18 24.04
C VAL B 451 -8.32 -25.35 23.41
N TYR B 452 -8.52 -24.99 22.15
CA TYR B 452 -7.53 -24.24 21.38
C TYR B 452 -7.97 -22.79 21.22
N ASN B 453 -7.02 -21.95 20.82
CA ASN B 453 -7.29 -20.58 20.44
C ASN B 453 -6.66 -20.33 19.07
N MET B 454 -7.45 -19.79 18.15
CA MET B 454 -6.97 -19.51 16.80
C MET B 454 -6.57 -18.05 16.67
N MET B 455 -5.58 -17.79 15.81
CA MET B 455 -5.20 -16.42 15.48
C MET B 455 -4.81 -16.40 14.01
N GLY B 456 -5.23 -15.37 13.30
CA GLY B 456 -5.03 -15.29 11.87
C GLY B 456 -3.96 -14.28 11.51
N LYS B 457 -3.35 -14.49 10.35
CA LYS B 457 -2.24 -13.66 9.90
C LYS B 457 -2.27 -13.71 8.37
N ARG B 458 -1.15 -13.46 7.70
CA ARG B 458 -0.97 -13.77 6.28
C ARG B 458 -1.92 -13.03 5.35
N GLU B 459 -1.67 -11.75 5.13
CA GLU B 459 -2.69 -11.08 4.30
C GLU B 459 -2.12 -9.92 3.50
N LYS B 460 -1.06 -10.13 2.71
CA LYS B 460 -0.62 -8.99 1.85
C LYS B 460 -0.80 -9.35 0.39
N LYS B 461 -0.26 -8.55 -0.52
CA LYS B 461 -0.35 -8.88 -1.96
C LYS B 461 0.96 -9.53 -2.39
N LEU B 462 2.08 -8.86 -2.14
CA LEU B 462 3.41 -9.35 -2.47
C LEU B 462 4.07 -10.00 -1.27
N GLY B 463 3.41 -9.97 -0.12
CA GLY B 463 3.99 -10.56 1.08
C GLY B 463 3.82 -12.05 1.12
N GLU B 464 2.84 -12.57 0.37
CA GLU B 464 2.59 -14.00 0.36
C GLU B 464 3.65 -14.77 -0.43
N PHE B 465 4.42 -14.08 -1.28
CA PHE B 465 5.41 -14.72 -2.13
C PHE B 465 6.81 -14.69 -1.52
N GLY B 466 6.99 -14.02 -0.40
CA GLY B 466 8.31 -13.88 0.17
C GLY B 466 8.40 -14.09 1.66
N LYS B 467 7.31 -14.58 2.26
CA LYS B 467 7.30 -14.88 3.69
C LYS B 467 7.45 -16.37 3.95
N ALA B 468 7.63 -17.17 2.91
CA ALA B 468 7.85 -18.62 3.03
C ALA B 468 6.72 -19.28 3.82
N LYS B 469 5.50 -18.81 3.62
CA LYS B 469 4.37 -19.32 4.38
C LYS B 469 3.05 -18.84 3.78
N GLY B 470 2.42 -17.85 4.41
CA GLY B 470 1.08 -17.46 4.03
C GLY B 470 0.05 -18.47 4.50
N SER B 471 -1.16 -17.98 4.77
CA SER B 471 -2.24 -18.79 5.34
C SER B 471 -1.77 -19.62 6.52
N ARG B 472 -1.29 -18.97 7.58
CA ARG B 472 -0.63 -19.69 8.66
C ARG B 472 -1.69 -20.23 9.60
N ALA B 473 -2.49 -19.38 10.25
CA ALA B 473 -3.55 -19.84 11.15
C ALA B 473 -3.00 -20.71 12.27
N ILE B 474 -2.22 -20.12 13.18
CA ILE B 474 -1.55 -20.85 14.24
C ILE B 474 -2.52 -21.06 15.41
N TRP B 475 -2.23 -22.09 16.20
CA TRP B 475 -3.11 -22.56 17.27
C TRP B 475 -2.43 -22.37 18.60
N TYR B 476 -3.07 -21.65 19.51
CA TYR B 476 -2.59 -21.49 20.88
C TYR B 476 -3.21 -22.54 21.78
N MET B 477 -2.56 -22.82 22.90
CA MET B 477 -3.05 -23.81 23.85
C MET B 477 -2.71 -23.38 25.28
N TRP B 478 -3.53 -23.83 26.22
CA TRP B 478 -3.31 -23.55 27.64
C TRP B 478 -2.02 -24.21 28.10
N LEU B 479 -1.42 -23.64 29.15
CA LEU B 479 -0.13 -24.13 29.62
C LEU B 479 -0.21 -25.56 30.15
N GLY B 480 -1.25 -25.86 30.92
CA GLY B 480 -1.36 -27.19 31.50
C GLY B 480 -1.45 -28.29 30.46
N ALA B 481 -2.25 -28.05 29.41
CA ALA B 481 -2.34 -29.02 28.33
C ALA B 481 -1.00 -29.19 27.63
N ARG B 482 -0.25 -28.10 27.48
CA ARG B 482 1.08 -28.20 26.90
C ARG B 482 1.98 -29.07 27.76
N PHE B 483 1.93 -28.91 29.08
CA PHE B 483 2.74 -29.76 29.94
C PHE B 483 2.32 -31.23 29.82
N LEU B 484 1.02 -31.49 29.76
CA LEU B 484 0.56 -32.87 29.65
C LEU B 484 1.04 -33.52 28.37
N GLU B 485 0.95 -32.79 27.25
CA GLU B 485 1.45 -33.32 25.99
C GLU B 485 2.97 -33.53 26.04
N PHE B 486 3.69 -32.61 26.68
CA PHE B 486 5.13 -32.79 26.84
C PHE B 486 5.44 -34.06 27.63
N GLU B 487 4.76 -34.26 28.75
CA GLU B 487 5.00 -35.46 29.54
C GLU B 487 4.70 -36.72 28.75
N ALA B 488 3.64 -36.69 27.93
CA ALA B 488 3.29 -37.88 27.16
C ALA B 488 4.33 -38.17 26.08
N LEU B 489 4.72 -37.17 25.30
CA LEU B 489 5.49 -37.42 24.08
C LEU B 489 6.70 -36.50 23.97
N GLY B 490 7.46 -36.36 25.06
CA GLY B 490 8.72 -35.64 24.93
C GLY B 490 9.91 -36.47 24.50
N PHE B 491 9.80 -37.80 24.59
CA PHE B 491 10.93 -38.65 24.25
C PHE B 491 11.31 -38.57 22.78
N LEU B 492 10.38 -38.18 21.91
CA LEU B 492 10.69 -38.09 20.49
C LEU B 492 11.74 -37.03 20.23
N ASN B 493 11.64 -35.89 20.91
CA ASN B 493 12.57 -34.79 20.71
C ASN B 493 13.73 -34.79 21.69
N GLU B 494 13.51 -35.22 22.93
CA GLU B 494 14.59 -35.20 23.90
C GLU B 494 15.63 -36.27 23.63
N ASP B 495 15.30 -37.27 22.82
CA ASP B 495 16.21 -38.37 22.52
C ASP B 495 16.75 -38.31 21.10
N HIS B 496 16.35 -37.30 20.32
CA HIS B 496 16.75 -37.17 18.92
C HIS B 496 16.42 -38.44 18.13
N TRP B 497 15.13 -38.77 18.10
CA TRP B 497 14.70 -39.97 17.38
C TRP B 497 14.86 -39.80 15.88
N PHE B 498 14.71 -38.58 15.36
CA PHE B 498 14.72 -38.33 13.93
C PHE B 498 16.04 -37.75 13.44
N SER B 499 17.12 -37.91 14.19
CA SER B 499 18.41 -37.42 13.73
C SER B 499 18.90 -38.25 12.55
N ARG B 500 19.90 -37.72 11.85
CA ARG B 500 20.40 -38.40 10.66
C ARG B 500 21.06 -39.72 11.02
N GLU B 501 21.60 -39.83 12.24
CA GLU B 501 22.23 -41.09 12.66
C GLU B 501 21.20 -42.19 12.85
N ASN B 502 20.11 -41.89 13.56
CA ASN B 502 19.10 -42.92 13.85
C ASN B 502 18.29 -43.24 12.60
N SER B 503 17.56 -42.26 12.09
CA SER B 503 16.82 -42.39 10.84
C SER B 503 17.67 -41.83 9.71
N LEU B 504 17.80 -42.59 8.64
CA LEU B 504 18.75 -42.26 7.58
C LEU B 504 18.25 -41.19 6.63
N SER B 505 17.19 -40.45 6.96
CA SER B 505 16.70 -39.42 6.06
C SER B 505 16.56 -38.07 6.74
N GLY B 506 16.29 -38.06 8.04
CA GLY B 506 16.08 -36.81 8.73
C GLY B 506 17.35 -35.98 8.84
N VAL B 507 17.15 -34.69 9.08
CA VAL B 507 18.27 -33.77 9.24
C VAL B 507 18.10 -32.95 10.52
N GLU B 508 17.30 -33.46 11.45
CA GLU B 508 17.06 -32.74 12.69
C GLU B 508 18.34 -32.61 13.50
N GLY B 509 18.53 -31.44 14.10
CA GLY B 509 19.72 -31.15 14.86
C GLY B 509 20.89 -30.62 14.05
N GLU B 510 20.76 -30.55 12.73
CA GLU B 510 21.81 -30.01 11.88
C GLU B 510 21.60 -28.51 11.72
N GLY B 511 22.68 -27.75 11.83
CA GLY B 511 22.59 -26.32 11.65
C GLY B 511 22.39 -25.94 10.21
N LEU B 512 22.13 -24.65 10.00
CA LEU B 512 21.92 -24.16 8.64
C LEU B 512 23.19 -24.24 7.80
N HIS B 513 24.35 -24.08 8.42
CA HIS B 513 25.61 -24.04 7.70
C HIS B 513 26.13 -25.41 7.31
N LYS B 514 25.34 -26.46 7.50
CA LYS B 514 25.82 -27.82 7.27
C LYS B 514 24.97 -28.60 6.26
N LEU B 515 23.83 -28.06 5.84
CA LEU B 515 22.94 -28.80 4.95
C LEU B 515 23.52 -28.91 3.54
N GLY B 516 24.35 -27.96 3.15
CA GLY B 516 24.95 -28.01 1.82
C GLY B 516 25.85 -29.21 1.63
N TYR B 517 26.60 -29.57 2.66
CA TYR B 517 27.45 -30.75 2.58
C TYR B 517 26.61 -32.01 2.41
N ILE B 518 25.47 -32.08 3.10
CA ILE B 518 24.56 -33.21 2.96
C ILE B 518 24.03 -33.29 1.53
N LEU B 519 23.62 -32.15 0.98
CA LEU B 519 23.17 -32.14 -0.41
C LEU B 519 24.26 -32.57 -1.37
N ARG B 520 25.51 -32.16 -1.13
CA ARG B 520 26.61 -32.62 -1.95
C ARG B 520 26.76 -34.12 -1.88
N ASP B 521 26.69 -34.69 -0.66
CA ASP B 521 26.88 -36.12 -0.50
C ASP B 521 25.77 -36.91 -1.16
N VAL B 522 24.54 -36.39 -1.17
CA VAL B 522 23.45 -37.09 -1.85
C VAL B 522 23.74 -37.19 -3.35
N SER B 523 24.36 -36.15 -3.92
CA SER B 523 24.58 -36.10 -5.36
C SER B 523 25.62 -37.09 -5.86
N LYS B 524 26.33 -37.77 -4.97
CA LYS B 524 27.38 -38.69 -5.39
C LYS B 524 26.86 -40.04 -5.85
N LYS B 525 25.56 -40.30 -5.71
CA LYS B 525 25.00 -41.61 -6.02
C LYS B 525 24.66 -41.68 -7.51
N GLU B 526 24.19 -42.84 -7.96
CA GLU B 526 23.89 -43.09 -9.36
C GLU B 526 22.39 -43.14 -9.57
N GLY B 527 21.93 -42.50 -10.64
CA GLY B 527 20.50 -42.46 -10.91
C GLY B 527 20.16 -41.35 -11.89
N GLY B 528 18.96 -40.80 -11.72
CA GLY B 528 18.51 -39.73 -12.59
C GLY B 528 18.82 -38.35 -12.05
N ALA B 529 17.81 -37.49 -12.02
CA ALA B 529 17.94 -36.12 -11.55
C ALA B 529 17.27 -35.97 -10.19
N MET B 530 17.45 -34.81 -9.58
CA MET B 530 16.84 -34.51 -8.29
C MET B 530 15.47 -33.89 -8.48
N TYR B 531 14.50 -34.35 -7.70
CA TYR B 531 13.13 -33.88 -7.76
C TYR B 531 12.75 -33.31 -6.40
N ALA B 532 12.21 -32.10 -6.39
CA ALA B 532 11.94 -31.35 -5.17
C ALA B 532 10.56 -30.72 -5.19
N ASP B 533 9.54 -31.51 -5.53
CA ASP B 533 8.18 -30.99 -5.53
C ASP B 533 7.71 -30.66 -4.12
N ASP B 534 6.68 -29.83 -4.04
CA ASP B 534 6.11 -29.41 -2.76
C ASP B 534 4.60 -29.53 -2.78
N THR B 535 4.00 -29.41 -1.61
CA THR B 535 2.56 -29.57 -1.44
C THR B 535 1.93 -28.25 -1.00
N ALA B 536 0.80 -27.92 -1.60
CA ALA B 536 0.08 -26.69 -1.29
C ALA B 536 -0.77 -26.91 -0.04
N GLY B 537 -0.42 -26.27 1.06
CA GLY B 537 -1.15 -26.41 2.29
C GLY B 537 -1.06 -27.81 2.86
N TRP B 538 0.13 -28.23 3.26
CA TRP B 538 0.34 -29.58 3.74
C TRP B 538 -0.48 -29.85 5.00
N ASP B 539 -0.57 -28.87 5.88
CA ASP B 539 -1.14 -29.09 7.20
C ASP B 539 -2.64 -29.41 7.15
N THR B 540 -3.35 -28.95 6.12
CA THR B 540 -4.79 -29.15 6.03
C THR B 540 -5.16 -30.35 5.18
N ARG B 541 -4.18 -31.11 4.68
CA ARG B 541 -4.44 -32.29 3.86
C ARG B 541 -4.35 -33.58 4.65
N ILE B 542 -4.21 -33.50 5.97
CA ILE B 542 -4.06 -34.70 6.79
C ILE B 542 -5.42 -35.33 7.02
N THR B 543 -5.56 -36.59 6.65
CA THR B 543 -6.80 -37.32 6.80
C THR B 543 -6.76 -38.14 8.09
N LEU B 544 -7.87 -38.83 8.37
CA LEU B 544 -7.94 -39.65 9.57
C LEU B 544 -7.01 -40.86 9.50
N GLU B 545 -6.77 -41.36 8.29
CA GLU B 545 -5.92 -42.54 8.14
C GLU B 545 -4.50 -42.26 8.60
N ASP B 546 -3.98 -41.07 8.28
CA ASP B 546 -2.64 -40.72 8.72
C ASP B 546 -2.55 -40.66 10.24
N LEU B 547 -3.57 -40.10 10.88
CA LEU B 547 -3.58 -40.02 12.34
C LEU B 547 -3.63 -41.41 12.96
N LYS B 548 -4.46 -42.30 12.42
CA LYS B 548 -4.52 -43.65 12.96
C LYS B 548 -3.20 -44.38 12.76
N ASN B 549 -2.54 -44.17 11.62
CA ASN B 549 -1.24 -44.81 11.37
C ASN B 549 -0.18 -44.29 12.33
N GLU B 550 -0.17 -42.98 12.59
CA GLU B 550 0.81 -42.43 13.52
C GLU B 550 0.52 -42.85 14.95
N GLU B 551 -0.73 -43.18 15.27
CA GLU B 551 -1.06 -43.60 16.62
C GLU B 551 -0.40 -44.92 17.00
N MET B 552 0.09 -45.67 16.03
CA MET B 552 0.61 -47.02 16.29
C MET B 552 1.91 -47.03 17.08
N VAL B 553 2.44 -45.91 17.56
CA VAL B 553 3.67 -45.95 18.35
C VAL B 553 3.41 -46.47 19.76
N THR B 554 2.16 -46.47 20.23
CA THR B 554 1.86 -46.93 21.57
C THR B 554 2.07 -48.42 21.74
N ASN B 555 2.28 -49.16 20.66
CA ASN B 555 2.51 -50.60 20.76
C ASN B 555 3.83 -50.93 21.43
N HIS B 556 4.76 -49.99 21.48
CA HIS B 556 6.04 -50.19 22.16
C HIS B 556 6.02 -49.70 23.60
N MET B 557 4.93 -49.10 24.06
CA MET B 557 4.82 -48.61 25.42
C MET B 557 4.13 -49.64 26.30
N GLU B 558 4.02 -49.31 27.59
CA GLU B 558 3.35 -50.18 28.55
C GLU B 558 2.95 -49.39 29.78
N GLY B 559 1.89 -49.83 30.45
CA GLY B 559 1.49 -49.26 31.72
C GLY B 559 0.94 -47.85 31.66
N GLU B 560 1.24 -47.06 32.69
CA GLU B 560 0.73 -45.70 32.76
C GLU B 560 1.16 -44.85 31.57
N HIS B 561 2.38 -45.06 31.09
CA HIS B 561 2.83 -44.34 29.91
C HIS B 561 1.94 -44.64 28.71
N LYS B 562 1.62 -45.92 28.50
CA LYS B 562 0.76 -46.30 27.39
C LYS B 562 -0.63 -45.71 27.56
N LYS B 563 -1.18 -45.77 28.78
CA LYS B 563 -2.52 -45.24 28.98
C LYS B 563 -2.59 -43.74 28.72
N LEU B 564 -1.60 -43.00 29.23
CA LEU B 564 -1.58 -41.55 29.01
C LEU B 564 -1.42 -41.20 27.54
N ALA B 565 -0.53 -41.90 26.84
CA ALA B 565 -0.33 -41.62 25.43
C ALA B 565 -1.61 -41.91 24.64
N GLU B 566 -2.28 -43.02 24.95
CA GLU B 566 -3.51 -43.34 24.23
C GLU B 566 -4.59 -42.30 24.51
N ALA B 567 -4.71 -41.86 25.77
CA ALA B 567 -5.71 -40.85 26.09
C ALA B 567 -5.45 -39.55 25.34
N ILE B 568 -4.18 -39.13 25.28
CA ILE B 568 -3.85 -37.90 24.56
C ILE B 568 -4.16 -38.05 23.08
N PHE B 569 -3.80 -39.19 22.50
CA PHE B 569 -4.03 -39.38 21.07
C PHE B 569 -5.52 -39.40 20.74
N LYS B 570 -6.33 -39.97 21.63
CA LYS B 570 -7.72 -40.22 21.30
C LYS B 570 -8.65 -39.06 21.66
N LEU B 571 -8.46 -38.42 22.81
CA LEU B 571 -9.40 -37.41 23.26
C LEU B 571 -9.10 -36.01 22.75
N THR B 572 -7.88 -35.74 22.30
CA THR B 572 -7.48 -34.39 21.97
C THR B 572 -7.08 -34.21 20.51
N TYR B 573 -6.23 -35.10 19.98
CA TYR B 573 -5.66 -34.87 18.66
C TYR B 573 -6.64 -35.13 17.53
N GLN B 574 -7.71 -35.89 17.77
CA GLN B 574 -8.69 -36.15 16.73
C GLN B 574 -10.12 -35.85 17.20
N ASN B 575 -10.27 -34.95 18.18
CA ASN B 575 -11.55 -34.38 18.57
C ASN B 575 -11.24 -32.99 19.14
N LYS B 576 -11.39 -31.96 18.31
CA LYS B 576 -10.89 -30.64 18.61
C LYS B 576 -12.00 -29.63 18.81
N VAL B 577 -11.78 -28.69 19.73
CA VAL B 577 -12.68 -27.57 19.98
C VAL B 577 -11.87 -26.29 19.87
N VAL B 578 -12.39 -25.31 19.11
CA VAL B 578 -11.63 -24.13 18.73
C VAL B 578 -12.47 -22.88 18.93
N ARG B 579 -11.85 -21.82 19.45
CA ARG B 579 -12.47 -20.51 19.57
C ARG B 579 -11.92 -19.58 18.50
N VAL B 580 -12.82 -18.84 17.82
CA VAL B 580 -12.43 -17.93 16.76
C VAL B 580 -13.37 -16.73 16.77
N GLN B 581 -12.85 -15.58 16.35
CA GLN B 581 -13.56 -14.31 16.39
C GLN B 581 -14.32 -14.06 15.09
N ARG B 582 -15.28 -13.14 15.15
CA ARG B 582 -16.16 -12.87 14.01
C ARG B 582 -16.82 -11.50 14.15
N PRO B 583 -16.67 -10.62 13.16
CA PRO B 583 -17.36 -9.32 13.23
C PRO B 583 -18.85 -9.44 12.98
N THR B 584 -19.61 -8.63 13.69
CA THR B 584 -21.06 -8.66 13.70
C THR B 584 -21.58 -7.23 13.81
N PRO B 585 -22.82 -6.97 13.40
CA PRO B 585 -23.37 -5.61 13.55
C PRO B 585 -23.45 -5.12 14.98
N ARG B 586 -23.48 -6.02 15.97
CA ARG B 586 -23.59 -5.63 17.36
C ARG B 586 -22.24 -5.50 18.06
N GLY B 587 -21.14 -5.71 17.35
CA GLY B 587 -19.82 -5.63 17.95
C GLY B 587 -18.90 -6.72 17.48
N THR B 588 -18.32 -7.46 18.42
CA THR B 588 -17.45 -8.58 18.10
C THR B 588 -17.86 -9.77 18.95
N VAL B 589 -17.96 -10.95 18.34
CA VAL B 589 -18.38 -12.15 19.03
C VAL B 589 -17.34 -13.24 18.83
N MET B 590 -17.37 -14.22 19.73
CA MET B 590 -16.49 -15.38 19.69
C MET B 590 -17.33 -16.63 19.51
N ASP B 591 -17.05 -17.42 18.48
CA ASP B 591 -17.76 -18.67 18.22
C ASP B 591 -16.89 -19.85 18.65
N ILE B 592 -17.55 -20.98 18.91
CA ILE B 592 -16.87 -22.22 19.23
C ILE B 592 -17.33 -23.30 18.25
N ILE B 593 -16.36 -24.01 17.67
CA ILE B 593 -16.61 -24.95 16.60
C ILE B 593 -15.81 -26.23 16.87
N SER B 594 -16.15 -27.28 16.14
CA SER B 594 -15.51 -28.58 16.33
C SER B 594 -15.20 -29.24 14.98
N ARG B 595 -14.23 -30.14 14.99
CA ARG B 595 -13.75 -30.82 13.79
C ARG B 595 -13.00 -32.07 14.22
N ARG B 596 -12.91 -33.05 13.32
CA ARG B 596 -12.26 -34.32 13.62
C ARG B 596 -10.85 -34.42 13.03
N ASP B 597 -10.71 -34.31 11.73
CA ASP B 597 -9.43 -34.51 11.07
C ASP B 597 -8.62 -33.22 11.14
N GLN B 598 -7.59 -33.11 10.29
CA GLN B 598 -6.65 -31.98 10.22
C GLN B 598 -5.70 -31.98 11.40
N ARG B 599 -4.56 -31.29 11.26
CA ARG B 599 -3.47 -31.38 12.22
C ARG B 599 -3.39 -30.10 13.06
N GLY B 600 -3.59 -30.25 14.37
CA GLY B 600 -3.30 -29.19 15.31
C GLY B 600 -2.70 -29.72 16.60
N SER B 601 -1.50 -29.26 16.95
CA SER B 601 -0.81 -29.71 18.15
C SER B 601 0.33 -28.73 18.44
N GLY B 602 1.21 -29.11 19.35
CA GLY B 602 2.41 -28.34 19.61
C GLY B 602 3.35 -28.35 18.42
N GLN B 603 4.32 -27.44 18.45
CA GLN B 603 5.19 -27.24 17.29
C GLN B 603 6.12 -28.43 17.09
N VAL B 604 6.79 -28.88 18.15
CA VAL B 604 7.79 -29.93 18.00
C VAL B 604 7.13 -31.27 17.64
N VAL B 605 6.01 -31.59 18.29
CA VAL B 605 5.28 -32.81 17.96
C VAL B 605 4.81 -32.76 16.52
N THR B 606 4.30 -31.61 16.09
CA THR B 606 3.88 -31.46 14.70
C THR B 606 5.04 -31.69 13.75
N TYR B 607 6.21 -31.14 14.07
CA TYR B 607 7.38 -31.32 13.21
C TYR B 607 7.74 -32.79 13.09
N GLY B 608 7.78 -33.51 14.21
CA GLY B 608 8.12 -34.92 14.17
C GLY B 608 7.13 -35.73 13.35
N LEU B 609 5.83 -35.52 13.59
CA LEU B 609 4.84 -36.31 12.89
C LEU B 609 4.82 -35.98 11.40
N ASN B 610 5.02 -34.71 11.04
CA ASN B 610 5.08 -34.35 9.63
C ASN B 610 6.28 -35.02 8.96
N THR B 611 7.43 -35.06 9.63
CA THR B 611 8.58 -35.75 9.06
C THR B 611 8.27 -37.22 8.81
N PHE B 612 7.64 -37.87 9.79
CA PHE B 612 7.32 -39.29 9.64
C PHE B 612 6.40 -39.53 8.44
N THR B 613 5.32 -38.73 8.34
CA THR B 613 4.37 -38.93 7.25
C THR B 613 5.01 -38.66 5.90
N ASN B 614 5.86 -37.63 5.81
CA ASN B 614 6.54 -37.34 4.55
C ASN B 614 7.43 -38.50 4.13
N MET B 615 8.17 -39.07 5.09
CA MET B 615 9.02 -40.22 4.77
C MET B 615 8.19 -41.38 4.23
N GLU B 616 7.07 -41.67 4.89
CA GLU B 616 6.23 -42.79 4.44
C GLU B 616 5.70 -42.56 3.03
N ALA B 617 5.20 -41.35 2.75
CA ALA B 617 4.65 -41.08 1.43
C ALA B 617 5.71 -41.16 0.35
N GLN B 618 6.92 -40.64 0.63
CA GLN B 618 7.98 -40.72 -0.36
C GLN B 618 8.37 -42.16 -0.64
N LEU B 619 8.41 -43.00 0.41
CA LEU B 619 8.70 -44.40 0.20
C LEU B 619 7.67 -45.07 -0.69
N ILE B 620 6.39 -44.75 -0.47
CA ILE B 620 5.34 -45.35 -1.30
C ILE B 620 5.47 -44.90 -2.75
N ARG B 621 5.77 -43.62 -2.98
CA ARG B 621 5.94 -43.16 -4.36
C ARG B 621 7.12 -43.84 -5.03
N GLN B 622 8.24 -43.99 -4.33
CA GLN B 622 9.37 -44.72 -4.89
C GLN B 622 9.02 -46.16 -5.19
N MET B 623 8.22 -46.78 -4.31
CA MET B 623 7.69 -48.12 -4.59
C MET B 623 6.97 -48.13 -5.93
N GLU B 624 6.04 -47.21 -6.12
CA GLU B 624 5.21 -47.21 -7.32
C GLU B 624 6.01 -46.96 -8.58
N GLY B 625 7.00 -46.07 -8.53
CA GLY B 625 7.79 -45.79 -9.71
C GLY B 625 8.55 -46.99 -10.22
N GLU B 626 9.03 -47.84 -9.30
CA GLU B 626 9.81 -49.01 -9.67
C GLU B 626 8.97 -50.08 -10.33
N GLY B 627 7.64 -50.00 -10.22
CA GLY B 627 6.79 -51.01 -10.82
C GLY B 627 6.60 -52.26 -9.99
N VAL B 628 6.78 -52.18 -8.67
CA VAL B 628 6.54 -53.33 -7.81
C VAL B 628 5.07 -53.73 -7.86
N PHE B 629 4.18 -52.76 -7.76
CA PHE B 629 2.75 -52.98 -7.83
C PHE B 629 2.15 -52.13 -8.95
N LYS B 630 1.01 -52.56 -9.47
CA LYS B 630 0.43 -51.95 -10.67
C LYS B 630 -0.86 -51.21 -10.41
N SER B 631 -1.87 -51.87 -9.85
CA SER B 631 -3.19 -51.29 -9.69
C SER B 631 -3.41 -50.88 -8.25
N ILE B 632 -3.96 -49.68 -8.05
CA ILE B 632 -4.27 -49.20 -6.70
C ILE B 632 -5.73 -49.41 -6.32
N GLN B 633 -6.59 -49.81 -7.26
CA GLN B 633 -7.99 -50.04 -6.93
C GLN B 633 -8.13 -51.18 -5.93
N HIS B 634 -7.37 -52.26 -6.12
CA HIS B 634 -7.40 -53.40 -5.23
C HIS B 634 -6.04 -54.08 -5.26
N LEU B 635 -5.61 -54.55 -4.10
CA LEU B 635 -4.30 -55.18 -3.94
C LEU B 635 -4.48 -56.66 -3.64
N THR B 636 -3.82 -57.51 -4.42
CA THR B 636 -4.00 -58.95 -4.34
C THR B 636 -2.76 -59.60 -3.76
N VAL B 637 -2.87 -60.91 -3.49
CA VAL B 637 -1.74 -61.71 -3.04
C VAL B 637 -0.74 -61.79 -4.18
N THR B 638 0.47 -62.27 -3.88
CA THR B 638 1.66 -62.26 -4.74
C THR B 638 2.14 -60.85 -5.01
N GLU B 639 1.44 -59.82 -4.52
CA GLU B 639 1.93 -58.46 -4.47
C GLU B 639 2.21 -57.99 -3.05
N GLU B 640 1.41 -58.49 -2.09
CA GLU B 640 1.69 -58.21 -0.69
C GLU B 640 3.04 -58.79 -0.28
N ILE B 641 3.33 -60.02 -0.72
CA ILE B 641 4.63 -60.62 -0.43
C ILE B 641 5.74 -59.88 -1.18
N ALA B 642 5.47 -59.48 -2.42
CA ALA B 642 6.46 -58.75 -3.19
C ALA B 642 6.79 -57.41 -2.53
N VAL B 643 5.78 -56.72 -2.01
CA VAL B 643 6.02 -55.45 -1.33
C VAL B 643 6.87 -55.68 -0.08
N LYS B 644 6.53 -56.72 0.70
CA LYS B 644 7.28 -57.00 1.91
C LYS B 644 8.73 -57.39 1.61
N ASN B 645 8.95 -58.15 0.54
CA ASN B 645 10.31 -58.54 0.19
C ASN B 645 11.15 -57.35 -0.26
N TRP B 646 10.53 -56.39 -0.98
CA TRP B 646 11.28 -55.20 -1.40
C TRP B 646 11.75 -54.40 -0.20
N LEU B 647 10.90 -54.25 0.81
CA LEU B 647 11.27 -53.46 1.98
C LEU B 647 12.43 -54.10 2.73
N VAL B 648 12.43 -55.43 2.84
CA VAL B 648 13.50 -56.10 3.57
C VAL B 648 14.82 -56.02 2.79
N ARG B 649 14.78 -56.25 1.48
CA ARG B 649 16.00 -56.38 0.71
C ARG B 649 16.76 -55.07 0.62
N VAL B 650 16.09 -53.99 0.21
CA VAL B 650 16.78 -52.75 -0.12
C VAL B 650 16.12 -51.55 0.55
N GLY B 651 15.41 -51.79 1.65
CA GLY B 651 14.71 -50.70 2.31
C GLY B 651 15.64 -49.64 2.89
N ARG B 652 16.71 -50.07 3.56
CA ARG B 652 17.58 -49.12 4.23
C ARG B 652 18.34 -48.24 3.25
N GLU B 653 18.84 -48.81 2.16
CA GLU B 653 19.63 -48.01 1.23
C GLU B 653 18.78 -47.04 0.44
N ARG B 654 17.48 -47.32 0.28
CA ARG B 654 16.61 -46.38 -0.42
C ARG B 654 16.33 -45.15 0.44
N LEU B 655 16.28 -45.31 1.76
CA LEU B 655 16.09 -44.17 2.65
C LEU B 655 17.27 -43.22 2.66
N SER B 656 18.44 -43.67 2.22
CA SER B 656 19.63 -42.84 2.24
C SER B 656 19.75 -41.97 1.00
N ARG B 657 18.80 -42.03 0.08
CA ARG B 657 18.81 -41.21 -1.12
C ARG B 657 17.99 -39.92 -0.95
N MET B 658 17.43 -39.68 0.23
CA MET B 658 16.53 -38.56 0.45
C MET B 658 17.03 -37.70 1.60
N ALA B 659 16.35 -36.57 1.79
CA ALA B 659 16.66 -35.64 2.89
C ALA B 659 15.41 -34.84 3.19
N ILE B 660 14.75 -35.14 4.30
CA ILE B 660 13.46 -34.55 4.65
C ILE B 660 13.61 -33.81 5.97
N SER B 661 13.45 -32.50 5.94
CA SER B 661 13.49 -31.69 7.17
C SER B 661 12.11 -31.64 7.82
N GLY B 662 11.16 -30.98 7.17
CA GLY B 662 9.80 -30.90 7.65
C GLY B 662 8.84 -31.51 6.66
N ASP B 663 8.12 -30.67 5.93
CA ASP B 663 7.42 -31.08 4.73
C ASP B 663 8.17 -30.71 3.45
N ASP B 664 9.47 -30.46 3.56
CA ASP B 664 10.34 -30.21 2.41
C ASP B 664 11.18 -31.46 2.14
N CYS B 665 11.19 -31.90 0.89
CA CYS B 665 11.85 -33.15 0.52
C CYS B 665 12.71 -32.96 -0.72
N VAL B 666 13.81 -33.71 -0.78
CA VAL B 666 14.66 -33.80 -1.96
C VAL B 666 14.95 -35.27 -2.20
N VAL B 667 14.66 -35.76 -3.41
CA VAL B 667 14.74 -37.18 -3.73
C VAL B 667 15.58 -37.36 -4.98
N LYS B 668 16.48 -38.34 -4.96
CA LYS B 668 17.23 -38.76 -6.15
C LYS B 668 16.89 -40.21 -6.45
N PRO B 669 15.98 -40.47 -7.37
CA PRO B 669 15.52 -41.85 -7.61
C PRO B 669 16.54 -42.64 -8.40
N LEU B 670 16.22 -43.93 -8.59
CA LEU B 670 17.10 -44.80 -9.36
C LEU B 670 16.98 -44.52 -10.85
N ASP B 671 15.79 -44.16 -11.32
CA ASP B 671 15.57 -43.91 -12.73
C ASP B 671 14.50 -42.84 -12.90
N ASP B 672 14.45 -42.27 -14.11
CA ASP B 672 13.53 -41.17 -14.38
C ASP B 672 12.07 -41.59 -14.45
N ARG B 673 11.75 -42.86 -14.21
CA ARG B 673 10.36 -43.26 -14.13
C ARG B 673 9.67 -42.65 -12.93
N PHE B 674 10.44 -42.10 -11.98
CA PHE B 674 9.87 -41.51 -10.77
C PHE B 674 8.99 -40.31 -11.08
N ALA B 675 9.27 -39.60 -12.17
CA ALA B 675 8.53 -38.37 -12.47
C ALA B 675 7.15 -38.64 -13.05
N SER B 676 6.90 -39.85 -13.55
CA SER B 676 5.65 -40.16 -14.24
C SER B 676 4.65 -40.90 -13.35
N ALA B 677 5.00 -41.21 -12.11
CA ALA B 677 4.12 -41.97 -11.22
C ALA B 677 3.45 -40.99 -10.26
N LEU B 678 2.18 -40.68 -10.53
CA LEU B 678 1.46 -39.68 -9.74
C LEU B 678 0.07 -40.16 -9.32
N THR B 679 -0.19 -41.47 -9.40
CA THR B 679 -1.50 -41.95 -9.01
C THR B 679 -1.64 -42.01 -7.50
N ALA B 680 -0.70 -42.68 -6.82
CA ALA B 680 -0.76 -42.81 -5.38
C ALA B 680 -0.63 -41.46 -4.69
N LEU B 681 0.25 -40.60 -5.19
CA LEU B 681 0.43 -39.29 -4.58
C LEU B 681 -0.85 -38.47 -4.63
N ASN B 682 -1.54 -38.48 -5.77
CA ASN B 682 -2.80 -37.76 -5.86
C ASN B 682 -3.90 -38.42 -5.07
N ASP B 683 -3.83 -39.75 -4.90
CA ASP B 683 -4.90 -40.43 -4.19
C ASP B 683 -4.97 -40.05 -2.71
N MET B 684 -3.81 -39.94 -2.06
CA MET B 684 -3.81 -39.62 -0.63
C MET B 684 -4.22 -38.18 -0.36
N GLY B 685 -4.28 -37.33 -1.38
CA GLY B 685 -4.64 -35.94 -1.21
C GLY B 685 -3.48 -34.98 -1.23
N LYS B 686 -2.24 -35.47 -1.27
CA LYS B 686 -1.07 -34.59 -1.30
C LYS B 686 -0.90 -33.99 -2.68
N VAL B 687 -1.76 -33.06 -3.05
CA VAL B 687 -1.73 -32.46 -4.38
C VAL B 687 -0.58 -31.46 -4.46
N ARG B 688 0.19 -31.52 -5.54
CA ARG B 688 1.30 -30.61 -5.72
C ARG B 688 0.80 -29.19 -5.96
N LYS B 689 1.74 -28.24 -5.96
CA LYS B 689 1.43 -26.82 -6.01
C LYS B 689 1.92 -26.23 -7.32
N ASP B 690 1.04 -25.45 -7.97
CA ASP B 690 1.33 -24.71 -9.19
C ASP B 690 1.84 -25.70 -10.26
N ILE B 691 0.91 -26.56 -10.65
CA ILE B 691 1.13 -27.55 -11.70
C ILE B 691 -0.20 -28.17 -12.09
N GLN B 692 -0.29 -28.68 -13.30
CA GLN B 692 -1.46 -29.43 -13.71
C GLN B 692 -1.47 -30.79 -13.00
N GLN B 693 -2.68 -31.33 -12.80
CA GLN B 693 -2.83 -32.52 -11.97
C GLN B 693 -2.04 -33.70 -12.53
N TRP B 694 -2.07 -33.89 -13.86
CA TRP B 694 -1.39 -35.02 -14.49
C TRP B 694 -0.15 -34.60 -15.25
N GLU B 695 0.37 -33.42 -14.98
CA GLU B 695 1.60 -32.96 -15.64
C GLU B 695 2.81 -33.62 -14.99
N PRO B 696 3.71 -34.22 -15.77
CA PRO B 696 4.93 -34.78 -15.19
C PRO B 696 5.79 -33.71 -14.55
N SER B 697 6.54 -34.11 -13.52
CA SER B 697 7.34 -33.18 -12.73
C SER B 697 8.61 -32.78 -13.50
N ARG B 698 9.36 -31.87 -12.88
CA ARG B 698 10.58 -31.30 -13.51
C ARG B 698 11.79 -31.48 -12.61
N GLY B 699 12.91 -31.93 -13.14
CA GLY B 699 14.12 -32.19 -12.40
C GLY B 699 15.24 -31.20 -12.68
N TRP B 700 16.33 -31.40 -11.94
N TRP B 700 16.34 -31.40 -11.95
CA TRP B 700 17.52 -30.58 -12.04
CA TRP B 700 17.52 -30.56 -12.07
C TRP B 700 18.74 -31.47 -12.22
C TRP B 700 18.75 -31.44 -12.21
N ASN B 701 19.70 -31.00 -13.02
CA ASN B 701 20.94 -31.72 -13.24
C ASN B 701 22.11 -31.18 -12.44
N ASP B 702 21.89 -30.17 -11.61
CA ASP B 702 22.95 -29.54 -10.83
C ASP B 702 22.49 -29.38 -9.39
N TRP B 703 23.37 -29.69 -8.44
CA TRP B 703 22.99 -29.63 -7.05
C TRP B 703 23.05 -28.24 -6.46
N THR B 704 23.62 -27.27 -7.16
CA THR B 704 23.70 -25.90 -6.67
C THR B 704 22.44 -25.09 -6.97
N GLN B 705 21.46 -25.68 -7.65
CA GLN B 705 20.22 -25.00 -7.99
C GLN B 705 19.01 -25.53 -7.22
N VAL B 706 19.11 -26.68 -6.58
CA VAL B 706 17.96 -27.30 -5.93
C VAL B 706 17.61 -26.50 -4.68
N PRO B 707 16.38 -26.02 -4.55
CA PRO B 707 16.00 -25.30 -3.33
C PRO B 707 15.66 -26.26 -2.20
N PHE B 708 15.99 -25.83 -0.99
CA PHE B 708 15.72 -26.64 0.20
C PHE B 708 15.67 -25.70 1.40
N CYS B 709 14.55 -25.72 2.11
CA CYS B 709 14.32 -24.80 3.23
C CYS B 709 14.47 -23.35 2.80
N SER B 710 13.99 -23.05 1.60
CA SER B 710 14.03 -21.70 1.04
C SER B 710 15.46 -21.17 0.94
N HIS B 711 16.35 -22.00 0.39
CA HIS B 711 17.75 -21.61 0.25
C HIS B 711 18.33 -22.30 -0.98
N HIS B 712 19.38 -21.68 -1.54
CA HIS B 712 20.20 -22.30 -2.57
C HIS B 712 21.65 -22.16 -2.14
N PHE B 713 22.43 -23.22 -2.35
CA PHE B 713 23.75 -23.34 -1.74
C PHE B 713 24.84 -23.15 -2.80
N HIS B 714 25.54 -22.01 -2.74
CA HIS B 714 26.70 -21.81 -3.57
C HIS B 714 27.91 -22.53 -2.97
N GLU B 715 29.02 -22.52 -3.71
CA GLU B 715 30.29 -23.01 -3.21
C GLU B 715 31.36 -21.97 -3.43
N LEU B 716 32.35 -21.93 -2.55
CA LEU B 716 33.31 -20.85 -2.49
C LEU B 716 34.73 -21.40 -2.37
N ILE B 717 35.69 -20.64 -2.88
CA ILE B 717 37.10 -21.02 -2.86
C ILE B 717 37.88 -19.94 -2.12
N MET B 718 38.64 -20.35 -1.10
CA MET B 718 39.44 -19.42 -0.33
C MET B 718 40.71 -19.06 -1.10
N LYS B 719 41.53 -18.21 -0.48
CA LYS B 719 42.78 -17.78 -1.12
C LYS B 719 43.78 -18.93 -1.18
N ASP B 720 43.96 -19.67 -0.09
CA ASP B 720 44.95 -20.73 -0.04
C ASP B 720 44.55 -21.98 -0.83
N GLY B 721 43.25 -22.23 -1.00
CA GLY B 721 42.78 -23.36 -1.80
C GLY B 721 41.66 -24.17 -1.17
N ARG B 722 41.36 -24.02 0.11
CA ARG B 722 40.27 -24.76 0.71
C ARG B 722 38.93 -24.29 0.16
N VAL B 723 37.94 -25.18 0.18
CA VAL B 723 36.65 -24.96 -0.44
C VAL B 723 35.57 -25.09 0.63
N LEU B 724 34.66 -24.12 0.68
CA LEU B 724 33.53 -24.16 1.60
C LEU B 724 32.22 -24.16 0.81
N VAL B 725 31.14 -24.52 1.52
CA VAL B 725 29.80 -24.46 0.98
C VAL B 725 28.97 -23.56 1.88
N VAL B 726 28.30 -22.57 1.29
CA VAL B 726 27.65 -21.53 2.08
C VAL B 726 26.20 -21.34 1.64
N PRO B 727 25.30 -20.99 2.55
CA PRO B 727 23.91 -20.75 2.16
C PRO B 727 23.71 -19.39 1.51
N CYS B 728 22.54 -19.20 0.91
CA CYS B 728 22.26 -17.97 0.19
C CYS B 728 20.76 -17.79 0.04
N ARG B 729 20.32 -16.54 -0.04
CA ARG B 729 18.92 -16.20 -0.28
C ARG B 729 18.81 -14.95 -1.14
N ASN B 730 17.59 -14.48 -1.36
CA ASN B 730 17.36 -13.23 -2.06
C ASN B 730 17.47 -12.09 -1.06
N GLN B 731 18.41 -11.17 -1.29
CA GLN B 731 18.77 -10.18 -0.28
C GLN B 731 17.59 -9.32 0.14
N ASP B 732 16.64 -9.09 -0.78
CA ASP B 732 15.49 -8.26 -0.47
C ASP B 732 14.69 -8.85 0.69
N GLU B 733 14.50 -10.17 0.68
CA GLU B 733 13.73 -10.80 1.74
C GLU B 733 14.40 -10.63 3.09
N LEU B 734 15.73 -10.83 3.14
CA LEU B 734 16.46 -10.67 4.39
C LEU B 734 16.36 -9.25 4.91
N ILE B 735 16.60 -8.26 4.03
CA ILE B 735 16.55 -6.88 4.48
C ILE B 735 15.14 -6.51 4.95
N GLY B 736 14.12 -6.93 4.20
CA GLY B 736 12.76 -6.62 4.57
C GLY B 736 12.29 -7.27 5.84
N ARG B 737 12.76 -8.47 6.14
CA ARG B 737 12.45 -9.12 7.40
C ARG B 737 13.23 -8.53 8.57
N ALA B 738 14.44 -8.03 8.33
CA ALA B 738 15.21 -7.41 9.39
C ALA B 738 14.59 -6.12 9.93
N ARG B 739 13.62 -5.55 9.22
CA ARG B 739 13.01 -4.31 9.67
C ARG B 739 11.82 -4.52 10.59
N ILE B 740 11.39 -5.75 10.81
CA ILE B 740 10.12 -6.03 11.50
C ILE B 740 10.39 -6.41 12.94
N SER B 741 9.72 -5.73 13.86
CA SER B 741 9.76 -6.06 15.27
C SER B 741 8.54 -6.90 15.65
N GLN B 742 8.80 -7.99 16.38
CA GLN B 742 7.76 -8.95 16.71
C GLN B 742 6.71 -8.41 17.66
N GLY B 743 6.94 -7.24 18.26
CA GLY B 743 5.96 -6.66 19.15
C GLY B 743 6.30 -6.72 20.62
N ALA B 744 7.51 -7.16 20.97
CA ALA B 744 7.96 -7.22 22.36
C ALA B 744 8.84 -6.03 22.73
N GLY B 745 8.51 -4.85 22.19
CA GLY B 745 9.36 -3.67 22.36
C GLY B 745 8.87 -2.69 23.40
N TRP B 746 8.20 -1.62 22.95
CA TRP B 746 7.78 -0.52 23.80
C TRP B 746 8.96 0.06 24.59
N SER B 747 10.15 -0.02 24.00
CA SER B 747 11.36 0.41 24.68
C SER B 747 12.46 0.59 23.66
N LEU B 748 13.52 1.26 24.07
CA LEU B 748 14.71 1.40 23.24
C LEU B 748 15.65 0.22 23.42
N ARG B 749 15.82 -0.24 24.65
CA ARG B 749 16.75 -1.31 24.93
C ARG B 749 16.33 -2.60 24.24
N GLU B 750 15.03 -2.92 24.26
CA GLU B 750 14.55 -4.15 23.64
C GLU B 750 14.86 -4.18 22.15
N THR B 751 14.44 -3.13 21.43
CA THR B 751 14.63 -3.11 19.99
C THR B 751 16.11 -3.01 19.61
N ALA B 752 16.89 -2.26 20.38
CA ALA B 752 18.32 -2.20 20.11
C ALA B 752 18.97 -3.56 20.29
N CYS B 753 18.59 -4.28 21.35
CA CYS B 753 19.15 -5.60 21.59
C CYS B 753 18.74 -6.58 20.48
N LEU B 754 17.49 -6.51 20.03
CA LEU B 754 17.05 -7.39 18.95
C LEU B 754 17.82 -7.11 17.66
N GLY B 755 17.98 -5.83 17.33
CA GLY B 755 18.73 -5.47 16.14
C GLY B 755 20.16 -5.98 16.21
N LYS B 756 20.82 -5.76 17.36
CA LYS B 756 22.17 -6.29 17.52
C LYS B 756 22.19 -7.81 17.53
N SER B 757 21.09 -8.45 17.94
CA SER B 757 21.07 -9.91 18.05
C SER B 757 21.07 -10.56 16.68
N TYR B 758 20.21 -10.08 15.78
CA TYR B 758 20.21 -10.64 14.43
C TYR B 758 20.91 -9.75 13.41
N ALA B 759 21.76 -8.85 13.88
CA ALA B 759 22.80 -8.29 13.04
C ALA B 759 24.07 -9.12 13.03
N GLN B 760 24.13 -10.19 13.85
CA GLN B 760 25.25 -11.10 13.85
C GLN B 760 25.00 -12.37 13.04
N MET B 761 23.74 -12.71 12.79
CA MET B 761 23.42 -13.74 11.80
C MET B 761 24.10 -13.43 10.48
N TRP B 762 24.06 -12.16 10.08
CA TRP B 762 24.66 -11.75 8.81
C TRP B 762 26.18 -11.85 8.83
N SER B 763 26.80 -11.59 9.97
CA SER B 763 28.25 -11.72 10.10
C SER B 763 28.71 -13.16 10.22
N LEU B 764 27.82 -14.09 10.58
CA LEU B 764 28.20 -15.48 10.74
C LEU B 764 27.87 -16.32 9.50
N MET B 765 26.64 -16.24 9.00
CA MET B 765 26.21 -17.09 7.90
C MET B 765 26.32 -16.40 6.54
N TYR B 766 25.82 -15.17 6.42
CA TYR B 766 25.75 -14.47 5.15
C TYR B 766 26.91 -13.49 4.99
N PHE B 767 28.09 -13.85 5.49
CA PHE B 767 29.24 -12.98 5.45
C PHE B 767 29.81 -12.80 4.05
N HIS B 768 29.45 -13.65 3.10
CA HIS B 768 30.17 -13.73 1.83
C HIS B 768 29.70 -12.73 0.78
N ARG B 769 28.77 -11.85 1.11
CA ARG B 769 28.26 -10.90 0.14
C ARG B 769 28.53 -9.48 0.58
N ARG B 770 28.81 -8.63 -0.42
CA ARG B 770 29.33 -7.28 -0.15
C ARG B 770 28.33 -6.44 0.61
N ASP B 771 27.08 -6.43 0.17
CA ASP B 771 26.13 -5.44 0.64
C ASP B 771 25.58 -5.73 2.03
N LEU B 772 25.82 -6.93 2.57
CA LEU B 772 25.32 -7.28 3.88
C LEU B 772 26.39 -7.29 4.96
N ARG B 773 27.66 -7.40 4.59
CA ARG B 773 28.73 -7.32 5.58
C ARG B 773 29.05 -5.90 6.00
N LEU B 774 28.75 -4.91 5.15
CA LEU B 774 28.94 -3.52 5.52
C LEU B 774 27.82 -2.98 6.40
N ALA B 775 26.59 -3.44 6.18
CA ALA B 775 25.45 -3.00 6.97
C ALA B 775 25.39 -3.67 8.33
N ALA B 776 26.24 -4.66 8.59
CA ALA B 776 26.28 -5.31 9.89
C ALA B 776 27.30 -4.71 10.84
N ASN B 777 28.35 -4.06 10.32
CA ASN B 777 29.29 -3.38 11.20
C ASN B 777 28.69 -2.10 11.75
N ALA B 778 27.94 -1.37 10.95
CA ALA B 778 27.38 -0.10 11.40
C ALA B 778 26.39 -0.29 12.54
N ILE B 779 25.50 -1.28 12.42
CA ILE B 779 24.48 -1.48 13.44
C ILE B 779 25.10 -1.89 14.76
N CYS B 780 26.15 -2.73 14.72
CA CYS B 780 26.84 -3.11 15.94
C CYS B 780 27.72 -1.98 16.47
N SER B 781 28.13 -1.03 15.63
CA SER B 781 28.84 0.14 16.11
C SER B 781 27.90 1.21 16.64
N ALA B 782 26.61 1.10 16.38
CA ALA B 782 25.65 2.11 16.84
C ALA B 782 25.07 1.82 18.21
N VAL B 783 24.82 0.56 18.55
CA VAL B 783 24.30 0.22 19.87
C VAL B 783 25.41 0.44 20.89
N PRO B 784 25.09 0.74 22.15
CA PRO B 784 26.13 1.06 23.13
C PRO B 784 26.91 -0.15 23.64
N SER B 785 26.79 -1.30 22.99
CA SER B 785 27.47 -2.52 23.42
C SER B 785 27.06 -2.88 24.84
N HIS B 786 27.79 -3.82 25.45
CA HIS B 786 27.62 -4.15 26.87
C HIS B 786 26.24 -4.69 27.18
N TRP B 787 25.39 -4.83 26.17
CA TRP B 787 24.03 -5.35 26.34
C TRP B 787 23.94 -6.72 25.71
N VAL B 788 23.43 -7.69 26.47
CA VAL B 788 23.32 -9.06 25.97
C VAL B 788 22.24 -9.10 24.88
N PRO B 789 22.54 -9.65 23.72
CA PRO B 789 21.56 -9.74 22.63
C PRO B 789 20.68 -10.97 22.73
N THR B 790 19.73 -10.94 23.66
CA THR B 790 18.86 -12.08 23.95
C THR B 790 17.47 -11.81 23.39
N SER B 791 17.14 -12.48 22.28
CA SER B 791 15.81 -12.42 21.68
C SER B 791 15.70 -13.45 20.56
N ARG B 792 14.57 -14.13 20.47
CA ARG B 792 14.33 -15.08 19.38
C ARG B 792 14.34 -14.33 18.04
N THR B 793 15.25 -14.69 17.15
CA THR B 793 15.42 -13.92 15.92
C THR B 793 14.63 -14.53 14.76
N THR B 794 14.99 -15.74 14.35
CA THR B 794 14.38 -16.40 13.20
C THR B 794 14.85 -17.84 13.10
N TRP B 795 14.40 -18.55 12.07
CA TRP B 795 14.76 -19.95 11.87
C TRP B 795 14.50 -20.76 13.14
N SER B 796 13.25 -20.82 13.57
CA SER B 796 12.91 -21.50 14.82
C SER B 796 13.25 -22.98 14.74
N ILE B 797 13.01 -23.62 13.60
CA ILE B 797 13.26 -25.05 13.48
C ILE B 797 14.73 -25.40 13.51
N HIS B 798 15.61 -24.53 13.00
CA HIS B 798 17.04 -24.81 13.05
C HIS B 798 17.55 -24.58 14.47
N ALA B 799 17.87 -25.68 15.16
CA ALA B 799 18.24 -25.64 16.56
C ALA B 799 19.74 -25.35 16.67
N THR B 800 20.15 -24.15 16.28
CA THR B 800 21.53 -23.74 16.47
C THR B 800 21.62 -22.59 17.46
N HIS B 801 20.99 -21.45 17.10
CA HIS B 801 20.96 -20.25 17.94
C HIS B 801 22.29 -20.01 18.64
N GLU B 802 23.38 -20.04 17.88
CA GLU B 802 24.72 -20.06 18.45
C GLU B 802 25.44 -18.73 18.29
N TRP B 803 24.91 -17.83 17.46
CA TRP B 803 25.48 -16.52 17.26
C TRP B 803 25.10 -15.54 18.37
N MET B 804 24.56 -16.04 19.47
CA MET B 804 24.10 -15.19 20.58
C MET B 804 25.16 -15.01 21.65
N THR B 805 26.38 -15.48 21.43
CA THR B 805 27.43 -15.31 22.43
C THR B 805 27.90 -13.86 22.48
N THR B 806 28.77 -13.57 23.44
CA THR B 806 29.18 -12.19 23.66
C THR B 806 30.54 -11.87 23.06
N GLU B 807 31.45 -12.85 22.98
CA GLU B 807 32.81 -12.54 22.57
C GLU B 807 32.86 -12.16 21.09
N ASP B 808 34.06 -11.80 20.65
CA ASP B 808 34.25 -11.26 19.31
C ASP B 808 33.93 -12.30 18.24
N MET B 809 33.50 -11.81 17.08
CA MET B 809 33.00 -12.69 16.03
C MET B 809 34.08 -13.47 15.29
N LEU B 810 35.32 -12.98 15.28
CA LEU B 810 36.37 -13.72 14.58
C LEU B 810 36.65 -15.07 15.22
N THR B 811 36.72 -15.14 16.54
CA THR B 811 36.92 -16.40 17.23
C THR B 811 35.79 -17.37 16.98
N VAL B 812 34.56 -16.88 16.99
CA VAL B 812 33.40 -17.73 16.71
C VAL B 812 33.47 -18.26 15.28
N TRP B 813 33.85 -17.41 14.33
CA TRP B 813 33.96 -17.85 12.95
C TRP B 813 35.00 -18.95 12.80
N ASN B 814 36.17 -18.76 13.42
CA ASN B 814 37.20 -19.79 13.35
C ASN B 814 36.73 -21.08 14.00
N ARG B 815 36.03 -20.98 15.13
CA ARG B 815 35.54 -22.17 15.80
C ARG B 815 34.48 -22.91 15.01
N VAL B 816 33.64 -22.19 14.27
CA VAL B 816 32.55 -22.84 13.55
C VAL B 816 33.00 -23.39 12.22
N TRP B 817 33.75 -22.63 11.42
CA TRP B 817 34.00 -23.02 10.05
C TRP B 817 35.29 -23.82 9.86
N ILE B 818 36.08 -24.05 10.91
CA ILE B 818 37.33 -24.78 10.74
C ILE B 818 37.43 -26.00 11.64
N GLN B 819 37.42 -25.79 12.96
CA GLN B 819 37.72 -26.89 13.87
C GLN B 819 36.56 -27.86 14.03
N GLU B 820 35.32 -27.37 14.02
CA GLU B 820 34.14 -28.23 14.13
C GLU B 820 33.54 -28.54 12.77
N ASN B 821 34.37 -28.65 11.74
CA ASN B 821 33.92 -28.97 10.40
C ASN B 821 34.50 -30.32 10.00
N PRO B 822 33.72 -31.41 10.09
CA PRO B 822 34.27 -32.72 9.75
C PRO B 822 34.75 -32.83 8.33
N TRP B 823 34.17 -32.06 7.41
CA TRP B 823 34.54 -32.15 6.00
C TRP B 823 35.78 -31.34 5.65
N MET B 824 36.37 -30.62 6.60
CA MET B 824 37.60 -29.88 6.37
C MET B 824 38.80 -30.66 6.92
N GLU B 825 39.83 -30.79 6.10
CA GLU B 825 40.95 -31.68 6.39
C GLU B 825 42.04 -31.01 7.21
N ASP B 826 42.58 -29.89 6.73
CA ASP B 826 43.60 -29.17 7.48
C ASP B 826 42.94 -28.07 8.31
N LYS B 827 43.56 -27.78 9.45
CA LYS B 827 42.94 -26.91 10.46
C LYS B 827 43.80 -25.67 10.73
N THR B 828 44.43 -25.15 9.71
CA THR B 828 45.20 -23.92 9.86
C THR B 828 44.26 -22.72 9.95
N PRO B 829 44.34 -21.92 11.01
CA PRO B 829 43.35 -20.86 11.21
C PRO B 829 43.69 -19.56 10.50
N VAL B 830 42.73 -18.64 10.46
CA VAL B 830 42.92 -17.31 9.90
C VAL B 830 42.90 -16.30 11.03
N GLU B 831 43.42 -15.10 10.76
CA GLU B 831 43.63 -14.11 11.80
C GLU B 831 43.16 -12.71 11.41
N SER B 832 42.32 -12.60 10.38
CA SER B 832 41.84 -11.28 9.97
C SER B 832 40.53 -11.45 9.21
N TRP B 833 39.82 -10.34 9.05
CA TRP B 833 38.58 -10.33 8.29
C TRP B 833 38.79 -10.11 6.81
N GLU B 834 40.04 -10.04 6.35
CA GLU B 834 40.28 -9.80 4.94
C GLU B 834 40.50 -11.11 4.18
N GLU B 835 40.97 -12.17 4.85
CA GLU B 835 41.19 -13.43 4.16
C GLU B 835 39.90 -14.06 3.65
N ILE B 836 38.77 -13.74 4.26
CA ILE B 836 37.49 -14.31 3.82
C ILE B 836 37.11 -13.69 2.48
N PRO B 837 36.83 -14.49 1.45
CA PRO B 837 36.54 -13.94 0.12
C PRO B 837 35.09 -13.56 -0.06
N TYR B 838 34.76 -13.07 -1.26
CA TYR B 838 33.42 -12.61 -1.59
C TYR B 838 32.77 -13.53 -2.62
N LEU B 839 31.50 -13.24 -2.89
CA LEU B 839 30.68 -14.08 -3.79
C LEU B 839 30.79 -13.58 -5.23
N GLY B 840 32.03 -13.63 -5.73
CA GLY B 840 32.22 -13.21 -7.11
C GLY B 840 31.89 -11.75 -7.32
N LYS B 841 31.49 -11.42 -8.53
CA LYS B 841 31.12 -10.04 -8.83
C LYS B 841 29.73 -9.91 -9.43
N ARG B 842 29.37 -10.77 -10.36
CA ARG B 842 28.06 -10.71 -11.00
C ARG B 842 27.03 -11.59 -10.30
N GLU B 843 27.48 -12.66 -9.66
CA GLU B 843 26.55 -13.48 -8.89
C GLU B 843 25.93 -12.69 -7.75
N ASP B 844 26.67 -11.72 -7.20
CA ASP B 844 26.11 -10.86 -6.16
C ASP B 844 24.96 -10.03 -6.69
N GLN B 845 25.10 -9.46 -7.89
CA GLN B 845 24.01 -8.71 -8.48
C GLN B 845 22.86 -9.63 -8.87
N TRP B 846 23.17 -10.87 -9.25
CA TRP B 846 22.12 -11.81 -9.63
C TRP B 846 21.18 -12.10 -8.47
N CYS B 847 21.72 -12.24 -7.27
CA CYS B 847 20.92 -12.60 -6.11
C CYS B 847 20.29 -11.39 -5.43
N GLY B 848 20.58 -10.17 -5.88
CA GLY B 848 19.84 -9.02 -5.40
C GLY B 848 20.64 -7.86 -4.85
N SER B 849 21.93 -7.77 -5.16
CA SER B 849 22.74 -6.67 -4.65
C SER B 849 22.41 -5.38 -5.41
N LEU B 850 23.03 -4.28 -4.98
CA LEU B 850 22.80 -2.97 -5.57
C LEU B 850 24.12 -2.34 -6.00
N ILE B 851 24.97 -3.12 -6.65
CA ILE B 851 26.29 -2.66 -7.07
C ILE B 851 26.49 -2.99 -8.53
N GLY B 852 27.34 -2.20 -9.20
CA GLY B 852 27.73 -2.50 -10.57
C GLY B 852 27.47 -1.39 -11.57
N LEU B 853 26.34 -0.71 -11.44
CA LEU B 853 26.00 0.43 -12.29
C LEU B 853 25.09 1.37 -11.50
N THR B 854 24.38 2.26 -12.21
CA THR B 854 23.73 3.45 -11.67
C THR B 854 23.09 3.22 -10.29
N SER B 855 22.57 2.01 -10.05
CA SER B 855 22.14 1.68 -8.70
C SER B 855 23.27 1.90 -7.70
N ARG B 856 24.52 1.66 -8.10
CA ARG B 856 25.62 2.01 -7.21
C ARG B 856 25.77 3.53 -7.13
N ALA B 857 25.47 4.24 -8.21
CA ALA B 857 25.50 5.71 -8.15
C ALA B 857 24.48 6.25 -7.16
N THR B 858 23.44 5.48 -6.88
CA THR B 858 22.48 5.86 -5.83
C THR B 858 22.91 5.37 -4.45
N TRP B 859 23.41 4.13 -4.36
CA TRP B 859 23.74 3.55 -3.07
C TRP B 859 24.98 4.22 -2.48
N ALA B 860 26.02 4.48 -3.29
CA ALA B 860 27.29 4.98 -2.80
C ALA B 860 27.15 6.24 -1.95
N LYS B 861 25.97 6.85 -1.93
CA LYS B 861 25.68 7.85 -0.91
C LYS B 861 25.60 7.21 0.47
N ASN B 862 25.14 5.96 0.55
CA ASN B 862 25.02 5.28 1.85
C ASN B 862 26.39 5.16 2.51
N ILE B 863 27.39 4.72 1.75
CA ILE B 863 28.72 4.47 2.30
C ILE B 863 29.39 5.81 2.55
N GLN B 864 30.40 5.82 3.44
CA GLN B 864 31.15 6.98 3.91
C GLN B 864 30.30 8.22 4.16
N THR B 865 29.60 8.71 3.15
CA THR B 865 28.87 9.97 3.28
C THR B 865 27.79 9.87 4.35
N ALA B 866 27.06 8.77 4.37
CA ALA B 866 25.92 8.64 5.25
C ALA B 866 26.18 7.83 6.51
N ILE B 867 27.05 6.83 6.45
CA ILE B 867 27.26 5.94 7.59
C ILE B 867 27.89 6.70 8.76
N ASN B 868 28.98 7.43 8.48
CA ASN B 868 29.72 8.12 9.51
C ASN B 868 28.92 9.24 10.16
N GLN B 869 27.82 9.65 9.54
CA GLN B 869 27.01 10.72 10.06
C GLN B 869 25.74 10.19 10.71
N VAL B 870 25.22 9.06 10.23
CA VAL B 870 24.05 8.49 10.89
C VAL B 870 24.43 7.88 12.23
N ARG B 871 25.63 7.28 12.32
CA ARG B 871 26.01 6.71 13.62
C ARG B 871 25.97 7.77 14.70
N SER B 872 26.33 9.01 14.36
CA SER B 872 26.13 10.11 15.29
C SER B 872 24.67 10.55 15.36
N LEU B 873 23.91 10.35 14.28
CA LEU B 873 22.48 10.66 14.34
C LEU B 873 21.73 9.77 15.32
N ILE B 874 22.34 8.68 15.78
CA ILE B 874 21.69 7.86 16.81
C ILE B 874 21.33 8.69 18.03
N GLY B 875 22.15 9.69 18.36
CA GLY B 875 21.75 10.64 19.39
C GLY B 875 22.47 10.46 20.71
N ASN B 876 21.78 10.79 21.81
CA ASN B 876 22.40 10.73 23.13
C ASN B 876 22.73 9.30 23.55
N GLU B 877 22.18 8.30 22.86
CA GLU B 877 22.50 6.91 23.13
C GLU B 877 23.94 6.62 22.69
N GLU B 878 24.79 6.23 23.64
CA GLU B 878 26.22 6.06 23.40
C GLU B 878 26.48 4.85 22.50
N TYR B 879 27.76 4.65 22.17
CA TYR B 879 28.17 3.52 21.33
C TYR B 879 29.69 3.36 21.42
N THR B 880 30.22 2.49 20.57
CA THR B 880 31.65 2.19 20.52
C THR B 880 31.99 1.66 19.13
N ASP B 881 33.10 2.14 18.57
CA ASP B 881 33.45 1.83 17.20
C ASP B 881 33.80 0.36 17.02
N TYR B 882 33.47 -0.18 15.84
CA TYR B 882 33.79 -1.56 15.47
C TYR B 882 34.30 -1.69 14.05
N MET B 883 34.36 -0.60 13.30
CA MET B 883 34.77 -0.69 11.89
C MET B 883 35.94 0.24 11.59
ZN ZN C . 22.67 -16.90 -4.44
ZN ZN D . -7.68 -32.46 29.77
#